data_3D3T
# 
_entry.id   3D3T 
# 
_audit_conform.dict_name       mmcif_pdbx.dic 
_audit_conform.dict_version    5.387 
_audit_conform.dict_location   http://mmcif.pdb.org/dictionaries/ascii/mmcif_pdbx.dic 
# 
loop_
_database_2.database_id 
_database_2.database_code 
_database_2.pdbx_database_accession 
_database_2.pdbx_DOI 
PDB   3D3T         pdb_00003d3t 10.2210/pdb3d3t/pdb 
RCSB  RCSB047556   ?            ?                   
WWPDB D_1000047556 ?            ?                   
# 
loop_
_pdbx_audit_revision_history.ordinal 
_pdbx_audit_revision_history.data_content_type 
_pdbx_audit_revision_history.major_revision 
_pdbx_audit_revision_history.minor_revision 
_pdbx_audit_revision_history.revision_date 
1 'Structure model' 1 0 2008-07-08 
2 'Structure model' 1 1 2011-07-13 
3 'Structure model' 1 2 2017-10-25 
4 'Structure model' 1 3 2021-10-20 
5 'Structure model' 1 4 2024-02-21 
# 
_pdbx_audit_revision_details.ordinal             1 
_pdbx_audit_revision_details.revision_ordinal    1 
_pdbx_audit_revision_details.data_content_type   'Structure model' 
_pdbx_audit_revision_details.provider            repository 
_pdbx_audit_revision_details.type                'Initial release' 
_pdbx_audit_revision_details.description         ? 
_pdbx_audit_revision_details.details             ? 
# 
loop_
_pdbx_audit_revision_group.ordinal 
_pdbx_audit_revision_group.revision_ordinal 
_pdbx_audit_revision_group.data_content_type 
_pdbx_audit_revision_group.group 
1 2 'Structure model' Advisory                    
2 2 'Structure model' 'Version format compliance' 
3 3 'Structure model' 'Refinement description'    
4 4 'Structure model' 'Database references'       
5 5 'Structure model' 'Data collection'           
# 
loop_
_pdbx_audit_revision_category.ordinal 
_pdbx_audit_revision_category.revision_ordinal 
_pdbx_audit_revision_category.data_content_type 
_pdbx_audit_revision_category.category 
1 3 'Structure model' software           
2 4 'Structure model' database_2         
3 4 'Structure model' struct_ref_seq_dif 
4 5 'Structure model' chem_comp_atom     
5 5 'Structure model' chem_comp_bond     
# 
loop_
_pdbx_audit_revision_item.ordinal 
_pdbx_audit_revision_item.revision_ordinal 
_pdbx_audit_revision_item.data_content_type 
_pdbx_audit_revision_item.item 
1 4 'Structure model' '_database_2.pdbx_DOI'                
2 4 'Structure model' '_database_2.pdbx_database_accession' 
3 4 'Structure model' '_struct_ref_seq_dif.details'         
# 
_pdbx_database_status.entry_id                        3D3T 
_pdbx_database_status.deposit_site                    RCSB 
_pdbx_database_status.process_site                    RCSB 
_pdbx_database_status.recvd_initial_deposition_date   2008-05-12 
_pdbx_database_status.status_code                     REL 
_pdbx_database_status.status_code_sf                  REL 
_pdbx_database_status.status_code_mr                  ? 
_pdbx_database_status.SG_entry                        ? 
_pdbx_database_status.pdb_format_compatible           Y 
_pdbx_database_status.status_code_cs                  ? 
_pdbx_database_status.methods_development_category    ? 
_pdbx_database_status.status_code_nmr_data            ? 
# 
loop_
_audit_author.name 
_audit_author.pdbx_ordinal 
'Bandaranayake, R.M.' 1 
'Prabu-Jeyabalan, M.' 2 
'Kakizawa, J.'        3 
'Sugiura, W.'         4 
'Schiffer, C.A.'      5 
# 
_citation.id                        primary 
_citation.title                     
'Structural analysis of human immunodeficiency virus type 1 CRF01_AE protease in complex with the substrate p1-p6.' 
_citation.journal_abbrev            J.Virol. 
_citation.journal_volume            82 
_citation.page_first                6762 
_citation.page_last                 6766 
_citation.year                      2008 
_citation.journal_id_ASTM           JOVIAM 
_citation.country                   US 
_citation.journal_id_ISSN           0022-538X 
_citation.journal_id_CSD            0825 
_citation.book_publisher            ? 
_citation.pdbx_database_id_PubMed   18434392 
_citation.pdbx_database_id_DOI      10.1128/JVI.00018-08 
# 
loop_
_citation_author.citation_id 
_citation_author.name 
_citation_author.ordinal 
_citation_author.identifier_ORCID 
primary 'Bandaranayake, R.M.' 1 ? 
primary 'Prabu-Jeyabalan, M.' 2 ? 
primary 'Kakizawa, J.'        3 ? 
primary 'Sugiura, W.'         4 ? 
primary 'Schiffer, C.A.'      5 ? 
# 
loop_
_entity.id 
_entity.type 
_entity.src_method 
_entity.pdbx_description 
_entity.formula_weight 
_entity.pdbx_number_of_molecules 
_entity.pdbx_ec 
_entity.pdbx_mutation 
_entity.pdbx_fragment 
_entity.details 
1 polymer man 'HIV-1 protease'          10806.804 2  3.4.23.16 D25N 'UNP RESIDUES 484-582' ? 
2 polymer syn 'P1-P6 SUBSTRATE PEPTIDE' 1173.325  1  ?         ?    'UNP RESIDUES 446-455' ? 
3 water   nat water                     18.015    16 ?         ?    ?                      ? 
# 
loop_
_entity_poly.entity_id 
_entity_poly.type 
_entity_poly.nstd_linkage 
_entity_poly.nstd_monomer 
_entity_poly.pdbx_seq_one_letter_code 
_entity_poly.pdbx_seq_one_letter_code_can 
_entity_poly.pdbx_strand_id 
_entity_poly.pdbx_target_identifier 
1 'polypeptide(L)' no no 
;PQITLWQRPLVTIKIGGQLREALLNTGADDTVLEDINLPGKWKPKMIGGIGGFIKVRQYDQILIEICGKKAIGTVLVGPT
PVNIIGRNMLTQLGCTLNF
;
;PQITLWQRPLVTIKIGGQLREALLNTGADDTVLEDINLPGKWKPKMIGGIGGFIKVRQYDQILIEICGKKAIGTVLVGPT
PVNIIGRNMLTQLGCTLNF
;
A,B ? 
2 'polypeptide(L)' no no RPGNFLQSRP                                                                                             
RPGNFLQSRP                                                                                             P   ? 
# 
_pdbx_entity_nonpoly.entity_id   3 
_pdbx_entity_nonpoly.name        water 
_pdbx_entity_nonpoly.comp_id     HOH 
# 
loop_
_entity_poly_seq.entity_id 
_entity_poly_seq.num 
_entity_poly_seq.mon_id 
_entity_poly_seq.hetero 
1 1  PRO n 
1 2  GLN n 
1 3  ILE n 
1 4  THR n 
1 5  LEU n 
1 6  TRP n 
1 7  GLN n 
1 8  ARG n 
1 9  PRO n 
1 10 LEU n 
1 11 VAL n 
1 12 THR n 
1 13 ILE n 
1 14 LYS n 
1 15 ILE n 
1 16 GLY n 
1 17 GLY n 
1 18 GLN n 
1 19 LEU n 
1 20 ARG n 
1 21 GLU n 
1 22 ALA n 
1 23 LEU n 
1 24 LEU n 
1 25 ASN n 
1 26 THR n 
1 27 GLY n 
1 28 ALA n 
1 29 ASP n 
1 30 ASP n 
1 31 THR n 
1 32 VAL n 
1 33 LEU n 
1 34 GLU n 
1 35 ASP n 
1 36 ILE n 
1 37 ASN n 
1 38 LEU n 
1 39 PRO n 
1 40 GLY n 
1 41 LYS n 
1 42 TRP n 
1 43 LYS n 
1 44 PRO n 
1 45 LYS n 
1 46 MET n 
1 47 ILE n 
1 48 GLY n 
1 49 GLY n 
1 50 ILE n 
1 51 GLY n 
1 52 GLY n 
1 53 PHE n 
1 54 ILE n 
1 55 LYS n 
1 56 VAL n 
1 57 ARG n 
1 58 GLN n 
1 59 TYR n 
1 60 ASP n 
1 61 GLN n 
1 62 ILE n 
1 63 LEU n 
1 64 ILE n 
1 65 GLU n 
1 66 ILE n 
1 67 CYS n 
1 68 GLY n 
1 69 LYS n 
1 70 LYS n 
1 71 ALA n 
1 72 ILE n 
1 73 GLY n 
1 74 THR n 
1 75 VAL n 
1 76 LEU n 
1 77 VAL n 
1 78 GLY n 
1 79 PRO n 
1 80 THR n 
1 81 PRO n 
1 82 VAL n 
1 83 ASN n 
1 84 ILE n 
1 85 ILE n 
1 86 GLY n 
1 87 ARG n 
1 88 ASN n 
1 89 MET n 
1 90 LEU n 
1 91 THR n 
1 92 GLN n 
1 93 LEU n 
1 94 GLY n 
1 95 CYS n 
1 96 THR n 
1 97 LEU n 
1 98 ASN n 
1 99 PHE n 
2 1  ARG n 
2 2  PRO n 
2 3  GLY n 
2 4  ASN n 
2 5  PHE n 
2 6  LEU n 
2 7  GLN n 
2 8  SER n 
2 9  ARG n 
2 10 PRO n 
# 
_entity_src_gen.entity_id                          1 
_entity_src_gen.pdbx_src_id                        1 
_entity_src_gen.pdbx_alt_source_flag               sample 
_entity_src_gen.pdbx_seq_type                      ? 
_entity_src_gen.pdbx_beg_seq_num                   ? 
_entity_src_gen.pdbx_end_seq_num                   ? 
_entity_src_gen.gene_src_common_name               ? 
_entity_src_gen.gene_src_genus                     ? 
_entity_src_gen.pdbx_gene_src_gene                 gag-pol 
_entity_src_gen.gene_src_species                   ? 
_entity_src_gen.gene_src_strain                    NH1 
_entity_src_gen.gene_src_tissue                    ? 
_entity_src_gen.gene_src_tissue_fraction           ? 
_entity_src_gen.gene_src_details                   ? 
_entity_src_gen.pdbx_gene_src_fragment             ? 
_entity_src_gen.pdbx_gene_src_scientific_name      'Human immunodeficiency virus 1' 
_entity_src_gen.pdbx_gene_src_ncbi_taxonomy_id     ? 
_entity_src_gen.pdbx_gene_src_variant              ? 
_entity_src_gen.pdbx_gene_src_cell_line            ? 
_entity_src_gen.pdbx_gene_src_atcc                 ? 
_entity_src_gen.pdbx_gene_src_organ                ? 
_entity_src_gen.pdbx_gene_src_organelle            ? 
_entity_src_gen.pdbx_gene_src_cell                 ? 
_entity_src_gen.pdbx_gene_src_cellular_location    ? 
_entity_src_gen.host_org_common_name               ? 
_entity_src_gen.pdbx_host_org_scientific_name      'Escherichia coli' 
_entity_src_gen.pdbx_host_org_ncbi_taxonomy_id     11676 
_entity_src_gen.host_org_genus                     ? 
_entity_src_gen.pdbx_host_org_gene                 ? 
_entity_src_gen.pdbx_host_org_organ                ? 
_entity_src_gen.host_org_species                   ? 
_entity_src_gen.pdbx_host_org_tissue               ? 
_entity_src_gen.pdbx_host_org_tissue_fraction      ? 
_entity_src_gen.pdbx_host_org_strain               TAP106 
_entity_src_gen.pdbx_host_org_variant              ? 
_entity_src_gen.pdbx_host_org_cell_line            ? 
_entity_src_gen.pdbx_host_org_atcc                 ? 
_entity_src_gen.pdbx_host_org_culture_collection   ? 
_entity_src_gen.pdbx_host_org_cell                 ? 
_entity_src_gen.pdbx_host_org_organelle            ? 
_entity_src_gen.pdbx_host_org_cellular_location    ? 
_entity_src_gen.pdbx_host_org_vector_type          plasmid 
_entity_src_gen.pdbx_host_org_vector               ? 
_entity_src_gen.host_org_details                   ? 
_entity_src_gen.expression_system_id               ? 
_entity_src_gen.plasmid_name                       pXC35 
_entity_src_gen.plasmid_details                    ? 
_entity_src_gen.pdbx_description                   ? 
# 
_pdbx_entity_src_syn.entity_id              2 
_pdbx_entity_src_syn.pdbx_src_id            1 
_pdbx_entity_src_syn.pdbx_alt_source_flag   sample 
_pdbx_entity_src_syn.pdbx_beg_seq_num       ? 
_pdbx_entity_src_syn.pdbx_end_seq_num       ? 
_pdbx_entity_src_syn.organism_scientific    ? 
_pdbx_entity_src_syn.organism_common_name   ? 
_pdbx_entity_src_syn.ncbi_taxonomy_id       ? 
_pdbx_entity_src_syn.details                'This sequence occurs naturally in HIV-1 gag poly-protein' 
# 
loop_
_chem_comp.id 
_chem_comp.type 
_chem_comp.mon_nstd_flag 
_chem_comp.name 
_chem_comp.pdbx_synonyms 
_chem_comp.formula 
_chem_comp.formula_weight 
ALA 'L-peptide linking' y ALANINE         ? 'C3 H7 N O2'     89.093  
ARG 'L-peptide linking' y ARGININE        ? 'C6 H15 N4 O2 1' 175.209 
ASN 'L-peptide linking' y ASPARAGINE      ? 'C4 H8 N2 O3'    132.118 
ASP 'L-peptide linking' y 'ASPARTIC ACID' ? 'C4 H7 N O4'     133.103 
CYS 'L-peptide linking' y CYSTEINE        ? 'C3 H7 N O2 S'   121.158 
GLN 'L-peptide linking' y GLUTAMINE       ? 'C5 H10 N2 O3'   146.144 
GLU 'L-peptide linking' y 'GLUTAMIC ACID' ? 'C5 H9 N O4'     147.129 
GLY 'peptide linking'   y GLYCINE         ? 'C2 H5 N O2'     75.067  
HOH non-polymer         . WATER           ? 'H2 O'           18.015  
ILE 'L-peptide linking' y ISOLEUCINE      ? 'C6 H13 N O2'    131.173 
LEU 'L-peptide linking' y LEUCINE         ? 'C6 H13 N O2'    131.173 
LYS 'L-peptide linking' y LYSINE          ? 'C6 H15 N2 O2 1' 147.195 
MET 'L-peptide linking' y METHIONINE      ? 'C5 H11 N O2 S'  149.211 
PHE 'L-peptide linking' y PHENYLALANINE   ? 'C9 H11 N O2'    165.189 
PRO 'L-peptide linking' y PROLINE         ? 'C5 H9 N O2'     115.130 
SER 'L-peptide linking' y SERINE          ? 'C3 H7 N O3'     105.093 
THR 'L-peptide linking' y THREONINE       ? 'C4 H9 N O3'     119.119 
TRP 'L-peptide linking' y TRYPTOPHAN      ? 'C11 H12 N2 O2'  204.225 
TYR 'L-peptide linking' y TYROSINE        ? 'C9 H11 N O3'    181.189 
VAL 'L-peptide linking' y VALINE          ? 'C5 H11 N O2'    117.146 
# 
loop_
_pdbx_poly_seq_scheme.asym_id 
_pdbx_poly_seq_scheme.entity_id 
_pdbx_poly_seq_scheme.seq_id 
_pdbx_poly_seq_scheme.mon_id 
_pdbx_poly_seq_scheme.ndb_seq_num 
_pdbx_poly_seq_scheme.pdb_seq_num 
_pdbx_poly_seq_scheme.auth_seq_num 
_pdbx_poly_seq_scheme.pdb_mon_id 
_pdbx_poly_seq_scheme.auth_mon_id 
_pdbx_poly_seq_scheme.pdb_strand_id 
_pdbx_poly_seq_scheme.pdb_ins_code 
_pdbx_poly_seq_scheme.hetero 
A 1 1  PRO 1  1  1  PRO PRO A . n 
A 1 2  GLN 2  2  2  GLN GLN A . n 
A 1 3  ILE 3  3  3  ILE ILE A . n 
A 1 4  THR 4  4  4  THR THR A . n 
A 1 5  LEU 5  5  5  LEU LEU A . n 
A 1 6  TRP 6  6  6  TRP TRP A . n 
A 1 7  GLN 7  7  7  GLN GLN A . n 
A 1 8  ARG 8  8  8  ARG ARG A . n 
A 1 9  PRO 9  9  9  PRO PRO A . n 
A 1 10 LEU 10 10 10 LEU LEU A . n 
A 1 11 VAL 11 11 11 VAL VAL A . n 
A 1 12 THR 12 12 12 THR THR A . n 
A 1 13 ILE 13 13 13 ILE ILE A . n 
A 1 14 LYS 14 14 14 LYS LYS A . n 
A 1 15 ILE 15 15 15 ILE ILE A . n 
A 1 16 GLY 16 16 16 GLY GLY A . n 
A 1 17 GLY 17 17 17 GLY GLY A . n 
A 1 18 GLN 18 18 18 GLN GLN A . n 
A 1 19 LEU 19 19 19 LEU LEU A . n 
A 1 20 ARG 20 20 20 ARG ARG A . n 
A 1 21 GLU 21 21 21 GLU GLU A . n 
A 1 22 ALA 22 22 22 ALA ALA A . n 
A 1 23 LEU 23 23 23 LEU LEU A . n 
A 1 24 LEU 24 24 24 LEU LEU A . n 
A 1 25 ASN 25 25 25 ASN ASN A . n 
A 1 26 THR 26 26 26 THR THR A . n 
A 1 27 GLY 27 27 27 GLY GLY A . n 
A 1 28 ALA 28 28 28 ALA ALA A . n 
A 1 29 ASP 29 29 29 ASP ASP A . n 
A 1 30 ASP 30 30 30 ASP ASP A . n 
A 1 31 THR 31 31 31 THR THR A . n 
A 1 32 VAL 32 32 32 VAL VAL A . n 
A 1 33 LEU 33 33 33 LEU LEU A . n 
A 1 34 GLU 34 34 34 GLU GLU A . n 
A 1 35 ASP 35 35 35 ASP ASP A . n 
A 1 36 ILE 36 36 36 ILE ILE A . n 
A 1 37 ASN 37 37 37 ASN ASN A . n 
A 1 38 LEU 38 38 38 LEU LEU A . n 
A 1 39 PRO 39 39 39 PRO PRO A . n 
A 1 40 GLY 40 40 40 GLY GLY A . n 
A 1 41 LYS 41 41 41 LYS LYS A . n 
A 1 42 TRP 42 42 42 TRP TRP A . n 
A 1 43 LYS 43 43 43 LYS LYS A . n 
A 1 44 PRO 44 44 44 PRO PRO A . n 
A 1 45 LYS 45 45 45 LYS LYS A . n 
A 1 46 MET 46 46 46 MET MET A . n 
A 1 47 ILE 47 47 47 ILE ILE A . n 
A 1 48 GLY 48 48 48 GLY GLY A . n 
A 1 49 GLY 49 49 49 GLY GLY A . n 
A 1 50 ILE 50 50 50 ILE ILE A . n 
A 1 51 GLY 51 51 51 GLY GLY A . n 
A 1 52 GLY 52 52 52 GLY GLY A . n 
A 1 53 PHE 53 53 53 PHE PHE A . n 
A 1 54 ILE 54 54 54 ILE ILE A . n 
A 1 55 LYS 55 55 55 LYS LYS A . n 
A 1 56 VAL 56 56 56 VAL VAL A . n 
A 1 57 ARG 57 57 57 ARG ARG A . n 
A 1 58 GLN 58 58 58 GLN GLN A . n 
A 1 59 TYR 59 59 59 TYR TYR A . n 
A 1 60 ASP 60 60 60 ASP ASP A . n 
A 1 61 GLN 61 61 61 GLN GLN A . n 
A 1 62 ILE 62 62 62 ILE ILE A . n 
A 1 63 LEU 63 63 63 LEU LEU A . n 
A 1 64 ILE 64 64 64 ILE ILE A . n 
A 1 65 GLU 65 65 65 GLU GLU A . n 
A 1 66 ILE 66 66 66 ILE ILE A . n 
A 1 67 CYS 67 67 67 CYS CYS A . n 
A 1 68 GLY 68 68 68 GLY GLY A . n 
A 1 69 LYS 69 69 69 LYS LYS A . n 
A 1 70 LYS 70 70 70 LYS LYS A . n 
A 1 71 ALA 71 71 71 ALA ALA A . n 
A 1 72 ILE 72 72 72 ILE ILE A . n 
A 1 73 GLY 73 73 73 GLY GLY A . n 
A 1 74 THR 74 74 74 THR THR A . n 
A 1 75 VAL 75 75 75 VAL VAL A . n 
A 1 76 LEU 76 76 76 LEU LEU A . n 
A 1 77 VAL 77 77 77 VAL VAL A . n 
A 1 78 GLY 78 78 78 GLY GLY A . n 
A 1 79 PRO 79 79 79 PRO PRO A . n 
A 1 80 THR 80 80 80 THR THR A . n 
A 1 81 PRO 81 81 81 PRO PRO A . n 
A 1 82 VAL 82 82 82 VAL VAL A . n 
A 1 83 ASN 83 83 83 ASN ASN A . n 
A 1 84 ILE 84 84 84 ILE ILE A . n 
A 1 85 ILE 85 85 85 ILE ILE A . n 
A 1 86 GLY 86 86 86 GLY GLY A . n 
A 1 87 ARG 87 87 87 ARG ARG A . n 
A 1 88 ASN 88 88 88 ASN ASN A . n 
A 1 89 MET 89 89 89 MET MET A . n 
A 1 90 LEU 90 90 90 LEU LEU A . n 
A 1 91 THR 91 91 91 THR THR A . n 
A 1 92 GLN 92 92 92 GLN GLN A . n 
A 1 93 LEU 93 93 93 LEU LEU A . n 
A 1 94 GLY 94 94 94 GLY GLY A . n 
A 1 95 CYS 95 95 95 CYS CYS A . n 
A 1 96 THR 96 96 96 THR THR A . n 
A 1 97 LEU 97 97 97 LEU LEU A . n 
A 1 98 ASN 98 98 98 ASN ASN A . n 
A 1 99 PHE 99 99 99 PHE PHE A . n 
B 1 1  PRO 1  1  1  PRO PRO B . n 
B 1 2  GLN 2  2  2  GLN GLN B . n 
B 1 3  ILE 3  3  3  ILE ILE B . n 
B 1 4  THR 4  4  4  THR THR B . n 
B 1 5  LEU 5  5  5  LEU LEU B . n 
B 1 6  TRP 6  6  6  TRP TRP B . n 
B 1 7  GLN 7  7  7  GLN GLN B . n 
B 1 8  ARG 8  8  8  ARG ARG B . n 
B 1 9  PRO 9  9  9  PRO PRO B . n 
B 1 10 LEU 10 10 10 LEU LEU B . n 
B 1 11 VAL 11 11 11 VAL VAL B . n 
B 1 12 THR 12 12 12 THR THR B . n 
B 1 13 ILE 13 13 13 ILE ILE B . n 
B 1 14 LYS 14 14 14 LYS LYS B . n 
B 1 15 ILE 15 15 15 ILE ILE B . n 
B 1 16 GLY 16 16 16 GLY GLY B . n 
B 1 17 GLY 17 17 17 GLY GLY B . n 
B 1 18 GLN 18 18 18 GLN GLN B . n 
B 1 19 LEU 19 19 19 LEU LEU B . n 
B 1 20 ARG 20 20 20 ARG ARG B . n 
B 1 21 GLU 21 21 21 GLU GLU B . n 
B 1 22 ALA 22 22 22 ALA ALA B . n 
B 1 23 LEU 23 23 23 LEU LEU B . n 
B 1 24 LEU 24 24 24 LEU LEU B . n 
B 1 25 ASN 25 25 25 ASN ASN B . n 
B 1 26 THR 26 26 26 THR THR B . n 
B 1 27 GLY 27 27 27 GLY GLY B . n 
B 1 28 ALA 28 28 28 ALA ALA B . n 
B 1 29 ASP 29 29 29 ASP ASP B . n 
B 1 30 ASP 30 30 30 ASP ASP B . n 
B 1 31 THR 31 31 31 THR THR B . n 
B 1 32 VAL 32 32 32 VAL VAL B . n 
B 1 33 LEU 33 33 33 LEU LEU B . n 
B 1 34 GLU 34 34 34 GLU GLU B . n 
B 1 35 ASP 35 35 35 ASP ASP B . n 
B 1 36 ILE 36 36 36 ILE ILE B . n 
B 1 37 ASN 37 37 37 ASN ASN B . n 
B 1 38 LEU 38 38 38 LEU LEU B . n 
B 1 39 PRO 39 39 39 PRO PRO B . n 
B 1 40 GLY 40 40 40 GLY GLY B . n 
B 1 41 LYS 41 41 41 LYS LYS B . n 
B 1 42 TRP 42 42 42 TRP TRP B . n 
B 1 43 LYS 43 43 43 LYS LYS B . n 
B 1 44 PRO 44 44 44 PRO PRO B . n 
B 1 45 LYS 45 45 45 LYS LYS B . n 
B 1 46 MET 46 46 46 MET MET B . n 
B 1 47 ILE 47 47 47 ILE ILE B . n 
B 1 48 GLY 48 48 48 GLY GLY B . n 
B 1 49 GLY 49 49 49 GLY GLY B . n 
B 1 50 ILE 50 50 50 ILE ILE B . n 
B 1 51 GLY 51 51 51 GLY GLY B . n 
B 1 52 GLY 52 52 52 GLY GLY B . n 
B 1 53 PHE 53 53 53 PHE PHE B . n 
B 1 54 ILE 54 54 54 ILE ILE B . n 
B 1 55 LYS 55 55 55 LYS LYS B . n 
B 1 56 VAL 56 56 56 VAL VAL B . n 
B 1 57 ARG 57 57 57 ARG ARG B . n 
B 1 58 GLN 58 58 58 GLN GLN B . n 
B 1 59 TYR 59 59 59 TYR TYR B . n 
B 1 60 ASP 60 60 60 ASP ASP B . n 
B 1 61 GLN 61 61 61 GLN GLN B . n 
B 1 62 ILE 62 62 62 ILE ILE B . n 
B 1 63 LEU 63 63 63 LEU LEU B . n 
B 1 64 ILE 64 64 64 ILE ILE B . n 
B 1 65 GLU 65 65 65 GLU GLU B . n 
B 1 66 ILE 66 66 66 ILE ILE B . n 
B 1 67 CYS 67 67 67 CYS CYS B . n 
B 1 68 GLY 68 68 68 GLY GLY B . n 
B 1 69 LYS 69 69 69 LYS LYS B . n 
B 1 70 LYS 70 70 70 LYS LYS B . n 
B 1 71 ALA 71 71 71 ALA ALA B . n 
B 1 72 ILE 72 72 72 ILE ILE B . n 
B 1 73 GLY 73 73 73 GLY GLY B . n 
B 1 74 THR 74 74 74 THR THR B . n 
B 1 75 VAL 75 75 75 VAL VAL B . n 
B 1 76 LEU 76 76 76 LEU LEU B . n 
B 1 77 VAL 77 77 77 VAL VAL B . n 
B 1 78 GLY 78 78 78 GLY GLY B . n 
B 1 79 PRO 79 79 79 PRO PRO B . n 
B 1 80 THR 80 80 80 THR THR B . n 
B 1 81 PRO 81 81 81 PRO PRO B . n 
B 1 82 VAL 82 82 82 VAL VAL B . n 
B 1 83 ASN 83 83 83 ASN ASN B . n 
B 1 84 ILE 84 84 84 ILE ILE B . n 
B 1 85 ILE 85 85 85 ILE ILE B . n 
B 1 86 GLY 86 86 86 GLY GLY B . n 
B 1 87 ARG 87 87 87 ARG ARG B . n 
B 1 88 ASN 88 88 88 ASN ASN B . n 
B 1 89 MET 89 89 89 MET MET B . n 
B 1 90 LEU 90 90 90 LEU LEU B . n 
B 1 91 THR 91 91 91 THR THR B . n 
B 1 92 GLN 92 92 92 GLN GLN B . n 
B 1 93 LEU 93 93 93 LEU LEU B . n 
B 1 94 GLY 94 94 94 GLY GLY B . n 
B 1 95 CYS 95 95 95 CYS CYS B . n 
B 1 96 THR 96 96 96 THR THR B . n 
B 1 97 LEU 97 97 97 LEU LEU B . n 
B 1 98 ASN 98 98 98 ASN ASN B . n 
B 1 99 PHE 99 99 99 PHE PHE B . n 
C 2 1  ARG 1  1  ?  ?   ?   P . n 
C 2 2  PRO 2  2  ?  ?   ?   P . n 
C 2 3  GLY 3  3  3  GLY GLY P . n 
C 2 4  ASN 4  4  4  ASN ASN P . n 
C 2 5  PHE 5  5  5  PHE PHE P . n 
C 2 6  LEU 6  6  6  LEU LEU P . n 
C 2 7  GLN 7  7  7  GLN GLN P . n 
C 2 8  SER 8  8  8  SER SER P . n 
C 2 9  ARG 9  9  9  ARG ARG P . n 
C 2 10 PRO 10 10 10 PRO PRO P . n 
# 
loop_
_pdbx_nonpoly_scheme.asym_id 
_pdbx_nonpoly_scheme.entity_id 
_pdbx_nonpoly_scheme.mon_id 
_pdbx_nonpoly_scheme.ndb_seq_num 
_pdbx_nonpoly_scheme.pdb_seq_num 
_pdbx_nonpoly_scheme.auth_seq_num 
_pdbx_nonpoly_scheme.pdb_mon_id 
_pdbx_nonpoly_scheme.auth_mon_id 
_pdbx_nonpoly_scheme.pdb_strand_id 
_pdbx_nonpoly_scheme.pdb_ins_code 
D 3 HOH 1  100 2  HOH HOH A . 
D 3 HOH 2  102 9  HOH HOH A . 
D 3 HOH 3  103 11 HOH HOH A . 
D 3 HOH 4  104 12 HOH HOH A . 
D 3 HOH 5  105 14 HOH HOH A . 
E 3 HOH 1  101 8  HOH HOH B . 
E 3 HOH 2  102 1  HOH HOH B . 
E 3 HOH 3  103 3  HOH HOH B . 
E 3 HOH 4  104 4  HOH HOH B . 
E 3 HOH 5  105 5  HOH HOH B . 
E 3 HOH 6  106 6  HOH HOH B . 
E 3 HOH 7  107 7  HOH HOH B . 
E 3 HOH 8  108 10 HOH HOH B . 
E 3 HOH 9  109 13 HOH HOH B . 
E 3 HOH 10 110 15 HOH HOH B . 
F 3 HOH 1  16  16 HOH HOH P . 
# 
loop_
_pdbx_unobs_or_zero_occ_atoms.id 
_pdbx_unobs_or_zero_occ_atoms.PDB_model_num 
_pdbx_unobs_or_zero_occ_atoms.polymer_flag 
_pdbx_unobs_or_zero_occ_atoms.occupancy_flag 
_pdbx_unobs_or_zero_occ_atoms.auth_asym_id 
_pdbx_unobs_or_zero_occ_atoms.auth_comp_id 
_pdbx_unobs_or_zero_occ_atoms.auth_seq_id 
_pdbx_unobs_or_zero_occ_atoms.PDB_ins_code 
_pdbx_unobs_or_zero_occ_atoms.auth_atom_id 
_pdbx_unobs_or_zero_occ_atoms.label_alt_id 
_pdbx_unobs_or_zero_occ_atoms.label_asym_id 
_pdbx_unobs_or_zero_occ_atoms.label_comp_id 
_pdbx_unobs_or_zero_occ_atoms.label_seq_id 
_pdbx_unobs_or_zero_occ_atoms.label_atom_id 
1   1 Y 1 A GLN 2  ? CG  ? A GLN 2  CG  
2   1 Y 1 A GLN 2  ? CD  ? A GLN 2  CD  
3   1 Y 1 A GLN 2  ? OE1 ? A GLN 2  OE1 
4   1 Y 1 A GLN 2  ? NE2 ? A GLN 2  NE2 
5   1 Y 1 A ILE 3  ? CG1 ? A ILE 3  CG1 
6   1 Y 1 A ILE 3  ? CG2 ? A ILE 3  CG2 
7   1 Y 1 A ILE 3  ? CD1 ? A ILE 3  CD1 
8   1 Y 1 A GLN 7  ? CG  ? A GLN 7  CG  
9   1 Y 1 A GLN 7  ? CD  ? A GLN 7  CD  
10  1 Y 1 A GLN 7  ? OE1 ? A GLN 7  OE1 
11  1 Y 1 A GLN 7  ? NE2 ? A GLN 7  NE2 
12  1 Y 1 A GLU 34 ? CG  ? A GLU 34 CG  
13  1 Y 1 A GLU 34 ? CD  ? A GLU 34 CD  
14  1 Y 1 A GLU 34 ? OE1 ? A GLU 34 OE1 
15  1 Y 1 A GLU 34 ? OE2 ? A GLU 34 OE2 
16  1 Y 1 A ILE 36 ? CG1 ? A ILE 36 CG1 
17  1 Y 1 A ILE 36 ? CG2 ? A ILE 36 CG2 
18  1 Y 1 A ILE 36 ? CD1 ? A ILE 36 CD1 
19  1 Y 1 A ASN 37 ? CG  ? A ASN 37 CG  
20  1 Y 1 A ASN 37 ? OD1 ? A ASN 37 OD1 
21  1 Y 1 A ASN 37 ? ND2 ? A ASN 37 ND2 
22  1 Y 1 A LYS 41 ? CG  ? A LYS 41 CG  
23  1 Y 1 A LYS 41 ? CD  ? A LYS 41 CD  
24  1 Y 1 A LYS 41 ? CE  ? A LYS 41 CE  
25  1 Y 1 A LYS 41 ? NZ  ? A LYS 41 NZ  
26  1 Y 1 A LYS 43 ? CG  ? A LYS 43 CG  
27  1 Y 1 A LYS 43 ? CD  ? A LYS 43 CD  
28  1 Y 1 A LYS 43 ? CE  ? A LYS 43 CE  
29  1 Y 1 A LYS 43 ? NZ  ? A LYS 43 NZ  
30  1 Y 1 A PHE 53 ? CG  ? A PHE 53 CG  
31  1 Y 1 A PHE 53 ? CD1 ? A PHE 53 CD1 
32  1 Y 1 A PHE 53 ? CD2 ? A PHE 53 CD2 
33  1 Y 1 A PHE 53 ? CE1 ? A PHE 53 CE1 
34  1 Y 1 A PHE 53 ? CE2 ? A PHE 53 CE2 
35  1 Y 1 A PHE 53 ? CZ  ? A PHE 53 CZ  
36  1 Y 1 A ILE 54 ? CG1 ? A ILE 54 CG1 
37  1 Y 1 A ILE 54 ? CG2 ? A ILE 54 CG2 
38  1 Y 1 A ILE 54 ? CD1 ? A ILE 54 CD1 
39  1 Y 1 A LYS 55 ? CG  ? A LYS 55 CG  
40  1 Y 1 A LYS 55 ? CD  ? A LYS 55 CD  
41  1 Y 1 A LYS 55 ? CE  ? A LYS 55 CE  
42  1 Y 1 A LYS 55 ? NZ  ? A LYS 55 NZ  
43  1 Y 1 A GLN 61 ? CG  ? A GLN 61 CG  
44  1 Y 1 A GLN 61 ? CD  ? A GLN 61 CD  
45  1 Y 1 A GLN 61 ? OE1 ? A GLN 61 OE1 
46  1 Y 1 A GLN 61 ? NE2 ? A GLN 61 NE2 
47  1 Y 1 A ILE 64 ? CG1 ? A ILE 64 CG1 
48  1 Y 1 A ILE 64 ? CG2 ? A ILE 64 CG2 
49  1 Y 1 A ILE 64 ? CD1 ? A ILE 64 CD1 
50  1 Y 1 A ILE 66 ? CG1 ? A ILE 66 CG1 
51  1 Y 1 A ILE 66 ? CG2 ? A ILE 66 CG2 
52  1 Y 1 A ILE 66 ? CD1 ? A ILE 66 CD1 
53  1 Y 1 A LYS 69 ? CG  ? A LYS 69 CG  
54  1 Y 1 A LYS 69 ? CD  ? A LYS 69 CD  
55  1 Y 1 A LYS 69 ? CE  ? A LYS 69 CE  
56  1 Y 1 A LYS 69 ? NZ  ? A LYS 69 NZ  
57  1 Y 1 B GLN 2  ? CG  ? B GLN 2  CG  
58  1 Y 1 B GLN 2  ? CD  ? B GLN 2  CD  
59  1 Y 1 B GLN 2  ? OE1 ? B GLN 2  OE1 
60  1 Y 1 B GLN 2  ? NE2 ? B GLN 2  NE2 
61  1 Y 1 B GLN 7  ? CG  ? B GLN 7  CG  
62  1 Y 1 B GLN 7  ? CD  ? B GLN 7  CD  
63  1 Y 1 B GLN 7  ? OE1 ? B GLN 7  OE1 
64  1 Y 1 B GLN 7  ? NE2 ? B GLN 7  NE2 
65  1 Y 1 B ASN 37 ? CG  ? B ASN 37 CG  
66  1 Y 1 B ASN 37 ? OD1 ? B ASN 37 OD1 
67  1 Y 1 B ASN 37 ? ND2 ? B ASN 37 ND2 
68  1 Y 1 B LYS 41 ? CG  ? B LYS 41 CG  
69  1 Y 1 B LYS 41 ? CD  ? B LYS 41 CD  
70  1 Y 1 B LYS 41 ? CE  ? B LYS 41 CE  
71  1 Y 1 B LYS 41 ? NZ  ? B LYS 41 NZ  
72  1 Y 1 B LYS 43 ? CG  ? B LYS 43 CG  
73  1 Y 1 B LYS 43 ? CD  ? B LYS 43 CD  
74  1 Y 1 B LYS 43 ? CE  ? B LYS 43 CE  
75  1 Y 1 B LYS 43 ? NZ  ? B LYS 43 NZ  
76  1 Y 1 B LYS 45 ? CG  ? B LYS 45 CG  
77  1 Y 1 B LYS 45 ? CD  ? B LYS 45 CD  
78  1 Y 1 B LYS 45 ? CE  ? B LYS 45 CE  
79  1 Y 1 B LYS 45 ? NZ  ? B LYS 45 NZ  
80  1 Y 1 B MET 46 ? CG  ? B MET 46 CG  
81  1 Y 1 B MET 46 ? SD  ? B MET 46 SD  
82  1 Y 1 B MET 46 ? CE  ? B MET 46 CE  
83  1 Y 1 B LYS 55 ? CG  ? B LYS 55 CG  
84  1 Y 1 B LYS 55 ? CD  ? B LYS 55 CD  
85  1 Y 1 B LYS 55 ? CE  ? B LYS 55 CE  
86  1 Y 1 B LYS 55 ? NZ  ? B LYS 55 NZ  
87  1 Y 1 B GLN 61 ? CG  ? B GLN 61 CG  
88  1 Y 1 B GLN 61 ? CD  ? B GLN 61 CD  
89  1 Y 1 B GLN 61 ? OE1 ? B GLN 61 OE1 
90  1 Y 1 B GLN 61 ? NE2 ? B GLN 61 NE2 
91  1 Y 1 B ILE 66 ? CG1 ? B ILE 66 CG1 
92  1 Y 1 B ILE 66 ? CG2 ? B ILE 66 CG2 
93  1 Y 1 B ILE 66 ? CD1 ? B ILE 66 CD1 
94  1 Y 1 B LYS 69 ? CG  ? B LYS 69 CG  
95  1 Y 1 B LYS 69 ? CD  ? B LYS 69 CD  
96  1 Y 1 B LYS 69 ? CE  ? B LYS 69 CE  
97  1 Y 1 B LYS 69 ? NZ  ? B LYS 69 NZ  
98  1 Y 1 P ARG 9  ? CG  ? C ARG 9  CG  
99  1 Y 1 P ARG 9  ? CD  ? C ARG 9  CD  
100 1 Y 1 P ARG 9  ? NE  ? C ARG 9  NE  
101 1 Y 1 P ARG 9  ? CZ  ? C ARG 9  CZ  
102 1 Y 1 P ARG 9  ? NH1 ? C ARG 9  NH1 
103 1 Y 1 P ARG 9  ? NH2 ? C ARG 9  NH2 
# 
loop_
_software.name 
_software.version 
_software.date 
_software.type 
_software.contact_author 
_software.contact_author_email 
_software.classification 
_software.location 
_software.language 
_software.citation_id 
_software.pdbx_ordinal 
DENZO       .        ?                    package 'Zbyszek Otwinowski' zbyszek@mix.swmed.edu    'data reduction'  
http://www.lnls.br/infra/linhasluz/denzo-hkl.htm ?          ? 1 
SCALEPACK   .        ?                    package 'Zbyszek Otwinowski' zbyszek@mix.swmed.edu    'data scaling'    
http://www.lnls.br/infra/linhasluz/denzo-hkl.htm ?          ? 2 
AMoRE       .        ?                    program 'Jorge Navaza'       ccp4@dl.ac.uk            phasing           
http://www.ccp4.ac.uk/main.html                  Fortran_77 ? 3 
REFMAC      5.2.0005 ?                    program 'Murshudov, G.N.'    ccp4@dl.ac.uk            refinement        
http://www.ccp4.ac.uk/main.html                  Fortran_77 ? 4 
PDB_EXTRACT 3.004    'September 10, 2007' package PDB                  sw-help@rcsb.rutgers.edu 'data extraction' 
http://pdb.rutgers.edu/software/                 C++        ? 5 
# 
_cell.length_a           62.186 
_cell.length_b           62.186 
_cell.length_c           82.099 
_cell.angle_alpha        90.000 
_cell.angle_beta         90.000 
_cell.angle_gamma        120.000 
_cell.entry_id           3D3T 
_cell.pdbx_unique_axis   ? 
_cell.Z_PDB              12 
_cell.length_a_esd       ? 
_cell.length_b_esd       ? 
_cell.length_c_esd       ? 
_cell.angle_alpha_esd    ? 
_cell.angle_beta_esd     ? 
_cell.angle_gamma_esd    ? 
# 
_symmetry.space_group_name_H-M             'P 61' 
_symmetry.entry_id                         3D3T 
_symmetry.Int_Tables_number                169 
_symmetry.pdbx_full_space_group_name_H-M   ? 
_symmetry.cell_setting                     ? 
_symmetry.space_group_name_Hall            ? 
# 
_exptl.entry_id          3D3T 
_exptl.method            'X-RAY DIFFRACTION' 
_exptl.crystals_number   1 
# 
_exptl_crystal.id                    1 
_exptl_crystal.density_Matthews      2.01 
_exptl_crystal.density_meas          ? 
_exptl_crystal.density_percent_sol   38.84 
_exptl_crystal.description           ? 
_exptl_crystal.F_000                 ? 
_exptl_crystal.preparation           ? 
# 
_exptl_crystal_grow.crystal_id      1 
_exptl_crystal_grow.method          'VAPOR DIFFUSION, HANGING DROP' 
_exptl_crystal_grow.pH              6.2 
_exptl_crystal_grow.temp            295 
_exptl_crystal_grow.pdbx_details    
'126mM Phosphate buffer, 63mM Sodium Citrate, 18-33% Ammonium Sulfate, pH 6.2, VAPOR DIFFUSION, HANGING DROP, temperature 295K' 
_exptl_crystal_grow.temp_details    ? 
_exptl_crystal_grow.pdbx_pH_range   . 
# 
_diffrn.id                     1 
_diffrn.ambient_temp           100 
_diffrn.ambient_temp_details   ? 
_diffrn.crystal_id             1 
# 
_diffrn_detector.diffrn_id              1 
_diffrn_detector.detector               'IMAGE PLATE' 
_diffrn_detector.type                   'RIGAKU RAXIS IV++' 
_diffrn_detector.pdbx_collection_date   2006-02-12 
_diffrn_detector.details                ? 
# 
_diffrn_radiation.diffrn_id                        1 
_diffrn_radiation.pdbx_diffrn_protocol             'SINGLE WAVELENGTH' 
_diffrn_radiation.monochromator                    'YALE MIRRORS' 
_diffrn_radiation.wavelength_id                    1 
_diffrn_radiation.pdbx_monochromatic_or_laue_m_l   M 
_diffrn_radiation.pdbx_scattering_type             x-ray 
# 
_diffrn_radiation_wavelength.id           1 
_diffrn_radiation_wavelength.wavelength   1.5418 
_diffrn_radiation_wavelength.wt           1.0 
# 
_diffrn_source.diffrn_id                   1 
_diffrn_source.source                      'ROTATING ANODE' 
_diffrn_source.type                        RIGAKU 
_diffrn_source.pdbx_wavelength_list        1.5418 
_diffrn_source.pdbx_wavelength             ? 
_diffrn_source.pdbx_synchrotron_site       ? 
_diffrn_source.pdbx_synchrotron_beamline   ? 
# 
_reflns.entry_id                     3D3T 
_reflns.d_resolution_high            2.800 
_reflns.d_resolution_low             25.000 
_reflns.number_obs                   4530 
_reflns.pdbx_Rmerge_I_obs            0.115 
_reflns.pdbx_netI_over_sigmaI        8.500 
_reflns.pdbx_chi_squared             1.134 
_reflns.pdbx_redundancy              11.300 
_reflns.percent_possible_obs         100.000 
_reflns.observed_criterion_sigma_F   ? 
_reflns.observed_criterion_sigma_I   ? 
_reflns.number_all                   ? 
_reflns.pdbx_Rsym_value              ? 
_reflns.B_iso_Wilson_estimate        ? 
_reflns.R_free_details               ? 
_reflns.limit_h_max                  ? 
_reflns.limit_h_min                  ? 
_reflns.limit_k_max                  ? 
_reflns.limit_k_min                  ? 
_reflns.limit_l_max                  ? 
_reflns.limit_l_min                  ? 
_reflns.observed_criterion_F_max     ? 
_reflns.observed_criterion_F_min     ? 
_reflns.pdbx_scaling_rejects         ? 
_reflns.pdbx_ordinal                 1 
_reflns.pdbx_diffrn_id               1 
# 
loop_
_reflns_shell.d_res_high 
_reflns_shell.d_res_low 
_reflns_shell.number_measured_obs 
_reflns_shell.number_measured_all 
_reflns_shell.number_unique_obs 
_reflns_shell.Rmerge_I_obs 
_reflns_shell.meanI_over_sigI_obs 
_reflns_shell.pdbx_Rsym_value 
_reflns_shell.pdbx_chi_squared 
_reflns_shell.pdbx_redundancy 
_reflns_shell.percent_possible_obs 
_reflns_shell.number_unique_all 
_reflns_shell.percent_possible_all 
_reflns_shell.pdbx_ordinal 
_reflns_shell.pdbx_diffrn_id 
2.80 2.90  ? ? ? 0.405 ? ? 1.062 11.40 ? 445 100.00 1  1 
2.90 3.02  ? ? ? 0.339 ? ? 1.116 11.00 ? 445 100.00 2  1 
3.02 3.15  ? ? ? 0.270 ? ? 1.261 11.10 ? 455 100.00 3  1 
3.15 3.32  ? ? ? 0.193 ? ? 1.374 11.20 ? 454 100.00 4  1 
3.32 3.53  ? ? ? 0.147 ? ? 1.027 11.60 ? 444 100.00 5  1 
3.53 3.80  ? ? ? 0.110 ? ? 1.025 11.60 ? 451 100.00 6  1 
3.80 4.18  ? ? ? 0.105 ? ? 1.032 11.40 ? 460 100.00 7  1 
4.18 4.78  ? ? ? 0.083 ? ? 1.143 11.30 ? 448 100.00 8  1 
4.78 6.01  ? ? ? 0.077 ? ? 1.086 11.50 ? 454 100.00 9  1 
6.01 25.00 ? ? ? 0.066 ? ? 1.226 11.10 ? 474 100.00 10 1 
# 
_refine.entry_id                                 3D3T 
_refine.ls_d_res_high                            2.800 
_refine.ls_d_res_low                             30.000 
_refine.pdbx_ls_sigma_F                          0.00 
_refine.ls_percent_reflns_obs                    99.930 
_refine.ls_number_reflns_obs                     4476 
_refine.pdbx_ls_cross_valid_method               THROUGHOUT 
_refine.pdbx_R_Free_selection_details            RANDOM 
_refine.details                                  'HYDROGENS HAVE BEEN ADDED IN THE RIDING POSITIONS' 
_refine.ls_R_factor_obs                          0.203 
_refine.ls_R_factor_R_work                       0.199 
_refine.ls_R_factor_R_free                       0.258 
_refine.ls_percent_reflns_R_free                 7.000 
_refine.ls_number_reflns_R_free                  312 
_refine.B_iso_mean                               11.844 
_refine.aniso_B[1][1]                            0.980 
_refine.aniso_B[2][2]                            0.980 
_refine.aniso_B[3][3]                            -1.460 
_refine.aniso_B[1][2]                            0.490 
_refine.aniso_B[1][3]                            0.000 
_refine.aniso_B[2][3]                            0.000 
_refine.correlation_coeff_Fo_to_Fc               0.933 
_refine.correlation_coeff_Fo_to_Fc_free          0.890 
_refine.pdbx_overall_ESU_R_Free                  0.444 
_refine.overall_SU_ML                            0.325 
_refine.overall_SU_B                             27.193 
_refine.solvent_model_details                    MASK 
_refine.pdbx_solvent_vdw_probe_radii             1.200 
_refine.pdbx_solvent_ion_probe_radii             0.800 
_refine.pdbx_solvent_shrinkage_radii             0.800 
_refine.pdbx_method_to_determine_struct          'MOLECULAR REPLACEMENT' 
_refine.pdbx_stereochemistry_target_values       'MAXIMUM LIKELIHOOD' 
_refine.pdbx_ls_sigma_I                          ? 
_refine.ls_number_reflns_all                     ? 
_refine.ls_R_factor_all                          ? 
_refine.ls_redundancy_reflns_obs                 ? 
_refine.pdbx_data_cutoff_high_absF               ? 
_refine.pdbx_data_cutoff_low_absF                ? 
_refine.ls_number_parameters                     ? 
_refine.ls_number_restraints                     ? 
_refine.ls_R_factor_R_free_error                 ? 
_refine.ls_R_factor_R_free_error_details         ? 
_refine.pdbx_starting_model                      ? 
_refine.pdbx_stereochem_target_val_spec_case     ? 
_refine.solvent_model_param_bsol                 ? 
_refine.solvent_model_param_ksol                 ? 
_refine.occupancy_max                            ? 
_refine.occupancy_min                            ? 
_refine.pdbx_isotropic_thermal_model             ? 
_refine.B_iso_min                                ? 
_refine.B_iso_max                                ? 
_refine.overall_SU_R_Cruickshank_DPI             ? 
_refine.overall_SU_R_free                        ? 
_refine.pdbx_data_cutoff_high_rms_absF           ? 
_refine.pdbx_overall_ESU_R                       ? 
_refine.ls_wR_factor_R_free                      ? 
_refine.ls_wR_factor_R_work                      ? 
_refine.overall_FOM_free_R_set                   ? 
_refine.overall_FOM_work_R_set                   ? 
_refine.pdbx_overall_phase_error                 ? 
_refine.pdbx_refine_id                           'X-RAY DIFFRACTION' 
_refine.pdbx_TLS_residual_ADP_flag               'LIKELY RESIDUAL' 
_refine.pdbx_diffrn_id                           1 
_refine.pdbx_overall_SU_R_free_Cruickshank_DPI   ? 
_refine.pdbx_overall_SU_R_Blow_DPI               ? 
_refine.pdbx_overall_SU_R_free_Blow_DPI          ? 
# 
_refine_hist.pdbx_refine_id                   'X-RAY DIFFRACTION' 
_refine_hist.cycle_id                         LAST 
_refine_hist.pdbx_number_atoms_protein        1478 
_refine_hist.pdbx_number_atoms_nucleic_acid   0 
_refine_hist.pdbx_number_atoms_ligand         0 
_refine_hist.number_atoms_solvent             16 
_refine_hist.number_atoms_total               1494 
_refine_hist.d_res_high                       2.800 
_refine_hist.d_res_low                        30.000 
# 
loop_
_refine_ls_restr.type 
_refine_ls_restr.number 
_refine_ls_restr.dev_ideal 
_refine_ls_restr.dev_ideal_target 
_refine_ls_restr.weight 
_refine_ls_restr.pdbx_refine_id 
_refine_ls_restr.pdbx_restraint_function 
r_bond_refined_d       1502 0.008  0.022  ? 'X-RAY DIFFRACTION' ? 
r_angle_refined_deg    2052 1.256  1.983  ? 'X-RAY DIFFRACTION' ? 
r_dihedral_angle_1_deg 203  6.594  5.000  ? 'X-RAY DIFFRACTION' ? 
r_dihedral_angle_2_deg 47   37.028 24.468 ? 'X-RAY DIFFRACTION' ? 
r_dihedral_angle_3_deg 227  14.231 15.000 ? 'X-RAY DIFFRACTION' ? 
r_dihedral_angle_4_deg 8    14.913 15.000 ? 'X-RAY DIFFRACTION' ? 
r_chiral_restr         252  0.088  0.200  ? 'X-RAY DIFFRACTION' ? 
r_gen_planes_refined   1108 0.004  0.020  ? 'X-RAY DIFFRACTION' ? 
r_nbd_refined          561  0.226  0.200  ? 'X-RAY DIFFRACTION' ? 
r_nbtor_refined        1011 0.317  0.200  ? 'X-RAY DIFFRACTION' ? 
r_xyhbond_nbd_refined  45   0.161  0.200  ? 'X-RAY DIFFRACTION' ? 
r_symmetry_vdw_refined 32   0.227  0.200  ? 'X-RAY DIFFRACTION' ? 
r_mcbond_it            1029 0.478  1.500  ? 'X-RAY DIFFRACTION' ? 
r_mcangle_it           1616 0.823  2.000  ? 'X-RAY DIFFRACTION' ? 
r_scbond_it            526  1.117  3.000  ? 'X-RAY DIFFRACTION' ? 
r_scangle_it           436  1.872  4.500  ? 'X-RAY DIFFRACTION' ? 
# 
_refine_ls_shell.d_res_high                       2.800 
_refine_ls_shell.d_res_low                        2.872 
_refine_ls_shell.pdbx_total_number_of_bins_used   20 
_refine_ls_shell.percent_reflns_obs               100.000 
_refine_ls_shell.number_reflns_R_work             303 
_refine_ls_shell.R_factor_all                     ? 
_refine_ls_shell.R_factor_R_work                  0.248 
_refine_ls_shell.R_factor_R_free                  0.308 
_refine_ls_shell.percent_reflns_R_free            ? 
_refine_ls_shell.number_reflns_R_free             27 
_refine_ls_shell.R_factor_R_free_error            ? 
_refine_ls_shell.number_reflns_all                330 
_refine_ls_shell.number_reflns_obs                ? 
_refine_ls_shell.redundancy_reflns_obs            ? 
_refine_ls_shell.pdbx_refine_id                   'X-RAY DIFFRACTION' 
# 
_struct.entry_id                  3D3T 
_struct.title                     'Crystal Structure of HIV-1 CRF01_AE in complex with the substrate p1-p6' 
_struct.pdbx_model_details        ? 
_struct.pdbx_CASP_flag            ? 
_struct.pdbx_model_type_details   ? 
# 
_struct_keywords.entry_id        3D3T 
_struct_keywords.text            'HIV-1 protease, non-B clades, CRF01_AE, p1-p6 substrate, AIDS, Aspartyl protease, HYDROLASE' 
_struct_keywords.pdbx_keywords   HYDROLASE 
# 
loop_
_struct_asym.id 
_struct_asym.pdbx_blank_PDB_chainid_flag 
_struct_asym.pdbx_modified 
_struct_asym.entity_id 
_struct_asym.details 
A N N 1 ? 
B N N 1 ? 
C N N 2 ? 
D N N 3 ? 
E N N 3 ? 
F N N 3 ? 
# 
loop_
_struct_ref.id 
_struct_ref.db_name 
_struct_ref.db_code 
_struct_ref.pdbx_db_accession 
_struct_ref.entity_id 
_struct_ref.pdbx_seq_one_letter_code 
_struct_ref.pdbx_align_begin 
_struct_ref.pdbx_db_isoform 
1 UNP Q90VT5_9HIV1 Q90VT5 1 
;PQITLWQRPLVTIKIGGQLREALLDTGADDTVLEDINLPGKWKPKMIGGIGGFIKVRQYDQILIEICGKKAIGTVLVGPT
PVNIIGRNMLTQLGCTLNF
;
484 ? 
2 UNP GAG_HV1Z2    P12495 2 RPGNFLQSRP                                                                                             
446 ? 
# 
loop_
_struct_ref_seq.align_id 
_struct_ref_seq.ref_id 
_struct_ref_seq.pdbx_PDB_id_code 
_struct_ref_seq.pdbx_strand_id 
_struct_ref_seq.seq_align_beg 
_struct_ref_seq.pdbx_seq_align_beg_ins_code 
_struct_ref_seq.seq_align_end 
_struct_ref_seq.pdbx_seq_align_end_ins_code 
_struct_ref_seq.pdbx_db_accession 
_struct_ref_seq.db_align_beg 
_struct_ref_seq.pdbx_db_align_beg_ins_code 
_struct_ref_seq.db_align_end 
_struct_ref_seq.pdbx_db_align_end_ins_code 
_struct_ref_seq.pdbx_auth_seq_align_beg 
_struct_ref_seq.pdbx_auth_seq_align_end 
1 1 3D3T A 1 ? 99 ? Q90VT5 484 ? 582 ? 1 99 
2 1 3D3T B 1 ? 99 ? Q90VT5 484 ? 582 ? 1 99 
3 2 3D3T P 1 ? 10 ? P12495 446 ? 455 ? 1 10 
# 
loop_
_struct_ref_seq_dif.align_id 
_struct_ref_seq_dif.pdbx_pdb_id_code 
_struct_ref_seq_dif.mon_id 
_struct_ref_seq_dif.pdbx_pdb_strand_id 
_struct_ref_seq_dif.seq_num 
_struct_ref_seq_dif.pdbx_pdb_ins_code 
_struct_ref_seq_dif.pdbx_seq_db_name 
_struct_ref_seq_dif.pdbx_seq_db_accession_code 
_struct_ref_seq_dif.db_mon_id 
_struct_ref_seq_dif.pdbx_seq_db_seq_num 
_struct_ref_seq_dif.details 
_struct_ref_seq_dif.pdbx_auth_seq_num 
_struct_ref_seq_dif.pdbx_ordinal 
1 3D3T ASN A 25 ? UNP Q90VT5 ASP 508 'engineered mutation' 25 1 
2 3D3T ASN B 25 ? UNP Q90VT5 ASP 508 'engineered mutation' 25 2 
# 
_pdbx_struct_assembly.id                   1 
_pdbx_struct_assembly.details              author_and_software_defined_assembly 
_pdbx_struct_assembly.method_details       PISA 
_pdbx_struct_assembly.oligomeric_details   trimeric 
_pdbx_struct_assembly.oligomeric_count     3 
# 
loop_
_pdbx_struct_assembly_prop.biol_id 
_pdbx_struct_assembly_prop.type 
_pdbx_struct_assembly_prop.value 
_pdbx_struct_assembly_prop.details 
1 'ABSA (A^2)' 5050  ? 
1 MORE         -31.5 ? 
1 'SSA (A^2)'  8790  ? 
# 
_pdbx_struct_assembly_gen.assembly_id       1 
_pdbx_struct_assembly_gen.oper_expression   1 
_pdbx_struct_assembly_gen.asym_id_list      A,B,C,D,E,F 
# 
_pdbx_struct_oper_list.id                   1 
_pdbx_struct_oper_list.type                 'identity operation' 
_pdbx_struct_oper_list.name                 1_555 
_pdbx_struct_oper_list.symmetry_operation   x,y,z 
_pdbx_struct_oper_list.matrix[1][1]         1.0000000000 
_pdbx_struct_oper_list.matrix[1][2]         0.0000000000 
_pdbx_struct_oper_list.matrix[1][3]         0.0000000000 
_pdbx_struct_oper_list.vector[1]            0.0000000000 
_pdbx_struct_oper_list.matrix[2][1]         0.0000000000 
_pdbx_struct_oper_list.matrix[2][2]         1.0000000000 
_pdbx_struct_oper_list.matrix[2][3]         0.0000000000 
_pdbx_struct_oper_list.vector[2]            0.0000000000 
_pdbx_struct_oper_list.matrix[3][1]         0.0000000000 
_pdbx_struct_oper_list.matrix[3][2]         0.0000000000 
_pdbx_struct_oper_list.matrix[3][3]         1.0000000000 
_pdbx_struct_oper_list.vector[3]            0.0000000000 
# 
_struct_biol.id        1 
_struct_biol.details   'The protein is homodimeric.' 
# 
loop_
_struct_conf.conf_type_id 
_struct_conf.id 
_struct_conf.pdbx_PDB_helix_id 
_struct_conf.beg_label_comp_id 
_struct_conf.beg_label_asym_id 
_struct_conf.beg_label_seq_id 
_struct_conf.pdbx_beg_PDB_ins_code 
_struct_conf.end_label_comp_id 
_struct_conf.end_label_asym_id 
_struct_conf.end_label_seq_id 
_struct_conf.pdbx_end_PDB_ins_code 
_struct_conf.beg_auth_comp_id 
_struct_conf.beg_auth_asym_id 
_struct_conf.beg_auth_seq_id 
_struct_conf.end_auth_comp_id 
_struct_conf.end_auth_asym_id 
_struct_conf.end_auth_seq_id 
_struct_conf.pdbx_PDB_helix_class 
_struct_conf.details 
_struct_conf.pdbx_PDB_helix_length 
HELX_P HELX_P1 1 GLY A 86 ? THR A 91 ? GLY A 86 THR A 91 1 ? 6 
HELX_P HELX_P2 2 GLY B 86 ? THR B 91 ? GLY B 86 THR B 91 1 ? 6 
HELX_P HELX_P3 3 GLN B 92 ? GLY B 94 ? GLN B 92 GLY B 94 5 ? 3 
# 
_struct_conf_type.id          HELX_P 
_struct_conf_type.criteria    ? 
_struct_conf_type.reference   ? 
# 
loop_
_struct_sheet.id 
_struct_sheet.type 
_struct_sheet.number_strands 
_struct_sheet.details 
A ? 4 ? 
B ? 8 ? 
C ? 9 ? 
# 
loop_
_struct_sheet_order.sheet_id 
_struct_sheet_order.range_id_1 
_struct_sheet_order.range_id_2 
_struct_sheet_order.offset 
_struct_sheet_order.sense 
A 1 2 ? anti-parallel 
A 2 3 ? anti-parallel 
A 3 4 ? anti-parallel 
B 1 2 ? anti-parallel 
B 2 3 ? anti-parallel 
B 3 4 ? parallel      
B 4 5 ? anti-parallel 
B 5 6 ? parallel      
B 6 7 ? anti-parallel 
B 7 8 ? anti-parallel 
C 1 2 ? anti-parallel 
C 2 3 ? anti-parallel 
C 3 4 ? anti-parallel 
C 4 5 ? parallel      
C 5 6 ? anti-parallel 
C 6 7 ? parallel      
C 7 8 ? anti-parallel 
C 8 9 ? anti-parallel 
# 
loop_
_struct_sheet_range.sheet_id 
_struct_sheet_range.id 
_struct_sheet_range.beg_label_comp_id 
_struct_sheet_range.beg_label_asym_id 
_struct_sheet_range.beg_label_seq_id 
_struct_sheet_range.pdbx_beg_PDB_ins_code 
_struct_sheet_range.end_label_comp_id 
_struct_sheet_range.end_label_asym_id 
_struct_sheet_range.end_label_seq_id 
_struct_sheet_range.pdbx_end_PDB_ins_code 
_struct_sheet_range.beg_auth_comp_id 
_struct_sheet_range.beg_auth_asym_id 
_struct_sheet_range.beg_auth_seq_id 
_struct_sheet_range.end_auth_comp_id 
_struct_sheet_range.end_auth_asym_id 
_struct_sheet_range.end_auth_seq_id 
A 1 GLN A 2  ? ILE A 3  ? GLN A 2  ILE A 3  
A 2 THR B 96 ? ASN B 98 ? THR B 96 ASN B 98 
A 3 THR A 96 ? ASN A 98 ? THR A 96 ASN A 98 
A 4 GLN B 2  ? ILE B 3  ? GLN B 2  ILE B 3  
B 1 LYS A 43 ? GLY A 49 ? LYS A 43 GLY A 49 
B 2 GLY A 52 ? ILE A 66 ? GLY A 52 ILE A 66 
B 3 LYS A 69 ? VAL A 77 ? LYS A 69 VAL A 77 
B 4 THR A 31 ? LEU A 33 ? THR A 31 LEU A 33 
B 5 ILE A 84 ? ILE A 85 ? ILE A 84 ILE A 85 
B 6 GLN A 18 ? LEU A 24 ? GLN A 18 LEU A 24 
B 7 LEU A 10 ? ILE A 15 ? LEU A 10 ILE A 15 
B 8 GLY A 52 ? ILE A 66 ? GLY A 52 ILE A 66 
C 1 GLN C 7  ? SER C 8  ? GLN P 7  SER P 8  
C 2 LYS B 43 ? GLY B 49 ? LYS B 43 GLY B 49 
C 3 GLY B 52 ? ILE B 66 ? GLY B 52 ILE B 66 
C 4 LYS B 69 ? VAL B 77 ? LYS B 69 VAL B 77 
C 5 THR B 31 ? LEU B 33 ? THR B 31 LEU B 33 
C 6 ILE B 84 ? ILE B 85 ? ILE B 84 ILE B 85 
C 7 GLN B 18 ? LEU B 24 ? GLN B 18 LEU B 24 
C 8 LEU B 10 ? ILE B 15 ? LEU B 10 ILE B 15 
C 9 GLY B 52 ? ILE B 66 ? GLY B 52 ILE B 66 
# 
loop_
_pdbx_struct_sheet_hbond.sheet_id 
_pdbx_struct_sheet_hbond.range_id_1 
_pdbx_struct_sheet_hbond.range_id_2 
_pdbx_struct_sheet_hbond.range_1_label_atom_id 
_pdbx_struct_sheet_hbond.range_1_label_comp_id 
_pdbx_struct_sheet_hbond.range_1_label_asym_id 
_pdbx_struct_sheet_hbond.range_1_label_seq_id 
_pdbx_struct_sheet_hbond.range_1_PDB_ins_code 
_pdbx_struct_sheet_hbond.range_1_auth_atom_id 
_pdbx_struct_sheet_hbond.range_1_auth_comp_id 
_pdbx_struct_sheet_hbond.range_1_auth_asym_id 
_pdbx_struct_sheet_hbond.range_1_auth_seq_id 
_pdbx_struct_sheet_hbond.range_2_label_atom_id 
_pdbx_struct_sheet_hbond.range_2_label_comp_id 
_pdbx_struct_sheet_hbond.range_2_label_asym_id 
_pdbx_struct_sheet_hbond.range_2_label_seq_id 
_pdbx_struct_sheet_hbond.range_2_PDB_ins_code 
_pdbx_struct_sheet_hbond.range_2_auth_atom_id 
_pdbx_struct_sheet_hbond.range_2_auth_comp_id 
_pdbx_struct_sheet_hbond.range_2_auth_asym_id 
_pdbx_struct_sheet_hbond.range_2_auth_seq_id 
A 1 2 N ILE A 3  ? N ILE A 3  O LEU B 97 ? O LEU B 97 
A 2 3 O THR B 96 ? O THR B 96 N ASN A 98 ? N ASN A 98 
A 3 4 N LEU A 97 ? N LEU A 97 O ILE B 3  ? O ILE B 3  
B 1 2 N LYS A 43 ? N LYS A 43 O GLN A 58 ? O GLN A 58 
B 2 3 N ILE A 64 ? N ILE A 64 O ALA A 71 ? O ALA A 71 
B 3 4 O LEU A 76 ? O LEU A 76 N THR A 31 ? N THR A 31 
B 4 5 N VAL A 32 ? N VAL A 32 O ILE A 84 ? O ILE A 84 
B 5 6 O ILE A 85 ? O ILE A 85 N LEU A 23 ? N LEU A 23 
B 6 7 O ARG A 20 ? O ARG A 20 N ILE A 13 ? N ILE A 13 
B 7 8 N LYS A 14 ? N LYS A 14 O GLU A 65 ? O GLU A 65 
C 1 2 O SER C 8  ? O SER P 8  N GLY B 48 ? N GLY B 48 
C 2 3 N GLY B 49 ? N GLY B 49 O GLY B 52 ? O GLY B 52 
C 3 4 N ILE B 62 ? N ILE B 62 O GLY B 73 ? O GLY B 73 
C 4 5 O LEU B 76 ? O LEU B 76 N LEU B 33 ? N LEU B 33 
C 5 6 N VAL B 32 ? N VAL B 32 O ILE B 84 ? O ILE B 84 
C 6 7 O ILE B 85 ? O ILE B 85 N LEU B 23 ? N LEU B 23 
C 7 8 O ARG B 20 ? O ARG B 20 N ILE B 13 ? N ILE B 13 
C 8 9 N LYS B 14 ? N LYS B 14 O GLU B 65 ? O GLU B 65 
# 
_pdbx_validate_torsion.id              1 
_pdbx_validate_torsion.PDB_model_num   1 
_pdbx_validate_torsion.auth_comp_id    ASP 
_pdbx_validate_torsion.auth_asym_id    B 
_pdbx_validate_torsion.auth_seq_id     35 
_pdbx_validate_torsion.PDB_ins_code    ? 
_pdbx_validate_torsion.label_alt_id    ? 
_pdbx_validate_torsion.phi             -79.03 
_pdbx_validate_torsion.psi             31.36 
# 
loop_
_pdbx_refine_tls.id 
_pdbx_refine_tls.details 
_pdbx_refine_tls.method 
_pdbx_refine_tls.origin_x 
_pdbx_refine_tls.origin_y 
_pdbx_refine_tls.origin_z 
_pdbx_refine_tls.T[1][1] 
_pdbx_refine_tls.T[2][2] 
_pdbx_refine_tls.T[3][3] 
_pdbx_refine_tls.T[1][2] 
_pdbx_refine_tls.T[1][3] 
_pdbx_refine_tls.T[2][3] 
_pdbx_refine_tls.L[1][1] 
_pdbx_refine_tls.L[2][2] 
_pdbx_refine_tls.L[3][3] 
_pdbx_refine_tls.L[1][2] 
_pdbx_refine_tls.L[1][3] 
_pdbx_refine_tls.L[2][3] 
_pdbx_refine_tls.S[1][1] 
_pdbx_refine_tls.S[2][2] 
_pdbx_refine_tls.S[3][3] 
_pdbx_refine_tls.S[1][2] 
_pdbx_refine_tls.S[1][3] 
_pdbx_refine_tls.S[2][3] 
_pdbx_refine_tls.S[2][1] 
_pdbx_refine_tls.S[3][1] 
_pdbx_refine_tls.S[3][2] 
_pdbx_refine_tls.pdbx_refine_id 
1  ? refined 6.9339   11.1047  2.5992   -0.0794 -0.0699 0.0892  -0.0553 0.0413  -0.0002 7.6314  3.6455  23.5460 0.7212   -0.0587  -1.2162  0.8580  -0.4155 -0.4425 0.2512  0.4004  -0.2572 -0.2499 -0.4611 0.2936  'X-RAY DIFFRACTION' 
2  ? refined 6.1814   10.4971  5.4438   -0.0335 -0.0329 0.0531  -0.0104 -0.0376 -0.1067 3.4194  13.3628 13.6746 -3.1974  -1.8210  -9.7771  -0.3985 0.1997  0.1988  -0.5382 0.4319  -0.2477 0.2052  -0.4462 0.2646  'X-RAY DIFFRACTION' 
3  ? refined 5.6591   6.2405   -7.9747  0.0736  0.0154  -0.1579 0.0538  0.0404  0.0163  12.7093 33.7759 14.0824 -6.9932  0.3621   -20.7211 -0.3763 0.6105  -0.2343 0.7048  0.6323  -1.1307 -1.4446 0.2583  -0.0302 'X-RAY DIFFRACTION' 
4  ? refined 0.0597   2.9965   11.3757  0.0635  0.0637  -0.0837 0.0878  -0.0054 0.0577  53.6526 4.4151  37.3515 -12.0924 33.9351  -2.4673  -0.5364 0.2975  0.2389  -0.6907 -0.1609 0.0482  0.9559  1.1484  -0.3443 'X-RAY DIFFRACTION' 
5  ? refined 4.6647   -2.9282  2.1284   0.0411  -0.0179 -0.0234 0.0770  -0.0183 0.0015  6.3217  5.4428  0.4398  2.7984   0.9934   1.5318   0.0540  -0.0018 -0.0522 0.0267  0.1235  0.4549  0.3197  -0.0042 -0.4410 'X-RAY DIFFRACTION' 
6  ? refined 12.1666  -17.5123 1.3778   0.0309  -0.2274 0.1382  -0.0104 -0.0376 -0.1153 18.2895 7.6332  20.8920 -5.5412  -0.7294  -10.9246 -0.6758 -0.2789 0.9547  -0.0562 -0.2191 -0.2082 -1.1349 0.7453  0.4082  'X-RAY DIFFRACTION' 
7  ? refined -4.1215  3.7844   -1.5686  -0.0345 0.0793  0.0218  -0.0050 0.0372  0.0333  5.7427  6.9627  1.9570  -0.5432  2.6764   1.9616   -0.2494 -0.2757 0.5250  0.4403  -0.1988 -0.1444 -0.1735 0.2620  0.0527  'X-RAY DIFFRACTION' 
8  ? refined -19.7195 4.3428   -4.9382  -0.2028 -0.1412 0.1799  -0.0918 -0.0069 -0.0900 6.4404  8.3569  48.9705 -7.2835  5.4363   -8.4552  -0.1195 -0.1640 0.2836  -0.3163 -0.7772 0.2974  0.7943  0.1138  -1.3136 'X-RAY DIFFRACTION' 
9  ? refined -0.6837  -15.2090 5.2937   -0.1890 -0.1378 0.4323  -0.0426 0.0897  0.0549  16.2884 0.0681  14.5729 -0.2285  -9.5963  -0.6262  0.2124  -0.4539 0.2414  -2.5725 -0.5032 0.1774  0.2671  0.9652  -0.3000 'X-RAY DIFFRACTION' 
10 ? refined -1.6508  -15.7643 0.9309   0.1516  -0.2255 0.8344  -0.0130 -0.1473 0.1219  3.2897  23.0084 39.0644 -8.7000  -11.3362 29.9802  2.1665  -1.2392 -0.9273 2.6841  -0.2482 -0.3322 -2.0653 0.4046  1.0009  'X-RAY DIFFRACTION' 
11 ? refined -10.5402 -3.3675  -11.1211 0.1100  0.3217  0.4935  0.3614  -0.0727 -0.4383 2.4385  7.1567  6.6360  4.1775   -4.0227  -6.8914  2.1026  -1.7280 -0.3746 2.7497  -1.5152 -0.4604 -2.9432 0.7384  1.7753  'X-RAY DIFFRACTION' 
12 ? refined -10.9024 -6.6042  -8.7903  -0.0492 -0.0334 0.1059  0.1286  -0.1602 -0.1409 61.6345 15.9785 1.5703  -3.4189  2.4818   -4.9560  0.8051  -1.0907 0.2857  2.3489  -3.6698 2.3220  -0.9168 0.1805  0.1667  'X-RAY DIFFRACTION' 
13 ? refined 11.2625  -16.0234 6.9129   -0.1108 0.0644  0.1808  -0.0051 0.0808  0.1539  12.3078 36.0075 0.9897  11.5464  2.2860   -1.6273  0.0358  0.1734  -0.2091 0.0515  -0.1581 1.1385  -0.6588 -0.8819 0.4314  'X-RAY DIFFRACTION' 
14 ? refined 19.5083  -2.6797  2.6224   0.0597  -0.1578 -0.1765 0.0668  0.2332  -0.1248 27.5461 82.0903 41.2375 -5.0215  25.7172  -41.1898 0.6136  0.0487  -0.6624 1.3954  0.8335  -1.2188 0.8430  -2.1647 0.2179  'X-RAY DIFFRACTION' 
15 ? refined 14.5017  -7.1470  7.0986   -0.0576 0.1321  -0.0725 0.1219  0.0900  -0.0003 35.2838 22.2382 0.7650  21.3067  5.0485   3.6807   -0.3894 0.6641  -0.2747 0.0330  0.0691  0.3319  0.4367  -0.5154 0.3349  'X-RAY DIFFRACTION' 
16 ? refined -16.6946 6.9955   -9.8821  -0.0010 0.0081  0.0014  0.0306  -0.0353 -0.1120 11.6520 9.1856  8.0015  5.2913   8.6227   7.2311   0.6398  -0.3478 -0.2921 -0.2481 0.0363  0.2465  0.0554  -0.8911 0.4290  'X-RAY DIFFRACTION' 
17 ? refined -11.2527 15.8598  2.0181   -0.2296 0.1657  -0.0589 -0.0025 0.0216  0.0258  21.3960 26.4484 34.6534 -18.2471 8.2070   -25.5192 -0.0246 0.7564  -0.7319 -2.7771 1.2568  -1.1958 -0.7589 -1.0822 -0.8082 'X-RAY DIFFRACTION' 
18 ? refined -11.0458 12.6772  -4.9299  0.0038  -0.1071 0.0019  0.0989  0.1009  0.0041  1.5896  26.7798 10.1276 -1.7781  1.6191   12.6868  0.1211  0.1058  -0.2269 0.0211  0.4014  -0.2541 0.0202  -0.2204 0.1074  'X-RAY DIFFRACTION' 
19 ? refined 5.5165   -9.3006  -3.2043  0.1274  -0.0060 0.1083  0.0318  -0.1030 -0.0567 10.4665 0.0536  4.0603  0.6479   -0.3178  -0.2533  -0.3105 0.1813  0.1292  0.2579  -0.7181 1.2161  -0.8238 0.0140  0.3527  'X-RAY DIFFRACTION' 
20 ? refined -11.3060 -0.1563  0.0354   0.0728  0.0714  0.0933  -0.0437 -0.0759 0.0276  2.8206  11.0548 0.0029  -5.5840  0.0916   -0.1813  0.3524  0.1408  -0.4932 0.1021  -1.2433 -0.0694 0.2988  0.2206  -0.1353 'X-RAY DIFFRACTION' 
21 ? refined 9.5853   -0.6998  8.3824   -0.0974 0.0792  0.0394  -0.0476 0.0375  0.0185  5.8735  12.5312 12.7194 -6.6961  2.7356   4.3679   -0.8272 0.9848  -0.1576 -0.4370 -0.2874 -0.2007 -0.2586 0.1201  0.5503  'X-RAY DIFFRACTION' 
22 ? refined -2.9621  11.4421  -4.4015  0.0247  0.0024  0.0117  0.0557  0.0692  0.0042  15.0612 6.8487  0.3812  -3.5517  1.8158   0.5595   0.2807  -0.1124 -0.1683 0.5952  0.8853  -0.2754 -0.1522 -0.2664 -0.1455 'X-RAY DIFFRACTION' 
# 
loop_
_pdbx_refine_tls_group.id 
_pdbx_refine_tls_group.refine_tls_id 
_pdbx_refine_tls_group.beg_auth_asym_id 
_pdbx_refine_tls_group.end_auth_asym_id 
_pdbx_refine_tls_group.end_auth_seq_id 
_pdbx_refine_tls_group.selection 
_pdbx_refine_tls_group.beg_auth_seq_id 
_pdbx_refine_tls_group.beg_label_asym_id 
_pdbx_refine_tls_group.beg_label_seq_id 
_pdbx_refine_tls_group.end_label_asym_id 
_pdbx_refine_tls_group.end_label_seq_id 
_pdbx_refine_tls_group.pdbx_refine_id 
_pdbx_refine_tls_group.selection_details 
1  1  A A 5  ? 1  A 1  A 5  'X-RAY DIFFRACTION' ? 
2  1  A A 99 ? 94 A 94 A 99 'X-RAY DIFFRACTION' ? 
3  2  B B 5  ? 1  B 1  B 5  'X-RAY DIFFRACTION' ? 
4  2  B B 99 ? 94 B 94 B 99 'X-RAY DIFFRACTION' ? 
5  3  A A 10 ? 6  A 6  A 10 'X-RAY DIFFRACTION' ? 
6  4  B B 10 ? 6  B 6  B 10 'X-RAY DIFFRACTION' ? 
7  5  A A 32 ? 22 A 22 A 32 'X-RAY DIFFRACTION' ? 
8  6  A A 43 ? 33 A 33 A 43 'X-RAY DIFFRACTION' ? 
9  7  B B 32 ? 22 B 22 B 32 'X-RAY DIFFRACTION' ? 
10 8  B B 43 ? 33 B 33 B 43 'X-RAY DIFFRACTION' ? 
11 9  A A 49 ? 44 A 44 A 49 'X-RAY DIFFRACTION' ? 
12 10 A A 56 ? 52 A 52 A 56 'X-RAY DIFFRACTION' ? 
13 11 B B 49 ? 44 B 44 B 49 'X-RAY DIFFRACTION' ? 
14 12 B B 56 ? 52 B 52 B 56 'X-RAY DIFFRACTION' ? 
15 13 A A 62 ? 57 A 57 A 62 'X-RAY DIFFRACTION' ? 
16 14 A A 68 ? 63 A 63 A 68 'X-RAY DIFFRACTION' ? 
17 15 A A 76 ? 69 A 69 A 76 'X-RAY DIFFRACTION' ? 
18 16 B B 62 ? 57 B 57 B 62 'X-RAY DIFFRACTION' ? 
19 17 B B 68 ? 63 B 63 B 68 'X-RAY DIFFRACTION' ? 
20 18 B B 76 ? 69 B 69 B 76 'X-RAY DIFFRACTION' ? 
21 19 A A 85 ? 77 A 77 A 85 'X-RAY DIFFRACTION' ? 
22 20 B B 85 ? 77 B 77 B 85 'X-RAY DIFFRACTION' ? 
23 21 A A 93 ? 86 A 86 A 93 'X-RAY DIFFRACTION' ? 
24 22 B B 93 ? 86 B 86 B 93 'X-RAY DIFFRACTION' ? 
# 
_phasing.method   MR 
# 
loop_
_pdbx_unobs_or_zero_occ_residues.id 
_pdbx_unobs_or_zero_occ_residues.PDB_model_num 
_pdbx_unobs_or_zero_occ_residues.polymer_flag 
_pdbx_unobs_or_zero_occ_residues.occupancy_flag 
_pdbx_unobs_or_zero_occ_residues.auth_asym_id 
_pdbx_unobs_or_zero_occ_residues.auth_comp_id 
_pdbx_unobs_or_zero_occ_residues.auth_seq_id 
_pdbx_unobs_or_zero_occ_residues.PDB_ins_code 
_pdbx_unobs_or_zero_occ_residues.label_asym_id 
_pdbx_unobs_or_zero_occ_residues.label_comp_id 
_pdbx_unobs_or_zero_occ_residues.label_seq_id 
1 1 Y 1 P ARG 1 ? C ARG 1 
2 1 Y 1 P PRO 2 ? C PRO 2 
# 
loop_
_chem_comp_atom.comp_id 
_chem_comp_atom.atom_id 
_chem_comp_atom.type_symbol 
_chem_comp_atom.pdbx_aromatic_flag 
_chem_comp_atom.pdbx_stereo_config 
_chem_comp_atom.pdbx_ordinal 
ALA N    N N N 1   
ALA CA   C N S 2   
ALA C    C N N 3   
ALA O    O N N 4   
ALA CB   C N N 5   
ALA OXT  O N N 6   
ALA H    H N N 7   
ALA H2   H N N 8   
ALA HA   H N N 9   
ALA HB1  H N N 10  
ALA HB2  H N N 11  
ALA HB3  H N N 12  
ALA HXT  H N N 13  
ARG N    N N N 14  
ARG CA   C N S 15  
ARG C    C N N 16  
ARG O    O N N 17  
ARG CB   C N N 18  
ARG CG   C N N 19  
ARG CD   C N N 20  
ARG NE   N N N 21  
ARG CZ   C N N 22  
ARG NH1  N N N 23  
ARG NH2  N N N 24  
ARG OXT  O N N 25  
ARG H    H N N 26  
ARG H2   H N N 27  
ARG HA   H N N 28  
ARG HB2  H N N 29  
ARG HB3  H N N 30  
ARG HG2  H N N 31  
ARG HG3  H N N 32  
ARG HD2  H N N 33  
ARG HD3  H N N 34  
ARG HE   H N N 35  
ARG HH11 H N N 36  
ARG HH12 H N N 37  
ARG HH21 H N N 38  
ARG HH22 H N N 39  
ARG HXT  H N N 40  
ASN N    N N N 41  
ASN CA   C N S 42  
ASN C    C N N 43  
ASN O    O N N 44  
ASN CB   C N N 45  
ASN CG   C N N 46  
ASN OD1  O N N 47  
ASN ND2  N N N 48  
ASN OXT  O N N 49  
ASN H    H N N 50  
ASN H2   H N N 51  
ASN HA   H N N 52  
ASN HB2  H N N 53  
ASN HB3  H N N 54  
ASN HD21 H N N 55  
ASN HD22 H N N 56  
ASN HXT  H N N 57  
ASP N    N N N 58  
ASP CA   C N S 59  
ASP C    C N N 60  
ASP O    O N N 61  
ASP CB   C N N 62  
ASP CG   C N N 63  
ASP OD1  O N N 64  
ASP OD2  O N N 65  
ASP OXT  O N N 66  
ASP H    H N N 67  
ASP H2   H N N 68  
ASP HA   H N N 69  
ASP HB2  H N N 70  
ASP HB3  H N N 71  
ASP HD2  H N N 72  
ASP HXT  H N N 73  
CYS N    N N N 74  
CYS CA   C N R 75  
CYS C    C N N 76  
CYS O    O N N 77  
CYS CB   C N N 78  
CYS SG   S N N 79  
CYS OXT  O N N 80  
CYS H    H N N 81  
CYS H2   H N N 82  
CYS HA   H N N 83  
CYS HB2  H N N 84  
CYS HB3  H N N 85  
CYS HG   H N N 86  
CYS HXT  H N N 87  
GLN N    N N N 88  
GLN CA   C N S 89  
GLN C    C N N 90  
GLN O    O N N 91  
GLN CB   C N N 92  
GLN CG   C N N 93  
GLN CD   C N N 94  
GLN OE1  O N N 95  
GLN NE2  N N N 96  
GLN OXT  O N N 97  
GLN H    H N N 98  
GLN H2   H N N 99  
GLN HA   H N N 100 
GLN HB2  H N N 101 
GLN HB3  H N N 102 
GLN HG2  H N N 103 
GLN HG3  H N N 104 
GLN HE21 H N N 105 
GLN HE22 H N N 106 
GLN HXT  H N N 107 
GLU N    N N N 108 
GLU CA   C N S 109 
GLU C    C N N 110 
GLU O    O N N 111 
GLU CB   C N N 112 
GLU CG   C N N 113 
GLU CD   C N N 114 
GLU OE1  O N N 115 
GLU OE2  O N N 116 
GLU OXT  O N N 117 
GLU H    H N N 118 
GLU H2   H N N 119 
GLU HA   H N N 120 
GLU HB2  H N N 121 
GLU HB3  H N N 122 
GLU HG2  H N N 123 
GLU HG3  H N N 124 
GLU HE2  H N N 125 
GLU HXT  H N N 126 
GLY N    N N N 127 
GLY CA   C N N 128 
GLY C    C N N 129 
GLY O    O N N 130 
GLY OXT  O N N 131 
GLY H    H N N 132 
GLY H2   H N N 133 
GLY HA2  H N N 134 
GLY HA3  H N N 135 
GLY HXT  H N N 136 
HOH O    O N N 137 
HOH H1   H N N 138 
HOH H2   H N N 139 
ILE N    N N N 140 
ILE CA   C N S 141 
ILE C    C N N 142 
ILE O    O N N 143 
ILE CB   C N S 144 
ILE CG1  C N N 145 
ILE CG2  C N N 146 
ILE CD1  C N N 147 
ILE OXT  O N N 148 
ILE H    H N N 149 
ILE H2   H N N 150 
ILE HA   H N N 151 
ILE HB   H N N 152 
ILE HG12 H N N 153 
ILE HG13 H N N 154 
ILE HG21 H N N 155 
ILE HG22 H N N 156 
ILE HG23 H N N 157 
ILE HD11 H N N 158 
ILE HD12 H N N 159 
ILE HD13 H N N 160 
ILE HXT  H N N 161 
LEU N    N N N 162 
LEU CA   C N S 163 
LEU C    C N N 164 
LEU O    O N N 165 
LEU CB   C N N 166 
LEU CG   C N N 167 
LEU CD1  C N N 168 
LEU CD2  C N N 169 
LEU OXT  O N N 170 
LEU H    H N N 171 
LEU H2   H N N 172 
LEU HA   H N N 173 
LEU HB2  H N N 174 
LEU HB3  H N N 175 
LEU HG   H N N 176 
LEU HD11 H N N 177 
LEU HD12 H N N 178 
LEU HD13 H N N 179 
LEU HD21 H N N 180 
LEU HD22 H N N 181 
LEU HD23 H N N 182 
LEU HXT  H N N 183 
LYS N    N N N 184 
LYS CA   C N S 185 
LYS C    C N N 186 
LYS O    O N N 187 
LYS CB   C N N 188 
LYS CG   C N N 189 
LYS CD   C N N 190 
LYS CE   C N N 191 
LYS NZ   N N N 192 
LYS OXT  O N N 193 
LYS H    H N N 194 
LYS H2   H N N 195 
LYS HA   H N N 196 
LYS HB2  H N N 197 
LYS HB3  H N N 198 
LYS HG2  H N N 199 
LYS HG3  H N N 200 
LYS HD2  H N N 201 
LYS HD3  H N N 202 
LYS HE2  H N N 203 
LYS HE3  H N N 204 
LYS HZ1  H N N 205 
LYS HZ2  H N N 206 
LYS HZ3  H N N 207 
LYS HXT  H N N 208 
MET N    N N N 209 
MET CA   C N S 210 
MET C    C N N 211 
MET O    O N N 212 
MET CB   C N N 213 
MET CG   C N N 214 
MET SD   S N N 215 
MET CE   C N N 216 
MET OXT  O N N 217 
MET H    H N N 218 
MET H2   H N N 219 
MET HA   H N N 220 
MET HB2  H N N 221 
MET HB3  H N N 222 
MET HG2  H N N 223 
MET HG3  H N N 224 
MET HE1  H N N 225 
MET HE2  H N N 226 
MET HE3  H N N 227 
MET HXT  H N N 228 
PHE N    N N N 229 
PHE CA   C N S 230 
PHE C    C N N 231 
PHE O    O N N 232 
PHE CB   C N N 233 
PHE CG   C Y N 234 
PHE CD1  C Y N 235 
PHE CD2  C Y N 236 
PHE CE1  C Y N 237 
PHE CE2  C Y N 238 
PHE CZ   C Y N 239 
PHE OXT  O N N 240 
PHE H    H N N 241 
PHE H2   H N N 242 
PHE HA   H N N 243 
PHE HB2  H N N 244 
PHE HB3  H N N 245 
PHE HD1  H N N 246 
PHE HD2  H N N 247 
PHE HE1  H N N 248 
PHE HE2  H N N 249 
PHE HZ   H N N 250 
PHE HXT  H N N 251 
PRO N    N N N 252 
PRO CA   C N S 253 
PRO C    C N N 254 
PRO O    O N N 255 
PRO CB   C N N 256 
PRO CG   C N N 257 
PRO CD   C N N 258 
PRO OXT  O N N 259 
PRO H    H N N 260 
PRO HA   H N N 261 
PRO HB2  H N N 262 
PRO HB3  H N N 263 
PRO HG2  H N N 264 
PRO HG3  H N N 265 
PRO HD2  H N N 266 
PRO HD3  H N N 267 
PRO HXT  H N N 268 
SER N    N N N 269 
SER CA   C N S 270 
SER C    C N N 271 
SER O    O N N 272 
SER CB   C N N 273 
SER OG   O N N 274 
SER OXT  O N N 275 
SER H    H N N 276 
SER H2   H N N 277 
SER HA   H N N 278 
SER HB2  H N N 279 
SER HB3  H N N 280 
SER HG   H N N 281 
SER HXT  H N N 282 
THR N    N N N 283 
THR CA   C N S 284 
THR C    C N N 285 
THR O    O N N 286 
THR CB   C N R 287 
THR OG1  O N N 288 
THR CG2  C N N 289 
THR OXT  O N N 290 
THR H    H N N 291 
THR H2   H N N 292 
THR HA   H N N 293 
THR HB   H N N 294 
THR HG1  H N N 295 
THR HG21 H N N 296 
THR HG22 H N N 297 
THR HG23 H N N 298 
THR HXT  H N N 299 
TRP N    N N N 300 
TRP CA   C N S 301 
TRP C    C N N 302 
TRP O    O N N 303 
TRP CB   C N N 304 
TRP CG   C Y N 305 
TRP CD1  C Y N 306 
TRP CD2  C Y N 307 
TRP NE1  N Y N 308 
TRP CE2  C Y N 309 
TRP CE3  C Y N 310 
TRP CZ2  C Y N 311 
TRP CZ3  C Y N 312 
TRP CH2  C Y N 313 
TRP OXT  O N N 314 
TRP H    H N N 315 
TRP H2   H N N 316 
TRP HA   H N N 317 
TRP HB2  H N N 318 
TRP HB3  H N N 319 
TRP HD1  H N N 320 
TRP HE1  H N N 321 
TRP HE3  H N N 322 
TRP HZ2  H N N 323 
TRP HZ3  H N N 324 
TRP HH2  H N N 325 
TRP HXT  H N N 326 
TYR N    N N N 327 
TYR CA   C N S 328 
TYR C    C N N 329 
TYR O    O N N 330 
TYR CB   C N N 331 
TYR CG   C Y N 332 
TYR CD1  C Y N 333 
TYR CD2  C Y N 334 
TYR CE1  C Y N 335 
TYR CE2  C Y N 336 
TYR CZ   C Y N 337 
TYR OH   O N N 338 
TYR OXT  O N N 339 
TYR H    H N N 340 
TYR H2   H N N 341 
TYR HA   H N N 342 
TYR HB2  H N N 343 
TYR HB3  H N N 344 
TYR HD1  H N N 345 
TYR HD2  H N N 346 
TYR HE1  H N N 347 
TYR HE2  H N N 348 
TYR HH   H N N 349 
TYR HXT  H N N 350 
VAL N    N N N 351 
VAL CA   C N S 352 
VAL C    C N N 353 
VAL O    O N N 354 
VAL CB   C N N 355 
VAL CG1  C N N 356 
VAL CG2  C N N 357 
VAL OXT  O N N 358 
VAL H    H N N 359 
VAL H2   H N N 360 
VAL HA   H N N 361 
VAL HB   H N N 362 
VAL HG11 H N N 363 
VAL HG12 H N N 364 
VAL HG13 H N N 365 
VAL HG21 H N N 366 
VAL HG22 H N N 367 
VAL HG23 H N N 368 
VAL HXT  H N N 369 
# 
loop_
_chem_comp_bond.comp_id 
_chem_comp_bond.atom_id_1 
_chem_comp_bond.atom_id_2 
_chem_comp_bond.value_order 
_chem_comp_bond.pdbx_aromatic_flag 
_chem_comp_bond.pdbx_stereo_config 
_chem_comp_bond.pdbx_ordinal 
ALA N   CA   sing N N 1   
ALA N   H    sing N N 2   
ALA N   H2   sing N N 3   
ALA CA  C    sing N N 4   
ALA CA  CB   sing N N 5   
ALA CA  HA   sing N N 6   
ALA C   O    doub N N 7   
ALA C   OXT  sing N N 8   
ALA CB  HB1  sing N N 9   
ALA CB  HB2  sing N N 10  
ALA CB  HB3  sing N N 11  
ALA OXT HXT  sing N N 12  
ARG N   CA   sing N N 13  
ARG N   H    sing N N 14  
ARG N   H2   sing N N 15  
ARG CA  C    sing N N 16  
ARG CA  CB   sing N N 17  
ARG CA  HA   sing N N 18  
ARG C   O    doub N N 19  
ARG C   OXT  sing N N 20  
ARG CB  CG   sing N N 21  
ARG CB  HB2  sing N N 22  
ARG CB  HB3  sing N N 23  
ARG CG  CD   sing N N 24  
ARG CG  HG2  sing N N 25  
ARG CG  HG3  sing N N 26  
ARG CD  NE   sing N N 27  
ARG CD  HD2  sing N N 28  
ARG CD  HD3  sing N N 29  
ARG NE  CZ   sing N N 30  
ARG NE  HE   sing N N 31  
ARG CZ  NH1  sing N N 32  
ARG CZ  NH2  doub N N 33  
ARG NH1 HH11 sing N N 34  
ARG NH1 HH12 sing N N 35  
ARG NH2 HH21 sing N N 36  
ARG NH2 HH22 sing N N 37  
ARG OXT HXT  sing N N 38  
ASN N   CA   sing N N 39  
ASN N   H    sing N N 40  
ASN N   H2   sing N N 41  
ASN CA  C    sing N N 42  
ASN CA  CB   sing N N 43  
ASN CA  HA   sing N N 44  
ASN C   O    doub N N 45  
ASN C   OXT  sing N N 46  
ASN CB  CG   sing N N 47  
ASN CB  HB2  sing N N 48  
ASN CB  HB3  sing N N 49  
ASN CG  OD1  doub N N 50  
ASN CG  ND2  sing N N 51  
ASN ND2 HD21 sing N N 52  
ASN ND2 HD22 sing N N 53  
ASN OXT HXT  sing N N 54  
ASP N   CA   sing N N 55  
ASP N   H    sing N N 56  
ASP N   H2   sing N N 57  
ASP CA  C    sing N N 58  
ASP CA  CB   sing N N 59  
ASP CA  HA   sing N N 60  
ASP C   O    doub N N 61  
ASP C   OXT  sing N N 62  
ASP CB  CG   sing N N 63  
ASP CB  HB2  sing N N 64  
ASP CB  HB3  sing N N 65  
ASP CG  OD1  doub N N 66  
ASP CG  OD2  sing N N 67  
ASP OD2 HD2  sing N N 68  
ASP OXT HXT  sing N N 69  
CYS N   CA   sing N N 70  
CYS N   H    sing N N 71  
CYS N   H2   sing N N 72  
CYS CA  C    sing N N 73  
CYS CA  CB   sing N N 74  
CYS CA  HA   sing N N 75  
CYS C   O    doub N N 76  
CYS C   OXT  sing N N 77  
CYS CB  SG   sing N N 78  
CYS CB  HB2  sing N N 79  
CYS CB  HB3  sing N N 80  
CYS SG  HG   sing N N 81  
CYS OXT HXT  sing N N 82  
GLN N   CA   sing N N 83  
GLN N   H    sing N N 84  
GLN N   H2   sing N N 85  
GLN CA  C    sing N N 86  
GLN CA  CB   sing N N 87  
GLN CA  HA   sing N N 88  
GLN C   O    doub N N 89  
GLN C   OXT  sing N N 90  
GLN CB  CG   sing N N 91  
GLN CB  HB2  sing N N 92  
GLN CB  HB3  sing N N 93  
GLN CG  CD   sing N N 94  
GLN CG  HG2  sing N N 95  
GLN CG  HG3  sing N N 96  
GLN CD  OE1  doub N N 97  
GLN CD  NE2  sing N N 98  
GLN NE2 HE21 sing N N 99  
GLN NE2 HE22 sing N N 100 
GLN OXT HXT  sing N N 101 
GLU N   CA   sing N N 102 
GLU N   H    sing N N 103 
GLU N   H2   sing N N 104 
GLU CA  C    sing N N 105 
GLU CA  CB   sing N N 106 
GLU CA  HA   sing N N 107 
GLU C   O    doub N N 108 
GLU C   OXT  sing N N 109 
GLU CB  CG   sing N N 110 
GLU CB  HB2  sing N N 111 
GLU CB  HB3  sing N N 112 
GLU CG  CD   sing N N 113 
GLU CG  HG2  sing N N 114 
GLU CG  HG3  sing N N 115 
GLU CD  OE1  doub N N 116 
GLU CD  OE2  sing N N 117 
GLU OE2 HE2  sing N N 118 
GLU OXT HXT  sing N N 119 
GLY N   CA   sing N N 120 
GLY N   H    sing N N 121 
GLY N   H2   sing N N 122 
GLY CA  C    sing N N 123 
GLY CA  HA2  sing N N 124 
GLY CA  HA3  sing N N 125 
GLY C   O    doub N N 126 
GLY C   OXT  sing N N 127 
GLY OXT HXT  sing N N 128 
HOH O   H1   sing N N 129 
HOH O   H2   sing N N 130 
ILE N   CA   sing N N 131 
ILE N   H    sing N N 132 
ILE N   H2   sing N N 133 
ILE CA  C    sing N N 134 
ILE CA  CB   sing N N 135 
ILE CA  HA   sing N N 136 
ILE C   O    doub N N 137 
ILE C   OXT  sing N N 138 
ILE CB  CG1  sing N N 139 
ILE CB  CG2  sing N N 140 
ILE CB  HB   sing N N 141 
ILE CG1 CD1  sing N N 142 
ILE CG1 HG12 sing N N 143 
ILE CG1 HG13 sing N N 144 
ILE CG2 HG21 sing N N 145 
ILE CG2 HG22 sing N N 146 
ILE CG2 HG23 sing N N 147 
ILE CD1 HD11 sing N N 148 
ILE CD1 HD12 sing N N 149 
ILE CD1 HD13 sing N N 150 
ILE OXT HXT  sing N N 151 
LEU N   CA   sing N N 152 
LEU N   H    sing N N 153 
LEU N   H2   sing N N 154 
LEU CA  C    sing N N 155 
LEU CA  CB   sing N N 156 
LEU CA  HA   sing N N 157 
LEU C   O    doub N N 158 
LEU C   OXT  sing N N 159 
LEU CB  CG   sing N N 160 
LEU CB  HB2  sing N N 161 
LEU CB  HB3  sing N N 162 
LEU CG  CD1  sing N N 163 
LEU CG  CD2  sing N N 164 
LEU CG  HG   sing N N 165 
LEU CD1 HD11 sing N N 166 
LEU CD1 HD12 sing N N 167 
LEU CD1 HD13 sing N N 168 
LEU CD2 HD21 sing N N 169 
LEU CD2 HD22 sing N N 170 
LEU CD2 HD23 sing N N 171 
LEU OXT HXT  sing N N 172 
LYS N   CA   sing N N 173 
LYS N   H    sing N N 174 
LYS N   H2   sing N N 175 
LYS CA  C    sing N N 176 
LYS CA  CB   sing N N 177 
LYS CA  HA   sing N N 178 
LYS C   O    doub N N 179 
LYS C   OXT  sing N N 180 
LYS CB  CG   sing N N 181 
LYS CB  HB2  sing N N 182 
LYS CB  HB3  sing N N 183 
LYS CG  CD   sing N N 184 
LYS CG  HG2  sing N N 185 
LYS CG  HG3  sing N N 186 
LYS CD  CE   sing N N 187 
LYS CD  HD2  sing N N 188 
LYS CD  HD3  sing N N 189 
LYS CE  NZ   sing N N 190 
LYS CE  HE2  sing N N 191 
LYS CE  HE3  sing N N 192 
LYS NZ  HZ1  sing N N 193 
LYS NZ  HZ2  sing N N 194 
LYS NZ  HZ3  sing N N 195 
LYS OXT HXT  sing N N 196 
MET N   CA   sing N N 197 
MET N   H    sing N N 198 
MET N   H2   sing N N 199 
MET CA  C    sing N N 200 
MET CA  CB   sing N N 201 
MET CA  HA   sing N N 202 
MET C   O    doub N N 203 
MET C   OXT  sing N N 204 
MET CB  CG   sing N N 205 
MET CB  HB2  sing N N 206 
MET CB  HB3  sing N N 207 
MET CG  SD   sing N N 208 
MET CG  HG2  sing N N 209 
MET CG  HG3  sing N N 210 
MET SD  CE   sing N N 211 
MET CE  HE1  sing N N 212 
MET CE  HE2  sing N N 213 
MET CE  HE3  sing N N 214 
MET OXT HXT  sing N N 215 
PHE N   CA   sing N N 216 
PHE N   H    sing N N 217 
PHE N   H2   sing N N 218 
PHE CA  C    sing N N 219 
PHE CA  CB   sing N N 220 
PHE CA  HA   sing N N 221 
PHE C   O    doub N N 222 
PHE C   OXT  sing N N 223 
PHE CB  CG   sing N N 224 
PHE CB  HB2  sing N N 225 
PHE CB  HB3  sing N N 226 
PHE CG  CD1  doub Y N 227 
PHE CG  CD2  sing Y N 228 
PHE CD1 CE1  sing Y N 229 
PHE CD1 HD1  sing N N 230 
PHE CD2 CE2  doub Y N 231 
PHE CD2 HD2  sing N N 232 
PHE CE1 CZ   doub Y N 233 
PHE CE1 HE1  sing N N 234 
PHE CE2 CZ   sing Y N 235 
PHE CE2 HE2  sing N N 236 
PHE CZ  HZ   sing N N 237 
PHE OXT HXT  sing N N 238 
PRO N   CA   sing N N 239 
PRO N   CD   sing N N 240 
PRO N   H    sing N N 241 
PRO CA  C    sing N N 242 
PRO CA  CB   sing N N 243 
PRO CA  HA   sing N N 244 
PRO C   O    doub N N 245 
PRO C   OXT  sing N N 246 
PRO CB  CG   sing N N 247 
PRO CB  HB2  sing N N 248 
PRO CB  HB3  sing N N 249 
PRO CG  CD   sing N N 250 
PRO CG  HG2  sing N N 251 
PRO CG  HG3  sing N N 252 
PRO CD  HD2  sing N N 253 
PRO CD  HD3  sing N N 254 
PRO OXT HXT  sing N N 255 
SER N   CA   sing N N 256 
SER N   H    sing N N 257 
SER N   H2   sing N N 258 
SER CA  C    sing N N 259 
SER CA  CB   sing N N 260 
SER CA  HA   sing N N 261 
SER C   O    doub N N 262 
SER C   OXT  sing N N 263 
SER CB  OG   sing N N 264 
SER CB  HB2  sing N N 265 
SER CB  HB3  sing N N 266 
SER OG  HG   sing N N 267 
SER OXT HXT  sing N N 268 
THR N   CA   sing N N 269 
THR N   H    sing N N 270 
THR N   H2   sing N N 271 
THR CA  C    sing N N 272 
THR CA  CB   sing N N 273 
THR CA  HA   sing N N 274 
THR C   O    doub N N 275 
THR C   OXT  sing N N 276 
THR CB  OG1  sing N N 277 
THR CB  CG2  sing N N 278 
THR CB  HB   sing N N 279 
THR OG1 HG1  sing N N 280 
THR CG2 HG21 sing N N 281 
THR CG2 HG22 sing N N 282 
THR CG2 HG23 sing N N 283 
THR OXT HXT  sing N N 284 
TRP N   CA   sing N N 285 
TRP N   H    sing N N 286 
TRP N   H2   sing N N 287 
TRP CA  C    sing N N 288 
TRP CA  CB   sing N N 289 
TRP CA  HA   sing N N 290 
TRP C   O    doub N N 291 
TRP C   OXT  sing N N 292 
TRP CB  CG   sing N N 293 
TRP CB  HB2  sing N N 294 
TRP CB  HB3  sing N N 295 
TRP CG  CD1  doub Y N 296 
TRP CG  CD2  sing Y N 297 
TRP CD1 NE1  sing Y N 298 
TRP CD1 HD1  sing N N 299 
TRP CD2 CE2  doub Y N 300 
TRP CD2 CE3  sing Y N 301 
TRP NE1 CE2  sing Y N 302 
TRP NE1 HE1  sing N N 303 
TRP CE2 CZ2  sing Y N 304 
TRP CE3 CZ3  doub Y N 305 
TRP CE3 HE3  sing N N 306 
TRP CZ2 CH2  doub Y N 307 
TRP CZ2 HZ2  sing N N 308 
TRP CZ3 CH2  sing Y N 309 
TRP CZ3 HZ3  sing N N 310 
TRP CH2 HH2  sing N N 311 
TRP OXT HXT  sing N N 312 
TYR N   CA   sing N N 313 
TYR N   H    sing N N 314 
TYR N   H2   sing N N 315 
TYR CA  C    sing N N 316 
TYR CA  CB   sing N N 317 
TYR CA  HA   sing N N 318 
TYR C   O    doub N N 319 
TYR C   OXT  sing N N 320 
TYR CB  CG   sing N N 321 
TYR CB  HB2  sing N N 322 
TYR CB  HB3  sing N N 323 
TYR CG  CD1  doub Y N 324 
TYR CG  CD2  sing Y N 325 
TYR CD1 CE1  sing Y N 326 
TYR CD1 HD1  sing N N 327 
TYR CD2 CE2  doub Y N 328 
TYR CD2 HD2  sing N N 329 
TYR CE1 CZ   doub Y N 330 
TYR CE1 HE1  sing N N 331 
TYR CE2 CZ   sing Y N 332 
TYR CE2 HE2  sing N N 333 
TYR CZ  OH   sing N N 334 
TYR OH  HH   sing N N 335 
TYR OXT HXT  sing N N 336 
VAL N   CA   sing N N 337 
VAL N   H    sing N N 338 
VAL N   H2   sing N N 339 
VAL CA  C    sing N N 340 
VAL CA  CB   sing N N 341 
VAL CA  HA   sing N N 342 
VAL C   O    doub N N 343 
VAL C   OXT  sing N N 344 
VAL CB  CG1  sing N N 345 
VAL CB  CG2  sing N N 346 
VAL CB  HB   sing N N 347 
VAL CG1 HG11 sing N N 348 
VAL CG1 HG12 sing N N 349 
VAL CG1 HG13 sing N N 350 
VAL CG2 HG21 sing N N 351 
VAL CG2 HG22 sing N N 352 
VAL CG2 HG23 sing N N 353 
VAL OXT HXT  sing N N 354 
# 
_atom_sites.entry_id                    3D3T 
_atom_sites.fract_transf_matrix[1][1]   0.01323470 
_atom_sites.fract_transf_matrix[1][2]   -0.00372780 
_atom_sites.fract_transf_matrix[1][3]   -0.01247948 
_atom_sites.fract_transf_matrix[2][1]   -0.00142766 
_atom_sites.fract_transf_matrix[2][2]   -0.01500334 
_atom_sites.fract_transf_matrix[2][3]   -0.01084584 
_atom_sites.fract_transf_matrix[3][1]   -0.00598829 
_atom_sites.fract_transf_matrix[3][2]   0.00658202 
_atom_sites.fract_transf_matrix[3][3]   -0.00831684 
_atom_sites.fract_transf_vector[1]      0.001322 
_atom_sites.fract_transf_vector[2]      -0.367589 
_atom_sites.fract_transf_vector[3]      0.000505 
# 
loop_
_atom_type.symbol 
C 
N 
O 
S 
# 
loop_
_atom_site.group_PDB 
_atom_site.id 
_atom_site.type_symbol 
_atom_site.label_atom_id 
_atom_site.label_alt_id 
_atom_site.label_comp_id 
_atom_site.label_asym_id 
_atom_site.label_entity_id 
_atom_site.label_seq_id 
_atom_site.pdbx_PDB_ins_code 
_atom_site.Cartn_x 
_atom_site.Cartn_y 
_atom_site.Cartn_z 
_atom_site.occupancy 
_atom_site.B_iso_or_equiv 
_atom_site.pdbx_formal_charge 
_atom_site.auth_seq_id 
_atom_site.auth_comp_id 
_atom_site.auth_asym_id 
_atom_site.auth_atom_id 
_atom_site.pdbx_PDB_model_num 
ATOM   1    N N   . PRO A 1 1  ? 16.028  10.116  1.759   1.00 17.82 ? 1   PRO A N   1 
ATOM   2    C CA  . PRO A 1 1  ? 15.535  11.043  0.741   1.00 17.60 ? 1   PRO A CA  1 
ATOM   3    C C   . PRO A 1 1  ? 14.040  11.315  0.882   1.00 17.28 ? 1   PRO A C   1 
ATOM   4    O O   . PRO A 1 1  ? 13.305  10.460  1.380   1.00 17.12 ? 1   PRO A O   1 
ATOM   5    C CB  . PRO A 1 1  ? 15.795  10.289  -0.568  1.00 17.76 ? 1   PRO A CB  1 
ATOM   6    C CG  . PRO A 1 1  ? 15.744  8.845   -0.191  1.00 17.79 ? 1   PRO A CG  1 
ATOM   7    C CD  . PRO A 1 1  ? 16.293  8.771   1.213   1.00 17.80 ? 1   PRO A CD  1 
ATOM   8    N N   . GLN A 1 2  ? 13.601  12.502  0.464   1.00 16.96 ? 2   GLN A N   1 
ATOM   9    C CA  . GLN A 1 2  ? 12.170  12.762  0.309   1.00 16.56 ? 2   GLN A CA  1 
ATOM   10   C C   . GLN A 1 2  ? 11.749  12.218  -1.057  1.00 16.17 ? 2   GLN A C   1 
ATOM   11   O O   . GLN A 1 2  ? 12.479  12.393  -2.038  1.00 16.43 ? 2   GLN A O   1 
ATOM   12   C CB  . GLN A 1 2  ? 11.858  14.253  0.432   1.00 16.21 ? 2   GLN A CB  1 
ATOM   13   N N   . ILE A 1 3  ? 10.596  11.558  -1.124  1.00 15.15 ? 3   ILE A N   1 
ATOM   14   C CA  . ILE A 1 3  ? 10.078  11.035  -2.382  1.00 14.64 ? 3   ILE A CA  1 
ATOM   15   C C   . ILE A 1 3  ? 8.639   11.494  -2.704  1.00 14.55 ? 3   ILE A C   1 
ATOM   16   O O   . ILE A 1 3  ? 7.729   11.356  -1.884  1.00 14.40 ? 3   ILE A O   1 
ATOM   17   C CB  . ILE A 1 3  ? 10.177  9.508   -2.392  1.00 14.31 ? 3   ILE A CB  1 
ATOM   18   N N   . THR A 1 4  ? 8.420   12.044  -3.896  1.00 13.68 ? 4   THR A N   1 
ATOM   19   C CA  . THR A 1 4  ? 7.048   12.302  -4.325  1.00 13.12 ? 4   THR A CA  1 
ATOM   20   C C   . THR A 1 4  ? 6.396   11.041  -4.862  1.00 12.59 ? 4   THR A C   1 
ATOM   21   O O   . THR A 1 4  ? 7.060   10.037  -5.078  1.00 12.72 ? 4   THR A O   1 
ATOM   22   C CB  . THR A 1 4  ? 6.898   13.451  -5.343  1.00 13.07 ? 4   THR A CB  1 
ATOM   23   O OG1 . THR A 1 4  ? 7.776   13.246  -6.449  1.00 13.39 ? 4   THR A OG1 1 
ATOM   24   C CG2 . THR A 1 4  ? 7.178   14.783  -4.708  1.00 12.52 ? 4   THR A CG2 1 
ATOM   25   N N   . LEU A 1 5  ? 5.089   11.109  -5.080  1.00 11.91 ? 5   LEU A N   1 
ATOM   26   C CA  . LEU A 1 5  ? 4.276   9.924   -5.307  1.00 11.05 ? 5   LEU A CA  1 
ATOM   27   C C   . LEU A 1 5  ? 3.583   9.921   -6.664  1.00 10.88 ? 5   LEU A C   1 
ATOM   28   O O   . LEU A 1 5  ? 2.574   9.243   -6.850  1.00 11.04 ? 5   LEU A O   1 
ATOM   29   C CB  . LEU A 1 5  ? 3.267   9.756   -4.159  1.00 10.78 ? 5   LEU A CB  1 
ATOM   30   C CG  . LEU A 1 5  ? 3.860   9.487   -2.763  1.00 10.24 ? 5   LEU A CG  1 
ATOM   31   C CD1 . LEU A 1 5  ? 2.860   9.673   -1.648  1.00 9.64  ? 5   LEU A CD1 1 
ATOM   32   C CD2 . LEU A 1 5  ? 4.498   8.120   -2.662  1.00 7.80  ? 5   LEU A CD2 1 
ATOM   33   N N   . TRP A 1 6  ? 4.135   10.679  -7.611  1.00 10.23 ? 6   TRP A N   1 
ATOM   34   C CA  . TRP A 1 6  ? 3.633   10.694  -8.981  1.00 9.25  ? 6   TRP A CA  1 
ATOM   35   C C   . TRP A 1 6  ? 4.060   9.447   -9.733  1.00 9.43  ? 6   TRP A C   1 
ATOM   36   O O   . TRP A 1 6  ? 3.497   9.116   -10.772 1.00 9.81  ? 6   TRP A O   1 
ATOM   37   C CB  . TRP A 1 6  ? 4.150   11.917  -9.714  1.00 8.55  ? 6   TRP A CB  1 
ATOM   38   C CG  . TRP A 1 6  ? 3.940   13.146  -8.956  1.00 7.66  ? 6   TRP A CG  1 
ATOM   39   C CD1 . TRP A 1 6  ? 4.779   13.699  -8.058  1.00 7.67  ? 6   TRP A CD1 1 
ATOM   40   C CD2 . TRP A 1 6  ? 2.800   13.985  -9.013  1.00 5.40  ? 6   TRP A CD2 1 
ATOM   41   N NE1 . TRP A 1 6  ? 4.241   14.848  -7.545  1.00 6.47  ? 6   TRP A NE1 1 
ATOM   42   C CE2 . TRP A 1 6  ? 3.019   15.046  -8.121  1.00 5.44  ? 6   TRP A CE2 1 
ATOM   43   C CE3 . TRP A 1 6  ? 1.614   13.943  -9.729  1.00 4.15  ? 6   TRP A CE3 1 
ATOM   44   C CZ2 . TRP A 1 6  ? 2.101   16.048  -7.923  1.00 5.08  ? 6   TRP A CZ2 1 
ATOM   45   C CZ3 . TRP A 1 6  ? 0.715   14.933  -9.540  1.00 6.21  ? 6   TRP A CZ3 1 
ATOM   46   C CH2 . TRP A 1 6  ? 0.956   15.978  -8.644  1.00 5.94  ? 6   TRP A CH2 1 
ATOM   47   N N   . GLN A 1 7  ? 5.072   8.776   -9.202  1.00 8.78  ? 7   GLN A N   1 
ATOM   48   C CA  . GLN A 1 7  ? 5.568   7.542   -9.755  1.00 8.71  ? 7   GLN A CA  1 
ATOM   49   C C   . GLN A 1 7  ? 5.483   6.497   -8.664  1.00 8.91  ? 7   GLN A C   1 
ATOM   50   O O   . GLN A 1 7  ? 5.648   6.810   -7.506  1.00 9.30  ? 7   GLN A O   1 
ATOM   51   C CB  . GLN A 1 7  ? 7.002   7.734   -10.196 1.00 8.75  ? 7   GLN A CB  1 
ATOM   52   N N   . ARG A 1 8  ? 5.233   5.246   -9.013  1.00 8.71  ? 8   ARG A N   1 
ATOM   53   C CA  . ARG A 1 8  ? 5.248   4.210   -7.989  1.00 8.52  ? 8   ARG A CA  1 
ATOM   54   C C   . ARG A 1 8  ? 6.580   4.290   -7.240  1.00 8.14  ? 8   ARG A C   1 
ATOM   55   O O   . ARG A 1 8  ? 7.635   4.297   -7.879  1.00 8.01  ? 8   ARG A O   1 
ATOM   56   C CB  . ARG A 1 8  ? 5.042   2.827   -8.615  1.00 8.32  ? 8   ARG A CB  1 
ATOM   57   C CG  . ARG A 1 8  ? 3.610   2.610   -9.093  1.00 9.88  ? 8   ARG A CG  1 
ATOM   58   C CD  . ARG A 1 8  ? 3.451   1.442   -10.064 1.00 12.49 ? 8   ARG A CD  1 
ATOM   59   N NE  . ARG A 1 8  ? 3.957   0.195   -9.495  1.00 14.76 ? 8   ARG A NE  1 
ATOM   60   C CZ  . ARG A 1 8  ? 3.529   -1.021  -9.824  1.00 16.20 ? 8   ARG A CZ  1 
ATOM   61   N NH1 . ARG A 1 8  ? 2.552   -1.190  -10.720 1.00 14.88 ? 8   ARG A NH1 1 
ATOM   62   N NH2 . ARG A 1 8  ? 4.079   -2.074  -9.229  1.00 17.30 ? 8   ARG A NH2 1 
ATOM   63   N N   . PRO A 1 9  ? 6.536   4.357   -5.889  1.00 7.61  ? 9   PRO A N   1 
ATOM   64   C CA  . PRO A 1 9  ? 7.746   4.465   -5.075  1.00 7.28  ? 9   PRO A CA  1 
ATOM   65   C C   . PRO A 1 9  ? 8.549   3.157   -4.973  1.00 7.43  ? 9   PRO A C   1 
ATOM   66   O O   . PRO A 1 9  ? 8.458   2.432   -3.974  1.00 7.84  ? 9   PRO A O   1 
ATOM   67   C CB  . PRO A 1 9  ? 7.207   4.923   -3.716  1.00 6.55  ? 9   PRO A CB  1 
ATOM   68   C CG  . PRO A 1 9  ? 5.862   4.358   -3.652  1.00 6.23  ? 9   PRO A CG  1 
ATOM   69   C CD  . PRO A 1 9  ? 5.322   4.336   -5.054  1.00 7.38  ? 9   PRO A CD  1 
ATOM   70   N N   . LEU A 1 10 ? 9.337   2.879   -6.012  1.00 7.47  ? 10  LEU A N   1 
ATOM   71   C CA  . LEU A 1 10 ? 10.153  1.670   -6.114  1.00 7.32  ? 10  LEU A CA  1 
ATOM   72   C C   . LEU A 1 10 ? 11.562  1.948   -5.617  1.00 7.39  ? 10  LEU A C   1 
ATOM   73   O O   . LEU A 1 10 ? 12.168  2.942   -6.016  1.00 7.61  ? 10  LEU A O   1 
ATOM   74   C CB  . LEU A 1 10 ? 10.261  1.249   -7.579  1.00 7.21  ? 10  LEU A CB  1 
ATOM   75   C CG  . LEU A 1 10 ? 9.070   0.664   -8.335  1.00 7.89  ? 10  LEU A CG  1 
ATOM   76   C CD1 . LEU A 1 10 ? 9.340   0.726   -9.838  1.00 9.15  ? 10  LEU A CD1 1 
ATOM   77   C CD2 . LEU A 1 10 ? 8.758   -0.770  -7.909  1.00 8.13  ? 10  LEU A CD2 1 
ATOM   78   N N   . VAL A 1 11 ? 12.101  1.076   -4.769  1.00 7.45  ? 11  VAL A N   1 
ATOM   79   C CA  . VAL A 1 11 ? 13.501  1.200   -4.368  1.00 7.50  ? 11  VAL A CA  1 
ATOM   80   C C   . VAL A 1 11 ? 14.272  -0.058  -4.703  1.00 8.41  ? 11  VAL A C   1 
ATOM   81   O O   . VAL A 1 11 ? 13.687  -1.132  -4.819  1.00 9.28  ? 11  VAL A O   1 
ATOM   82   C CB  . VAL A 1 11 ? 13.682  1.523   -2.874  1.00 7.15  ? 11  VAL A CB  1 
ATOM   83   C CG1 . VAL A 1 11 ? 13.228  2.944   -2.573  1.00 6.64  ? 11  VAL A CG1 1 
ATOM   84   C CG2 . VAL A 1 11 ? 12.967  0.501   -2.002  1.00 7.30  ? 11  VAL A CG2 1 
ATOM   85   N N   . THR A 1 12 ? 15.581  0.073   -4.875  1.00 9.49  ? 12  THR A N   1 
ATOM   86   C CA  . THR A 1 12 ? 16.417  -1.094  -5.087  1.00 10.39 ? 12  THR A CA  1 
ATOM   87   C C   . THR A 1 12 ? 16.787  -1.625  -3.714  1.00 11.19 ? 12  THR A C   1 
ATOM   88   O O   . THR A 1 12 ? 17.229  -0.862  -2.850  1.00 11.55 ? 12  THR A O   1 
ATOM   89   C CB  . THR A 1 12 ? 17.703  -0.792  -5.892  1.00 10.26 ? 12  THR A CB  1 
ATOM   90   O OG1 . THR A 1 12 ? 17.370  -0.236  -7.170  1.00 10.08 ? 12  THR A OG1 1 
ATOM   91   C CG2 . THR A 1 12 ? 18.467  -2.074  -6.128  1.00 10.72 ? 12  THR A CG2 1 
ATOM   92   N N   . ILE A 1 13 ? 16.589  -2.929  -3.521  1.00 12.05 ? 13  ILE A N   1 
ATOM   93   C CA  . ILE A 1 13 ? 16.972  -3.603  -2.278  1.00 12.62 ? 13  ILE A CA  1 
ATOM   94   C C   . ILE A 1 13 ? 17.942  -4.768  -2.484  1.00 12.49 ? 13  ILE A C   1 
ATOM   95   O O   . ILE A 1 13 ? 17.857  -5.488  -3.479  1.00 12.76 ? 13  ILE A O   1 
ATOM   96   C CB  . ILE A 1 13 ? 15.748  -4.133  -1.510  1.00 12.77 ? 13  ILE A CB  1 
ATOM   97   C CG1 . ILE A 1 13 ? 15.051  -5.227  -2.321  1.00 12.30 ? 13  ILE A CG1 1 
ATOM   98   C CG2 . ILE A 1 13 ? 14.813  -2.972  -1.131  1.00 13.55 ? 13  ILE A CG2 1 
ATOM   99   C CD1 . ILE A 1 13 ? 14.058  -6.006  -1.522  1.00 13.92 ? 13  ILE A CD1 1 
ATOM   100  N N   . LYS A 1 14 ? 18.857  -4.945  -1.534  1.00 12.14 ? 14  LYS A N   1 
ATOM   101  C CA  . LYS A 1 14 ? 19.738  -6.097  -1.536  1.00 12.01 ? 14  LYS A CA  1 
ATOM   102  C C   . LYS A 1 14 ? 19.348  -7.051  -0.413  1.00 12.40 ? 14  LYS A C   1 
ATOM   103  O O   . LYS A 1 14 ? 19.450  -6.710  0.766   1.00 12.30 ? 14  LYS A O   1 
ATOM   104  C CB  . LYS A 1 14 ? 21.197  -5.682  -1.383  1.00 11.69 ? 14  LYS A CB  1 
ATOM   105  C CG  . LYS A 1 14 ? 22.142  -6.851  -1.571  1.00 11.64 ? 14  LYS A CG  1 
ATOM   106  C CD  . LYS A 1 14 ? 23.546  -6.476  -1.203  1.00 13.56 ? 14  LYS A CD  1 
ATOM   107  C CE  . LYS A 1 14 ? 24.460  -7.684  -1.304  1.00 15.19 ? 14  LYS A CE  1 
ATOM   108  N NZ  . LYS A 1 14 ? 25.893  -7.268  -1.246  1.00 15.20 ? 14  LYS A NZ  1 
ATOM   109  N N   . ILE A 1 15 ? 18.909  -8.248  -0.788  1.00 12.74 ? 15  ILE A N   1 
ATOM   110  C CA  . ILE A 1 15 ? 18.473  -9.252  0.182   1.00 13.02 ? 15  ILE A CA  1 
ATOM   111  C C   . ILE A 1 15 ? 19.060  -10.630 -0.150  1.00 13.31 ? 15  ILE A C   1 
ATOM   112  O O   . ILE A 1 15 ? 18.806  -11.190 -1.225  1.00 13.43 ? 15  ILE A O   1 
ATOM   113  C CB  . ILE A 1 15 ? 16.918  -9.262  0.363   1.00 13.14 ? 15  ILE A CB  1 
ATOM   114  C CG1 . ILE A 1 15 ? 16.476  -10.361 1.331   1.00 13.16 ? 15  ILE A CG1 1 
ATOM   115  C CG2 . ILE A 1 15 ? 16.174  -9.370  -0.976  1.00 12.73 ? 15  ILE A CG2 1 
ATOM   116  C CD1 . ILE A 1 15 ? 15.011  -10.265 1.711   1.00 13.18 ? 15  ILE A CD1 1 
ATOM   117  N N   . GLY A 1 16 ? 19.879  -11.148 0.762   1.00 13.19 ? 16  GLY A N   1 
ATOM   118  C CA  . GLY A 1 16 ? 20.546  -12.432 0.563   1.00 13.08 ? 16  GLY A CA  1 
ATOM   119  C C   . GLY A 1 16 ? 21.415  -12.511 -0.682  1.00 12.72 ? 16  GLY A C   1 
ATOM   120  O O   . GLY A 1 16 ? 21.425  -13.529 -1.382  1.00 13.08 ? 16  GLY A O   1 
ATOM   121  N N   . GLY A 1 17 ? 22.149  -11.438 -0.959  1.00 12.50 ? 17  GLY A N   1 
ATOM   122  C CA  . GLY A 1 17 ? 22.987  -11.367 -2.158  1.00 12.12 ? 17  GLY A CA  1 
ATOM   123  C C   . GLY A 1 17 ? 22.214  -11.041 -3.426  1.00 11.96 ? 17  GLY A C   1 
ATOM   124  O O   . GLY A 1 17 ? 22.802  -10.681 -4.446  1.00 11.85 ? 17  GLY A O   1 
ATOM   125  N N   . GLN A 1 18 ? 20.890  -11.174 -3.369  1.00 11.93 ? 18  GLN A N   1 
ATOM   126  C CA  . GLN A 1 18 ? 20.036  -10.938 -4.531  1.00 11.36 ? 18  GLN A CA  1 
ATOM   127  C C   . GLN A 1 18 ? 19.631  -9.472  -4.596  1.00 10.81 ? 18  GLN A C   1 
ATOM   128  O O   . GLN A 1 18 ? 19.253  -8.880  -3.572  1.00 10.65 ? 18  GLN A O   1 
ATOM   129  C CB  . GLN A 1 18 ? 18.790  -11.821 -4.458  1.00 11.63 ? 18  GLN A CB  1 
ATOM   130  C CG  . GLN A 1 18 ? 19.015  -13.258 -4.880  1.00 12.28 ? 18  GLN A CG  1 
ATOM   131  C CD  . GLN A 1 18 ? 18.105  -14.221 -4.137  1.00 14.17 ? 18  GLN A CD  1 
ATOM   132  O OE1 . GLN A 1 18 ? 17.187  -14.804 -4.718  1.00 16.09 ? 18  GLN A OE1 1 
ATOM   133  N NE2 . GLN A 1 18 ? 18.358  -14.395 -2.848  1.00 13.37 ? 18  GLN A NE2 1 
ATOM   134  N N   . LEU A 1 19 ? 19.723  -8.891  -5.792  1.00 9.96  ? 19  LEU A N   1 
ATOM   135  C CA  . LEU A 1 19 ? 19.254  -7.520  -6.013  1.00 9.43  ? 19  LEU A CA  1 
ATOM   136  C C   . LEU A 1 19 ? 17.833  -7.535  -6.580  1.00 9.34  ? 19  LEU A C   1 
ATOM   137  O O   . LEU A 1 19 ? 17.554  -8.252  -7.547  1.00 9.01  ? 19  LEU A O   1 
ATOM   138  C CB  . LEU A 1 19 ? 20.195  -6.756  -6.954  1.00 8.97  ? 19  LEU A CB  1 
ATOM   139  C CG  . LEU A 1 19 ? 21.703  -6.873  -6.710  1.00 8.48  ? 19  LEU A CG  1 
ATOM   140  C CD1 . LEU A 1 19 ? 22.482  -6.145  -7.790  1.00 5.66  ? 19  LEU A CD1 1 
ATOM   141  C CD2 . LEU A 1 19 ? 22.119  -6.393  -5.324  1.00 6.21  ? 19  LEU A CD2 1 
ATOM   142  N N   . ARG A 1 20 ? 16.936  -6.760  -5.973  1.00 9.20  ? 20  ARG A N   1 
ATOM   143  C CA  . ARG A 1 20 ? 15.544  -6.666  -6.444  1.00 9.46  ? 20  ARG A CA  1 
ATOM   144  C C   . ARG A 1 20 ? 14.986  -5.239  -6.355  1.00 8.96  ? 20  ARG A C   1 
ATOM   145  O O   . ARG A 1 20 ? 15.582  -4.356  -5.740  1.00 8.89  ? 20  ARG A O   1 
ATOM   146  C CB  . ARG A 1 20 ? 14.621  -7.640  -5.675  1.00 9.51  ? 20  ARG A CB  1 
ATOM   147  C CG  . ARG A 1 20 ? 14.912  -9.144  -5.824  1.00 9.54  ? 20  ARG A CG  1 
ATOM   148  C CD  . ARG A 1 20 ? 14.711  -9.641  -7.261  1.00 12.01 ? 20  ARG A CD  1 
ATOM   149  N NE  . ARG A 1 20 ? 14.814  -11.101 -7.374  1.00 13.52 ? 20  ARG A NE  1 
ATOM   150  C CZ  . ARG A 1 20 ? 15.886  -11.764 -7.805  1.00 12.17 ? 20  ARG A CZ  1 
ATOM   151  N NH1 . ARG A 1 20 ? 16.984  -11.119 -8.177  1.00 13.45 ? 20  ARG A NH1 1 
ATOM   152  N NH2 . ARG A 1 20 ? 15.871  -13.086 -7.843  1.00 11.22 ? 20  ARG A NH2 1 
ATOM   153  N N   . GLU A 1 21 ? 13.839  -5.014  -6.984  1.00 8.63  ? 21  GLU A N   1 
ATOM   154  C CA  . GLU A 1 21 ? 13.098  -3.785  -6.759  1.00 8.53  ? 21  GLU A CA  1 
ATOM   155  C C   . GLU A 1 21 ? 11.828  -4.090  -5.961  1.00 7.95  ? 21  GLU A C   1 
ATOM   156  O O   . GLU A 1 21 ? 11.288  -5.207  -6.038  1.00 7.75  ? 21  GLU A O   1 
ATOM   157  C CB  . GLU A 1 21 ? 12.770  -3.097  -8.082  1.00 8.97  ? 21  GLU A CB  1 
ATOM   158  C CG  . GLU A 1 21 ? 13.730  -1.955  -8.429  1.00 12.25 ? 21  GLU A CG  1 
ATOM   159  C CD  . GLU A 1 21 ? 13.606  -1.503  -9.875  1.00 15.58 ? 21  GLU A CD  1 
ATOM   160  O OE1 . GLU A 1 21 ? 13.364  -2.383  -10.736 1.00 18.73 ? 21  GLU A OE1 1 
ATOM   161  O OE2 . GLU A 1 21 ? 13.774  -0.293  -10.156 1.00 15.80 ? 21  GLU A OE2 1 
ATOM   162  N N   . ALA A 1 22 ? 11.366  -3.103  -5.192  1.00 6.39  ? 22  ALA A N   1 
ATOM   163  C CA  . ALA A 1 22 ? 10.220  -3.283  -4.313  1.00 5.38  ? 22  ALA A CA  1 
ATOM   164  C C   . ALA A 1 22 ? 9.532   -1.962  -3.984  1.00 5.00  ? 22  ALA A C   1 
ATOM   165  O O   . ALA A 1 22 ? 10.176  -0.922  -3.860  1.00 5.41  ? 22  ALA A O   1 
ATOM   166  C CB  . ALA A 1 22 ? 10.657  -3.978  -3.039  1.00 5.27  ? 22  ALA A CB  1 
ATOM   167  N N   . LEU A 1 23 ? 8.221   -2.010  -3.829  1.00 4.41  ? 23  LEU A N   1 
ATOM   168  C CA  . LEU A 1 23 ? 7.414   -0.827  -3.564  1.00 3.46  ? 23  LEU A CA  1 
ATOM   169  C C   . LEU A 1 23 ? 7.388   -0.518  -2.074  1.00 3.18  ? 23  LEU A C   1 
ATOM   170  O O   . LEU A 1 23 ? 7.196   -1.407  -1.268  1.00 3.12  ? 23  LEU A O   1 
ATOM   171  C CB  . LEU A 1 23 ? 5.982   -1.178  -4.030  1.00 3.46  ? 23  LEU A CB  1 
ATOM   172  C CG  . LEU A 1 23 ? 4.948   -0.110  -4.457  1.00 2.73  ? 23  LEU A CG  1 
ATOM   173  C CD1 . LEU A 1 23 ? 5.373   0.504   -5.752  1.00 2.00  ? 23  LEU A CD1 1 
ATOM   174  C CD2 . LEU A 1 23 ? 3.638   -0.815  -4.610  1.00 2.75  ? 23  LEU A CD2 1 
ATOM   175  N N   . LEU A 1 24 ? 7.600   0.741   -1.710  1.00 2.74  ? 24  LEU A N   1 
ATOM   176  C CA  . LEU A 1 24 ? 7.434   1.186   -0.333  1.00 2.00  ? 24  LEU A CA  1 
ATOM   177  C C   . LEU A 1 24 ? 5.956   1.416   -0.054  1.00 2.00  ? 24  LEU A C   1 
ATOM   178  O O   . LEU A 1 24 ? 5.347   2.340   -0.556  1.00 2.30  ? 24  LEU A O   1 
ATOM   179  C CB  . LEU A 1 24 ? 8.213   2.463   -0.093  1.00 2.00  ? 24  LEU A CB  1 
ATOM   180  C CG  . LEU A 1 24 ? 9.697   2.538   -0.408  1.00 2.00  ? 24  LEU A CG  1 
ATOM   181  C CD1 . LEU A 1 24 ? 10.098  3.984   -0.432  1.00 2.00  ? 24  LEU A CD1 1 
ATOM   182  C CD2 . LEU A 1 24 ? 10.495  1.782   0.615   1.00 2.00  ? 24  LEU A CD2 1 
ATOM   183  N N   . ASN A 1 25 ? 5.392   0.546   0.761   1.00 2.00  ? 25  ASN A N   1 
ATOM   184  C CA  . ASN A 1 25 ? 3.967   0.357   0.852   1.00 2.00  ? 25  ASN A CA  1 
ATOM   185  C C   . ASN A 1 25 ? 3.537   0.669   2.261   1.00 2.00  ? 25  ASN A C   1 
ATOM   186  O O   . ASN A 1 25 ? 3.745   -0.137  3.155   1.00 2.00  ? 25  ASN A O   1 
ATOM   187  C CB  . ASN A 1 25 ? 3.665   -1.108  0.549   1.00 2.00  ? 25  ASN A CB  1 
ATOM   188  C CG  . ASN A 1 25 ? 2.271   -1.328  0.035   1.00 2.11  ? 25  ASN A CG  1 
ATOM   189  O OD1 . ASN A 1 25 ? 1.442   -0.448  0.077   1.00 4.25  ? 25  ASN A OD1 1 
ATOM   190  N ND2 . ASN A 1 25 ? 2.014   -2.507  -0.468  1.00 3.13  ? 25  ASN A ND2 1 
ATOM   191  N N   . THR A 1 26 ? 2.956   1.849   2.461   1.00 2.00  ? 26  THR A N   1 
ATOM   192  C CA  . THR A 1 26 ? 2.435   2.227   3.772   1.00 2.00  ? 26  THR A CA  1 
ATOM   193  C C   . THR A 1 26 ? 1.152   1.468   4.040   1.00 2.00  ? 26  THR A C   1 
ATOM   194  O O   . THR A 1 26 ? 0.704   1.369   5.167   1.00 2.00  ? 26  THR A O   1 
ATOM   195  C CB  . THR A 1 26 ? 2.160   3.727   3.885   1.00 2.00  ? 26  THR A CB  1 
ATOM   196  O OG1 . THR A 1 26 ? 1.454   4.164   2.726   1.00 2.00  ? 26  THR A OG1 1 
ATOM   197  C CG2 . THR A 1 26 ? 3.434   4.502   4.003   1.00 2.00  ? 26  THR A CG2 1 
ATOM   198  N N   . GLY A 1 27 ? 0.565   0.924   2.992   1.00 2.00  ? 27  GLY A N   1 
ATOM   199  C CA  . GLY A 1 27 ? -0.670  0.170   3.135   1.00 2.00  ? 27  GLY A CA  1 
ATOM   200  C C   . GLY A 1 27 ? -0.419  -1.307  3.357   1.00 2.00  ? 27  GLY A C   1 
ATOM   201  O O   . GLY A 1 27 ? -1.318  -2.118  3.136   1.00 2.00  ? 27  GLY A O   1 
ATOM   202  N N   . ALA A 1 28 ? 0.798   -1.651  3.784   1.00 2.00  ? 28  ALA A N   1 
ATOM   203  C CA  . ALA A 1 28 ? 1.190   -3.036  4.052   1.00 2.00  ? 28  ALA A CA  1 
ATOM   204  C C   . ALA A 1 28 ? 1.784   -3.148  5.450   1.00 2.28  ? 28  ALA A C   1 
ATOM   205  O O   . ALA A 1 28 ? 2.597   -2.317  5.850   1.00 2.27  ? 28  ALA A O   1 
ATOM   206  C CB  . ALA A 1 28 ? 2.194   -3.536  3.011   1.00 2.00  ? 28  ALA A CB  1 
ATOM   207  N N   . ASP A 1 29 ? 1.377   -4.180  6.183   1.00 2.96  ? 29  ASP A N   1 
ATOM   208  C CA  . ASP A 1 29 ? 1.879   -4.413  7.528   1.00 3.50  ? 29  ASP A CA  1 
ATOM   209  C C   . ASP A 1 29 ? 3.215   -5.131  7.482   1.00 3.86  ? 29  ASP A C   1 
ATOM   210  O O   . ASP A 1 29 ? 4.087   -4.875  8.317   1.00 4.20  ? 29  ASP A O   1 
ATOM   211  C CB  . ASP A 1 29 ? 0.878   -5.238  8.334   1.00 3.59  ? 29  ASP A CB  1 
ATOM   212  C CG  . ASP A 1 29 ? -0.471  -4.556  8.469   1.00 4.28  ? 29  ASP A CG  1 
ATOM   213  O OD1 . ASP A 1 29 ? -0.550  -3.311  8.340   1.00 3.15  ? 29  ASP A OD1 1 
ATOM   214  O OD2 . ASP A 1 29 ? -1.460  -5.282  8.704   1.00 6.28  ? 29  ASP A OD2 1 
ATOM   215  N N   . ASP A 1 30 ? 3.361   -6.018  6.500   1.00 3.96  ? 30  ASP A N   1 
ATOM   216  C CA  . ASP A 1 30 ? 4.556   -6.842  6.334   1.00 4.01  ? 30  ASP A CA  1 
ATOM   217  C C   . ASP A 1 30 ? 5.313   -6.582  5.022   1.00 4.19  ? 30  ASP A C   1 
ATOM   218  O O   . ASP A 1 30 ? 4.853   -5.841  4.141   1.00 4.53  ? 30  ASP A O   1 
ATOM   219  C CB  . ASP A 1 30 ? 4.174   -8.320  6.379   1.00 4.20  ? 30  ASP A CB  1 
ATOM   220  C CG  . ASP A 1 30 ? 3.121   -8.623  7.420   1.00 4.37  ? 30  ASP A CG  1 
ATOM   221  O OD1 . ASP A 1 30 ? 3.355   -8.328  8.609   1.00 4.74  ? 30  ASP A OD1 1 
ATOM   222  O OD2 . ASP A 1 30 ? 2.068   -9.186  7.047   1.00 6.04  ? 30  ASP A OD2 1 
ATOM   223  N N   . THR A 1 31 ? 6.468   -7.230  4.901   1.00 3.63  ? 31  THR A N   1 
ATOM   224  C CA  . THR A 1 31 ? 7.307   -7.163  3.713   1.00 3.71  ? 31  THR A CA  1 
ATOM   225  C C   . THR A 1 31 ? 7.157   -8.457  2.896   1.00 4.20  ? 31  THR A C   1 
ATOM   226  O O   . THR A 1 31 ? 7.397   -9.553  3.406   1.00 4.32  ? 31  THR A O   1 
ATOM   227  C CB  . THR A 1 31 ? 8.768   -6.945  4.141   1.00 3.05  ? 31  THR A CB  1 
ATOM   228  O OG1 . THR A 1 31 ? 8.872   -5.675  4.783   1.00 2.79  ? 31  THR A OG1 1 
ATOM   229  C CG2 . THR A 1 31 ? 9.721   -6.989  2.969   1.00 3.28  ? 31  THR A CG2 1 
ATOM   230  N N   . VAL A 1 32 ? 6.755   -8.336  1.635   1.00 4.77  ? 32  VAL A N   1 
ATOM   231  C CA  . VAL A 1 32 ? 6.512   -9.526  0.820   1.00 5.89  ? 32  VAL A CA  1 
ATOM   232  C C   . VAL A 1 32 ? 7.241   -9.529  -0.524  1.00 6.99  ? 32  VAL A C   1 
ATOM   233  O O   . VAL A 1 32 ? 7.091   -8.605  -1.331  1.00 7.37  ? 32  VAL A O   1 
ATOM   234  C CB  . VAL A 1 32 ? 5.018   -9.754  0.545   1.00 5.59  ? 32  VAL A CB  1 
ATOM   235  C CG1 . VAL A 1 32 ? 4.795   -11.201 0.103   1.00 4.65  ? 32  VAL A CG1 1 
ATOM   236  C CG2 . VAL A 1 32 ? 4.176   -9.404  1.776   1.00 5.22  ? 32  VAL A CG2 1 
ATOM   237  N N   . LEU A 1 33 ? 8.010   -10.580 -0.774  1.00 7.58  ? 33  LEU A N   1 
ATOM   238  C CA  . LEU A 1 33 ? 8.738   -10.691 -2.021  1.00 8.69  ? 33  LEU A CA  1 
ATOM   239  C C   . LEU A 1 33 ? 8.393   -11.983 -2.758  1.00 9.49  ? 33  LEU A C   1 
ATOM   240  O O   . LEU A 1 33 ? 8.067   -12.983 -2.122  1.00 9.80  ? 33  LEU A O   1 
ATOM   241  C CB  . LEU A 1 33 ? 10.232  -10.590 -1.738  1.00 8.89  ? 33  LEU A CB  1 
ATOM   242  C CG  . LEU A 1 33 ? 10.905  -9.221  -1.634  1.00 9.97  ? 33  LEU A CG  1 
ATOM   243  C CD1 . LEU A 1 33 ? 10.346  -8.365  -0.530  1.00 10.63 ? 33  LEU A CD1 1 
ATOM   244  C CD2 . LEU A 1 33 ? 12.370  -9.441  -1.409  1.00 10.81 ? 33  LEU A CD2 1 
ATOM   245  N N   . GLU A 1 34 ? 8.455   -11.950 -4.092  1.00 11.16 ? 34  GLU A N   1 
ATOM   246  C CA  . GLU A 1 34 ? 8.079   -13.088 -4.939  1.00 11.55 ? 34  GLU A CA  1 
ATOM   247  C C   . GLU A 1 34 ? 9.272   -13.823 -5.527  1.00 11.90 ? 34  GLU A C   1 
ATOM   248  O O   . GLU A 1 34 ? 9.380   -15.049 -5.439  1.00 11.33 ? 34  GLU A O   1 
ATOM   249  C CB  . GLU A 1 34 ? 7.165   -12.643 -6.056  1.00 11.40 ? 34  GLU A CB  1 
ATOM   250  N N   . ASP A 1 35 ? 10.167  -13.072 -6.145  1.00 11.15 ? 35  ASP A N   1 
ATOM   251  C CA  . ASP A 1 35 ? 11.222  -13.680 -6.926  1.00 11.18 ? 35  ASP A CA  1 
ATOM   252  C C   . ASP A 1 35 ? 12.492  -13.897 -6.142  1.00 11.82 ? 35  ASP A C   1 
ATOM   253  O O   . ASP A 1 35 ? 13.568  -13.884 -6.718  1.00 12.17 ? 35  ASP A O   1 
ATOM   254  C CB  . ASP A 1 35 ? 11.514  -12.825 -8.148  1.00 10.83 ? 35  ASP A CB  1 
ATOM   255  C CG  . ASP A 1 35 ? 11.446  -11.359 -7.851  1.00 9.91  ? 35  ASP A CG  1 
ATOM   256  O OD1 . ASP A 1 35 ? 11.401  -10.983 -6.681  1.00 10.04 ? 35  ASP A OD1 1 
ATOM   257  O OD2 . ASP A 1 35 ? 11.427  -10.563 -8.790  1.00 8.82  ? 35  ASP A OD2 1 
ATOM   258  N N   . ILE A 1 36 ? 12.384  -14.087 -4.834  1.00 12.79 ? 36  ILE A N   1 
ATOM   259  C CA  . ILE A 1 36 ? 13.566  -14.325 -4.023  1.00 13.20 ? 36  ILE A CA  1 
ATOM   260  C C   . ILE A 1 36 ? 13.589  -15.751 -3.496  1.00 13.91 ? 36  ILE A C   1 
ATOM   261  O O   . ILE A 1 36 ? 12.629  -16.492 -3.618  1.00 13.86 ? 36  ILE A O   1 
ATOM   262  C CB  . ILE A 1 36 ? 13.691  -13.309 -2.910  1.00 12.61 ? 36  ILE A CB  1 
ATOM   263  N N   . ASN A 1 37 ? 14.720  -16.140 -2.937  1.00 14.88 ? 37  ASN A N   1 
ATOM   264  C CA  . ASN A 1 37 ? 14.918  -17.477 -2.432  1.00 15.42 ? 37  ASN A CA  1 
ATOM   265  C C   . ASN A 1 37 ? 15.800  -17.346 -1.206  1.00 15.82 ? 37  ASN A C   1 
ATOM   266  O O   . ASN A 1 37 ? 16.918  -16.870 -1.283  1.00 15.73 ? 37  ASN A O   1 
ATOM   267  C CB  . ASN A 1 37 ? 15.573  -18.349 -3.501  1.00 15.25 ? 37  ASN A CB  1 
ATOM   268  N N   . LEU A 1 38 ? 15.274  -17.732 -0.055  1.00 16.59 ? 38  LEU A N   1 
ATOM   269  C CA  . LEU A 1 38 ? 16.023  -17.605 1.180   1.00 17.04 ? 38  LEU A CA  1 
ATOM   270  C C   . LEU A 1 38 ? 16.370  -18.968 1.718   1.00 17.39 ? 38  LEU A C   1 
ATOM   271  O O   . LEU A 1 38 ? 15.675  -19.931 1.439   1.00 17.68 ? 38  LEU A O   1 
ATOM   272  C CB  . LEU A 1 38 ? 15.228  -16.798 2.202   1.00 17.01 ? 38  LEU A CB  1 
ATOM   273  C CG  . LEU A 1 38 ? 14.968  -15.348 1.788   1.00 16.16 ? 38  LEU A CG  1 
ATOM   274  C CD1 . LEU A 1 38 ? 13.914  -14.738 2.664   1.00 14.09 ? 38  LEU A CD1 1 
ATOM   275  C CD2 . LEU A 1 38 ? 16.235  -14.524 1.808   1.00 14.12 ? 38  LEU A CD2 1 
ATOM   276  N N   . PRO A 1 39 ? 17.488  -19.060 2.439   1.00 17.76 ? 39  PRO A N   1 
ATOM   277  C CA  . PRO A 1 39 ? 17.867  -20.301 3.106   1.00 18.16 ? 39  PRO A CA  1 
ATOM   278  C C   . PRO A 1 39 ? 17.247  -20.439 4.506   1.00 18.67 ? 39  PRO A C   1 
ATOM   279  O O   . PRO A 1 39 ? 16.704  -19.465 5.038   1.00 18.79 ? 39  PRO A O   1 
ATOM   280  C CB  . PRO A 1 39 ? 19.387  -20.174 3.194   1.00 17.90 ? 39  PRO A CB  1 
ATOM   281  C CG  . PRO A 1 39 ? 19.623  -18.714 3.346   1.00 17.42 ? 39  PRO A CG  1 
ATOM   282  C CD  . PRO A 1 39 ? 18.504  -18.007 2.622   1.00 17.62 ? 39  PRO A CD  1 
ATOM   283  N N   . GLY A 1 40 ? 17.320  -21.640 5.081   1.00 18.97 ? 40  GLY A N   1 
ATOM   284  C CA  . GLY A 1 40 ? 16.902  -21.880 6.465   1.00 19.69 ? 40  GLY A CA  1 
ATOM   285  C C   . GLY A 1 40 ? 15.429  -22.205 6.693   1.00 19.94 ? 40  GLY A C   1 
ATOM   286  O O   . GLY A 1 40 ? 14.648  -22.324 5.747   1.00 20.17 ? 40  GLY A O   1 
ATOM   287  N N   . LYS A 1 41 ? 15.057  -22.354 7.962   1.00 19.91 ? 41  LYS A N   1 
ATOM   288  C CA  . LYS A 1 41 ? 13.684  -22.676 8.352   1.00 19.84 ? 41  LYS A CA  1 
ATOM   289  C C   . LYS A 1 41 ? 12.705  -21.510 8.124   1.00 20.12 ? 41  LYS A C   1 
ATOM   290  O O   . LYS A 1 41 ? 13.097  -20.338 8.088   1.00 20.61 ? 41  LYS A O   1 
ATOM   291  C CB  . LYS A 1 41 ? 13.644  -23.152 9.818   1.00 19.19 ? 41  LYS A CB  1 
ATOM   292  N N   . TRP A 1 42 ? 11.428  -21.848 7.966   1.00 20.12 ? 42  TRP A N   1 
ATOM   293  C CA  . TRP A 1 42 ? 10.352  -20.870 7.842   1.00 19.80 ? 42  TRP A CA  1 
ATOM   294  C C   . TRP A 1 42 ? 9.055   -21.444 8.403   1.00 20.09 ? 42  TRP A C   1 
ATOM   295  O O   . TRP A 1 42 ? 8.857   -22.660 8.388   1.00 20.20 ? 42  TRP A O   1 
ATOM   296  C CB  . TRP A 1 42 ? 10.153  -20.469 6.379   1.00 19.43 ? 42  TRP A CB  1 
ATOM   297  C CG  . TRP A 1 42 ? 9.991   -21.626 5.433   1.00 19.16 ? 42  TRP A CG  1 
ATOM   298  C CD1 . TRP A 1 42 ? 10.989  -22.329 4.813   1.00 18.91 ? 42  TRP A CD1 1 
ATOM   299  C CD2 . TRP A 1 42 ? 8.757   -22.213 4.991   1.00 19.63 ? 42  TRP A CD2 1 
ATOM   300  N NE1 . TRP A 1 42 ? 10.456  -23.312 4.010   1.00 18.74 ? 42  TRP A NE1 1 
ATOM   301  C CE2 . TRP A 1 42 ? 9.089   -23.265 4.101   1.00 19.01 ? 42  TRP A CE2 1 
ATOM   302  C CE3 . TRP A 1 42 ? 7.405   -21.946 5.249   1.00 19.41 ? 42  TRP A CE3 1 
ATOM   303  C CZ2 . TRP A 1 42 ? 8.120   -24.051 3.477   1.00 18.12 ? 42  TRP A CZ2 1 
ATOM   304  C CZ3 . TRP A 1 42 ? 6.444   -22.727 4.625   1.00 18.98 ? 42  TRP A CZ3 1 
ATOM   305  C CH2 . TRP A 1 42 ? 6.808   -23.768 3.751   1.00 18.88 ? 42  TRP A CH2 1 
ATOM   306  N N   . LYS A 1 43 ? 8.179   -20.573 8.901   1.00 20.41 ? 43  LYS A N   1 
ATOM   307  C CA  . LYS A 1 43 ? 6.847   -20.980 9.359   1.00 20.66 ? 43  LYS A CA  1 
ATOM   308  C C   . LYS A 1 43 ? 5.772   -20.644 8.307   1.00 20.83 ? 43  LYS A C   1 
ATOM   309  O O   . LYS A 1 43 ? 5.853   -19.605 7.650   1.00 20.75 ? 43  LYS A O   1 
ATOM   310  C CB  . LYS A 1 43 ? 6.525   -20.324 10.703  1.00 20.37 ? 43  LYS A CB  1 
ATOM   311  N N   . PRO A 1 44 ? 4.779   -21.535 8.114   1.00 21.14 ? 44  PRO A N   1 
ATOM   312  C CA  . PRO A 1 44 ? 3.676   -21.192 7.211   1.00 21.13 ? 44  PRO A CA  1 
ATOM   313  C C   . PRO A 1 44 ? 2.817   -20.082 7.813   1.00 21.25 ? 44  PRO A C   1 
ATOM   314  O O   . PRO A 1 44 ? 2.627   -20.031 9.031   1.00 21.58 ? 44  PRO A O   1 
ATOM   315  C CB  . PRO A 1 44 ? 2.871   -22.495 7.110   1.00 21.02 ? 44  PRO A CB  1 
ATOM   316  C CG  . PRO A 1 44 ? 3.767   -23.572 7.656   1.00 21.06 ? 44  PRO A CG  1 
ATOM   317  C CD  . PRO A 1 44 ? 4.624   -22.889 8.677   1.00 21.17 ? 44  PRO A CD  1 
ATOM   318  N N   . LYS A 1 45 ? 2.316   -19.194 6.966   1.00 21.16 ? 45  LYS A N   1 
ATOM   319  C CA  . LYS A 1 45 ? 1.543   -18.048 7.424   1.00 21.24 ? 45  LYS A CA  1 
ATOM   320  C C   . LYS A 1 45 ? 0.671   -17.582 6.270   1.00 21.59 ? 45  LYS A C   1 
ATOM   321  O O   . LYS A 1 45 ? 0.995   -17.806 5.102   1.00 21.47 ? 45  LYS A O   1 
ATOM   322  C CB  . LYS A 1 45 ? 2.479   -16.927 7.893   1.00 21.12 ? 45  LYS A CB  1 
ATOM   323  C CG  . LYS A 1 45 ? 1.809   -15.690 8.485   1.00 20.56 ? 45  LYS A CG  1 
ATOM   324  C CD  . LYS A 1 45 ? 2.860   -14.658 8.894   1.00 20.45 ? 45  LYS A CD  1 
ATOM   325  C CE  . LYS A 1 45 ? 2.287   -13.278 9.207   1.00 19.81 ? 45  LYS A CE  1 
ATOM   326  N NZ  . LYS A 1 45 ? 1.318   -13.303 10.336  1.00 20.01 ? 45  LYS A NZ  1 
ATOM   327  N N   . MET A 1 46 ? -0.452  -16.957 6.598   1.00 22.32 ? 46  MET A N   1 
ATOM   328  C CA  . MET A 1 46 ? -1.321  -16.420 5.560   1.00 22.98 ? 46  MET A CA  1 
ATOM   329  C C   . MET A 1 46 ? -1.608  -14.948 5.745   1.00 23.06 ? 46  MET A C   1 
ATOM   330  O O   . MET A 1 46 ? -1.931  -14.507 6.851   1.00 23.53 ? 46  MET A O   1 
ATOM   331  C CB  . MET A 1 46 ? -2.611  -17.228 5.441   1.00 22.91 ? 46  MET A CB  1 
ATOM   332  C CG  . MET A 1 46 ? -2.417  -18.438 4.551   1.00 23.24 ? 46  MET A CG  1 
ATOM   333  S SD  . MET A 1 46 ? -3.881  -19.442 4.348   1.00 24.05 ? 46  MET A SD  1 
ATOM   334  C CE  . MET A 1 46 ? -5.036  -18.282 3.612   1.00 23.93 ? 46  MET A CE  1 
ATOM   335  N N   . ILE A 1 47 ? -1.458  -14.201 4.656   1.00 23.11 ? 47  ILE A N   1 
ATOM   336  C CA  . ILE A 1 47 ? -1.731  -12.764 4.625   1.00 23.16 ? 47  ILE A CA  1 
ATOM   337  C C   . ILE A 1 47 ? -2.813  -12.494 3.584   1.00 23.13 ? 47  ILE A C   1 
ATOM   338  O O   . ILE A 1 47 ? -3.128  -13.368 2.765   1.00 23.29 ? 47  ILE A O   1 
ATOM   339  C CB  . ILE A 1 47 ? -0.464  -11.963 4.266   1.00 23.20 ? 47  ILE A CB  1 
ATOM   340  C CG1 . ILE A 1 47 ? 0.029   -12.369 2.872   1.00 23.33 ? 47  ILE A CG1 1 
ATOM   341  C CG2 . ILE A 1 47 ? 0.608   -12.169 5.347   1.00 23.20 ? 47  ILE A CG2 1 
ATOM   342  C CD1 . ILE A 1 47 ? 1.322   -11.730 2.438   1.00 24.49 ? 47  ILE A CD1 1 
ATOM   343  N N   . GLY A 1 48 ? -3.374  -11.289 3.616   1.00 22.75 ? 48  GLY A N   1 
ATOM   344  C CA  . GLY A 1 48 ? -4.390  -10.911 2.641   1.00 22.12 ? 48  GLY A CA  1 
ATOM   345  C C   . GLY A 1 48 ? -4.307  -9.471  2.173   1.00 21.93 ? 48  GLY A C   1 
ATOM   346  O O   . GLY A 1 48 ? -3.453  -8.703  2.633   1.00 21.27 ? 48  GLY A O   1 
ATOM   347  N N   . GLY A 1 49 ? -5.203  -9.125  1.247   1.00 21.81 ? 49  GLY A N   1 
ATOM   348  C CA  . GLY A 1 49 ? -5.390  -7.757  0.774   1.00 21.78 ? 49  GLY A CA  1 
ATOM   349  C C   . GLY A 1 49 ? -6.566  -7.652  -0.182  1.00 21.68 ? 49  GLY A C   1 
ATOM   350  O O   . GLY A 1 49 ? -7.579  -8.321  -0.001  1.00 21.45 ? 49  GLY A O   1 
ATOM   351  N N   . ILE A 1 50 ? -6.413  -6.809  -1.202  1.00 22.15 ? 50  ILE A N   1 
ATOM   352  C CA  . ILE A 1 50 ? -7.382  -6.659  -2.290  1.00 22.37 ? 50  ILE A CA  1 
ATOM   353  C C   . ILE A 1 50 ? -7.508  -7.945  -3.128  1.00 22.88 ? 50  ILE A C   1 
ATOM   354  O O   . ILE A 1 50 ? -6.671  -8.254  -3.990  1.00 23.13 ? 50  ILE A O   1 
ATOM   355  C CB  . ILE A 1 50 ? -7.070  -5.390  -3.149  1.00 22.15 ? 50  ILE A CB  1 
ATOM   356  C CG1 . ILE A 1 50 ? -7.616  -4.148  -2.441  1.00 22.16 ? 50  ILE A CG1 1 
ATOM   357  C CG2 . ILE A 1 50 ? -7.672  -5.471  -4.551  1.00 21.83 ? 50  ILE A CG2 1 
ATOM   358  C CD1 . ILE A 1 50 ? -7.562  -2.883  -3.261  1.00 22.58 ? 50  ILE A CD1 1 
ATOM   359  N N   . GLY A 1 51 ? -8.568  -8.702  -2.857  1.00 22.95 ? 51  GLY A N   1 
ATOM   360  C CA  . GLY A 1 51 ? -8.776  -9.981  -3.534  1.00 22.81 ? 51  GLY A CA  1 
ATOM   361  C C   . GLY A 1 51 ? -8.680  -11.188 -2.613  1.00 22.23 ? 51  GLY A C   1 
ATOM   362  O O   . GLY A 1 51 ? -8.872  -12.322 -3.054  1.00 22.97 ? 51  GLY A O   1 
ATOM   363  N N   . GLY A 1 52 ? -8.384  -10.956 -1.337  1.00 21.30 ? 52  GLY A N   1 
ATOM   364  C CA  . GLY A 1 52 ? -8.307  -12.038 -0.365  1.00 19.95 ? 52  GLY A CA  1 
ATOM   365  C C   . GLY A 1 52 ? -6.883  -12.437 -0.034  1.00 19.27 ? 52  GLY A C   1 
ATOM   366  O O   . GLY A 1 52 ? -5.999  -11.587 0.089   1.00 19.11 ? 52  GLY A O   1 
ATOM   367  N N   . PHE A 1 53 ? -6.662  -13.744 0.071   1.00 18.41 ? 53  PHE A N   1 
ATOM   368  C CA  . PHE A 1 53 ? -5.485  -14.287 0.730   1.00 17.47 ? 53  PHE A CA  1 
ATOM   369  C C   . PHE A 1 53 ? -4.493  -15.006 -0.174  1.00 17.13 ? 53  PHE A C   1 
ATOM   370  O O   . PHE A 1 53 ? -4.874  -15.696 -1.118  1.00 17.22 ? 53  PHE A O   1 
ATOM   371  C CB  . PHE A 1 53 ? -5.919  -15.220 1.830   1.00 17.52 ? 53  PHE A CB  1 
ATOM   372  N N   . ILE A 1 54 ? -3.213  -14.846 0.147   1.00 16.37 ? 54  ILE A N   1 
ATOM   373  C CA  . ILE A 1 54 ? -2.159  -15.648 -0.451  1.00 15.80 ? 54  ILE A CA  1 
ATOM   374  C C   . ILE A 1 54 ? -1.458  -16.376 0.694   1.00 15.56 ? 54  ILE A C   1 
ATOM   375  O O   . ILE A 1 54 ? -1.294  -15.814 1.782   1.00 15.98 ? 54  ILE A O   1 
ATOM   376  C CB  . ILE A 1 54 ? -1.187  -14.766 -1.218  1.00 15.53 ? 54  ILE A CB  1 
ATOM   377  N N   . LYS A 1 55 ? -1.077  -17.632 0.469   1.00 14.81 ? 55  LYS A N   1 
ATOM   378  C CA  . LYS A 1 55 ? -0.317  -18.387 1.467   1.00 14.21 ? 55  LYS A CA  1 
ATOM   379  C C   . LYS A 1 55 ? 1.174   -18.135 1.251   1.00 13.46 ? 55  LYS A C   1 
ATOM   380  O O   . LYS A 1 55 ? 1.672   -18.274 0.132   1.00 13.34 ? 55  LYS A O   1 
ATOM   381  C CB  . LYS A 1 55 ? -0.643  -19.892 1.386   1.00 14.05 ? 55  LYS A CB  1 
ATOM   382  N N   . VAL A 1 56 ? 1.880   -17.739 2.308   1.00 12.65 ? 56  VAL A N   1 
ATOM   383  C CA  . VAL A 1 56 ? 3.295   -17.391 2.183   1.00 12.20 ? 56  VAL A CA  1 
ATOM   384  C C   . VAL A 1 56 ? 4.217   -18.137 3.150   1.00 12.02 ? 56  VAL A C   1 
ATOM   385  O O   . VAL A 1 56 ? 3.756   -18.839 4.052   1.00 12.09 ? 56  VAL A O   1 
ATOM   386  C CB  . VAL A 1 56 ? 3.537   -15.868 2.337   1.00 12.18 ? 56  VAL A CB  1 
ATOM   387  C CG1 . VAL A 1 56 ? 2.878   -15.094 1.200   1.00 12.07 ? 56  VAL A CG1 1 
ATOM   388  C CG2 . VAL A 1 56 ? 3.050   -15.373 3.695   1.00 12.28 ? 56  VAL A CG2 1 
ATOM   389  N N   . ARG A 1 57 ? 5.522   -17.978 2.941   1.00 11.78 ? 57  ARG A N   1 
ATOM   390  C CA  . ARG A 1 57 ? 6.544   -18.469 3.868   1.00 11.35 ? 57  ARG A CA  1 
ATOM   391  C C   . ARG A 1 57 ? 7.051   -17.331 4.757   1.00 11.36 ? 57  ARG A C   1 
ATOM   392  O O   . ARG A 1 57 ? 7.490   -16.281 4.266   1.00 11.44 ? 57  ARG A O   1 
ATOM   393  C CB  . ARG A 1 57 ? 7.723   -19.077 3.102   1.00 11.06 ? 57  ARG A CB  1 
ATOM   394  C CG  . ARG A 1 57 ? 7.344   -20.207 2.176   1.00 11.10 ? 57  ARG A CG  1 
ATOM   395  C CD  . ARG A 1 57 ? 8.562   -20.743 1.463   1.00 11.78 ? 57  ARG A CD  1 
ATOM   396  N NE  . ARG A 1 57 ? 8.259   -22.000 0.783   1.00 13.40 ? 57  ARG A NE  1 
ATOM   397  C CZ  . ARG A 1 57 ? 9.172   -22.887 0.397   1.00 13.05 ? 57  ARG A CZ  1 
ATOM   398  N NH1 . ARG A 1 57 ? 10.460  -22.668 0.624   1.00 13.16 ? 57  ARG A NH1 1 
ATOM   399  N NH2 . ARG A 1 57 ? 8.793   -24.001 -0.214  1.00 13.44 ? 57  ARG A NH2 1 
ATOM   400  N N   . GLN A 1 58 ? 6.984   -17.533 6.068   1.00 11.17 ? 58  GLN A N   1 
ATOM   401  C CA  . GLN A 1 58 ? 7.524   -16.556 6.992   1.00 11.14 ? 58  GLN A CA  1 
ATOM   402  C C   . GLN A 1 58 ? 8.951   -16.894 7.399   1.00 11.38 ? 58  GLN A C   1 
ATOM   403  O O   . GLN A 1 58 ? 9.187   -17.869 8.110   1.00 11.47 ? 58  GLN A O   1 
ATOM   404  C CB  . GLN A 1 58 ? 6.660   -16.438 8.237   1.00 11.02 ? 58  GLN A CB  1 
ATOM   405  C CG  . GLN A 1 58 ? 7.225   -15.426 9.201   1.00 11.70 ? 58  GLN A CG  1 
ATOM   406  C CD  . GLN A 1 58 ? 6.420   -15.289 10.464  1.00 12.11 ? 58  GLN A CD  1 
ATOM   407  O OE1 . GLN A 1 58 ? 5.194   -15.408 10.463  1.00 11.65 ? 58  GLN A OE1 1 
ATOM   408  N NE2 . GLN A 1 58 ? 7.111   -15.022 11.562  1.00 13.93 ? 58  GLN A NE2 1 
ATOM   409  N N   . TYR A 1 59 ? 9.890   -16.078 6.930   1.00 11.57 ? 59  TYR A N   1 
ATOM   410  C CA  . TYR A 1 59 ? 11.280  -16.131 7.368   1.00 11.25 ? 59  TYR A CA  1 
ATOM   411  C C   . TYR A 1 59 ? 11.516  -15.047 8.420   1.00 11.11 ? 59  TYR A C   1 
ATOM   412  O O   . TYR A 1 59 ? 11.102  -13.891 8.240   1.00 11.37 ? 59  TYR A O   1 
ATOM   413  C CB  . TYR A 1 59 ? 12.233  -15.911 6.186   1.00 11.29 ? 59  TYR A CB  1 
ATOM   414  C CG  . TYR A 1 59 ? 12.266  -17.033 5.173   1.00 11.32 ? 59  TYR A CG  1 
ATOM   415  C CD1 . TYR A 1 59 ? 11.430  -17.012 4.059   1.00 11.08 ? 59  TYR A CD1 1 
ATOM   416  C CD2 . TYR A 1 59 ? 13.131  -18.118 5.330   1.00 10.58 ? 59  TYR A CD2 1 
ATOM   417  C CE1 . TYR A 1 59 ? 11.449  -18.045 3.122   1.00 11.45 ? 59  TYR A CE1 1 
ATOM   418  C CE2 . TYR A 1 59 ? 13.160  -19.156 4.400   1.00 11.12 ? 59  TYR A CE2 1 
ATOM   419  C CZ  . TYR A 1 59 ? 12.315  -19.113 3.294   1.00 11.73 ? 59  TYR A CZ  1 
ATOM   420  O OH  . TYR A 1 59 ? 12.333  -20.132 2.359   1.00 12.10 ? 59  TYR A OH  1 
ATOM   421  N N   . ASP A 1 60 ? 12.192  -15.418 9.505   1.00 10.52 ? 60  ASP A N   1 
ATOM   422  C CA  . ASP A 1 60 ? 12.483  -14.477 10.584  1.00 10.06 ? 60  ASP A CA  1 
ATOM   423  C C   . ASP A 1 60 ? 13.879  -13.869 10.505  1.00 9.46  ? 60  ASP A C   1 
ATOM   424  O O   . ASP A 1 60 ? 14.775  -14.420 9.863   1.00 9.64  ? 60  ASP A O   1 
ATOM   425  C CB  . ASP A 1 60 ? 12.241  -15.134 11.941  1.00 9.85  ? 60  ASP A CB  1 
ATOM   426  C CG  . ASP A 1 60 ? 10.802  -15.598 12.104  1.00 11.19 ? 60  ASP A CG  1 
ATOM   427  O OD1 . ASP A 1 60 ? 9.869   -14.778 11.922  1.00 9.70  ? 60  ASP A OD1 1 
ATOM   428  O OD2 . ASP A 1 60 ? 10.609  -16.799 12.400  1.00 13.64 ? 60  ASP A OD2 1 
ATOM   429  N N   . GLN A 1 61 ? 14.043  -12.714 11.141  1.00 8.40  ? 61  GLN A N   1 
ATOM   430  C CA  . GLN A 1 61 ? 15.346  -12.081 11.274  1.00 7.82  ? 61  GLN A CA  1 
ATOM   431  C C   . GLN A 1 61 ? 16.146  -12.077 9.962   1.00 7.48  ? 61  GLN A C   1 
ATOM   432  O O   . GLN A 1 61 ? 17.281  -12.550 9.895   1.00 7.72  ? 61  GLN A O   1 
ATOM   433  C CB  . GLN A 1 61 ? 16.132  -12.720 12.437  1.00 7.53  ? 61  GLN A CB  1 
ATOM   434  N N   . ILE A 1 62 ? 15.545  -11.527 8.914   1.00 7.17  ? 62  ILE A N   1 
ATOM   435  C CA  . ILE A 1 62 ? 16.205  -11.434 7.619   1.00 7.05  ? 62  ILE A CA  1 
ATOM   436  C C   . ILE A 1 62 ? 16.759  -10.033 7.365   1.00 7.53  ? 62  ILE A C   1 
ATOM   437  O O   . ILE A 1 62 ? 16.025  -9.045  7.475   1.00 7.17  ? 62  ILE A O   1 
ATOM   438  C CB  . ILE A 1 62 ? 15.249  -11.801 6.473   1.00 6.89  ? 62  ILE A CB  1 
ATOM   439  C CG1 . ILE A 1 62 ? 14.688  -13.208 6.682   1.00 6.21  ? 62  ILE A CG1 1 
ATOM   440  C CG2 . ILE A 1 62 ? 15.944  -11.643 5.118   1.00 5.86  ? 62  ILE A CG2 1 
ATOM   441  C CD1 . ILE A 1 62 ? 15.739  -14.296 6.681   1.00 7.64  ? 62  ILE A CD1 1 
ATOM   442  N N   . LEU A 1 63 ? 18.051  -9.962  7.031   1.00 7.63  ? 63  LEU A N   1 
ATOM   443  C CA  . LEU A 1 63 ? 18.690  -8.700  6.682   1.00 8.15  ? 63  LEU A CA  1 
ATOM   444  C C   . LEU A 1 63 ? 18.302  -8.251  5.285   1.00 8.75  ? 63  LEU A C   1 
ATOM   445  O O   . LEU A 1 63 ? 18.449  -8.998  4.313   1.00 9.35  ? 63  LEU A O   1 
ATOM   446  C CB  . LEU A 1 63 ? 20.217  -8.774  6.794   1.00 8.13  ? 63  LEU A CB  1 
ATOM   447  C CG  . LEU A 1 63 ? 20.974  -7.520  6.346   1.00 6.81  ? 63  LEU A CG  1 
ATOM   448  C CD1 . LEU A 1 63 ? 20.830  -6.359  7.330   1.00 3.81  ? 63  LEU A CD1 1 
ATOM   449  C CD2 . LEU A 1 63 ? 22.420  -7.869  6.162   1.00 5.84  ? 63  LEU A CD2 1 
ATOM   450  N N   . ILE A 1 64 ? 17.810  -7.020  5.199   1.00 9.40  ? 64  ILE A N   1 
ATOM   451  C CA  . ILE A 1 64 ? 17.529  -6.389  3.913   1.00 9.90  ? 64  ILE A CA  1 
ATOM   452  C C   . ILE A 1 64 ? 18.252  -5.038  3.831   1.00 10.23 ? 64  ILE A C   1 
ATOM   453  O O   . ILE A 1 64 ? 18.446  -4.345  4.836   1.00 10.33 ? 64  ILE A O   1 
ATOM   454  C CB  . ILE A 1 64 ? 15.995  -6.246  3.698   1.00 9.58  ? 64  ILE A CB  1 
ATOM   455  N N   . GLU A 1 65 ? 18.667  -4.670  2.629   1.00 10.70 ? 65  GLU A N   1 
ATOM   456  C CA  . GLU A 1 65 ? 19.339  -3.391  2.427   1.00 11.81 ? 65  GLU A CA  1 
ATOM   457  C C   . GLU A 1 65 ? 18.629  -2.570  1.351   1.00 12.14 ? 65  GLU A C   1 
ATOM   458  O O   . GLU A 1 65 ? 18.594  -2.977  0.180   1.00 12.31 ? 65  GLU A O   1 
ATOM   459  C CB  . GLU A 1 65 ? 20.812  -3.596  2.069   1.00 12.07 ? 65  GLU A CB  1 
ATOM   460  C CG  . GLU A 1 65 ? 21.475  -2.338  1.555   1.00 13.82 ? 65  GLU A CG  1 
ATOM   461  C CD  . GLU A 1 65 ? 22.901  -2.588  1.114   1.00 15.37 ? 65  GLU A CD  1 
ATOM   462  O OE1 . GLU A 1 65 ? 23.453  -3.652  1.471   1.00 14.13 ? 65  GLU A OE1 1 
ATOM   463  O OE2 . GLU A 1 65 ? 23.472  -1.720  0.414   1.00 15.05 ? 65  GLU A OE2 1 
ATOM   464  N N   . ILE A 1 66 ? 18.069  -1.425  1.747   1.00 12.51 ? 66  ILE A N   1 
ATOM   465  C CA  . ILE A 1 66 ? 17.296  -0.588  0.823   1.00 12.60 ? 66  ILE A CA  1 
ATOM   466  C C   . ILE A 1 66 ? 17.908  0.799   0.815   1.00 12.56 ? 66  ILE A C   1 
ATOM   467  O O   . ILE A 1 66 ? 18.241  1.323   1.876   1.00 12.92 ? 66  ILE A O   1 
ATOM   468  C CB  . ILE A 1 66 ? 15.824  -0.531  1.242   1.00 12.48 ? 66  ILE A CB  1 
ATOM   469  N N   . CYS A 1 67 ? 18.073  1.386   -0.369  1.00 12.68 ? 67  CYS A N   1 
ATOM   470  C CA  . CYS A 1 67 ? 18.846  2.631   -0.516  1.00 12.51 ? 67  CYS A CA  1 
ATOM   471  C C   . CYS A 1 67 ? 20.162  2.597   0.290   1.00 12.17 ? 67  CYS A C   1 
ATOM   472  O O   . CYS A 1 67 ? 20.629  3.630   0.789   1.00 12.03 ? 67  CYS A O   1 
ATOM   473  C CB  . CYS A 1 67 ? 18.008  3.866   -0.133  1.00 12.45 ? 67  CYS A CB  1 
ATOM   474  S SG  . CYS A 1 67 ? 17.014  4.624   -1.458  1.00 12.93 ? 67  CYS A SG  1 
ATOM   475  N N   . GLY A 1 68 ? 20.746  1.405   0.427   1.00 11.91 ? 68  GLY A N   1 
ATOM   476  C CA  . GLY A 1 68 ? 22.010  1.241   1.140   1.00 11.53 ? 68  GLY A CA  1 
ATOM   477  C C   . GLY A 1 68 ? 21.904  1.498   2.633   1.00 11.32 ? 68  GLY A C   1 
ATOM   478  O O   . GLY A 1 68 ? 22.917  1.680   3.313   1.00 11.16 ? 68  GLY A O   1 
ATOM   479  N N   . LYS A 1 69 ? 20.672  1.543   3.135   1.00 10.79 ? 69  LYS A N   1 
ATOM   480  C CA  . LYS A 1 69 ? 20.426  1.587   4.567   1.00 10.86 ? 69  LYS A CA  1 
ATOM   481  C C   . LYS A 1 69 ? 19.994  0.178   4.967   1.00 10.81 ? 69  LYS A C   1 
ATOM   482  O O   . LYS A 1 69 ? 19.229  -0.468  4.240   1.00 10.91 ? 69  LYS A O   1 
ATOM   483  C CB  . LYS A 1 69 ? 19.356  2.628   4.901   1.00 10.93 ? 69  LYS A CB  1 
ATOM   484  N N   . LYS A 1 70 ? 20.501  -0.305  6.100   1.00 10.33 ? 70  LYS A N   1 
ATOM   485  C CA  . LYS A 1 70 ? 20.244  -1.671  6.568   1.00 10.01 ? 70  LYS A CA  1 
ATOM   486  C C   . LYS A 1 70 ? 19.052  -1.759  7.525   1.00 9.77  ? 70  LYS A C   1 
ATOM   487  O O   . LYS A 1 70 ? 18.814  -0.847  8.309   1.00 10.13 ? 70  LYS A O   1 
ATOM   488  C CB  . LYS A 1 70 ? 21.483  -2.220  7.277   1.00 9.52  ? 70  LYS A CB  1 
ATOM   489  C CG  . LYS A 1 70 ? 22.674  -2.540  6.384   1.00 9.88  ? 70  LYS A CG  1 
ATOM   490  C CD  . LYS A 1 70 ? 23.972  -2.191  7.110   1.00 9.50  ? 70  LYS A CD  1 
ATOM   491  C CE  . LYS A 1 70 ? 25.144  -3.036  6.634   1.00 9.40  ? 70  LYS A CE  1 
ATOM   492  N NZ  . LYS A 1 70 ? 25.474  -2.798  5.200   1.00 9.35  ? 70  LYS A NZ  1 
ATOM   493  N N   . ALA A 1 71 ? 18.310  -2.861  7.447   1.00 9.35  ? 71  ALA A N   1 
ATOM   494  C CA  . ALA A 1 71 ? 17.229  -3.192  8.391   1.00 8.86  ? 71  ALA A CA  1 
ATOM   495  C C   . ALA A 1 71 ? 17.109  -4.709  8.477   1.00 8.54  ? 71  ALA A C   1 
ATOM   496  O O   . ALA A 1 71 ? 17.489  -5.426  7.539   1.00 7.64  ? 71  ALA A O   1 
ATOM   497  C CB  . ALA A 1 71 ? 15.899  -2.595  7.947   1.00 8.77  ? 71  ALA A CB  1 
ATOM   498  N N   . ILE A 1 72 ? 16.571  -5.198  9.587   1.00 8.16  ? 72  ILE A N   1 
ATOM   499  C CA  . ILE A 1 72 ? 16.476  -6.638  9.799   1.00 8.36  ? 72  ILE A CA  1 
ATOM   500  C C   . ILE A 1 72 ? 15.073  -6.955  10.302  1.00 8.38  ? 72  ILE A C   1 
ATOM   501  O O   . ILE A 1 72 ? 14.466  -6.152  10.997  1.00 8.14  ? 72  ILE A O   1 
ATOM   502  C CB  . ILE A 1 72 ? 17.570  -7.120  10.787  1.00 8.32  ? 72  ILE A CB  1 
ATOM   503  C CG1 . ILE A 1 72 ? 17.777  -8.628  10.708  1.00 8.52  ? 72  ILE A CG1 1 
ATOM   504  C CG2 . ILE A 1 72 ? 17.259  -6.703  12.212  1.00 8.66  ? 72  ILE A CG2 1 
ATOM   505  C CD1 . ILE A 1 72 ? 19.230  -9.036  10.932  1.00 8.62  ? 72  ILE A CD1 1 
ATOM   506  N N   . GLY A 1 73 ? 14.536  -8.110  9.934   1.00 7.70  ? 73  GLY A N   1 
ATOM   507  C CA  . GLY A 1 73 ? 13.211  -8.485  10.416  1.00 6.98  ? 73  GLY A CA  1 
ATOM   508  C C   . GLY A 1 73 ? 12.500  -9.489  9.538   1.00 6.49  ? 73  GLY A C   1 
ATOM   509  O O   . GLY A 1 73 ? 13.113  -10.130 8.686   1.00 5.91  ? 73  GLY A O   1 
ATOM   510  N N   . THR A 1 74 ? 11.192  -9.616  9.738   1.00 5.81  ? 74  THR A N   1 
ATOM   511  C CA  . THR A 1 74 ? 10.426  -10.629 9.027   1.00 5.94  ? 74  THR A CA  1 
ATOM   512  C C   . THR A 1 74 ? 10.216  -10.237 7.567   1.00 5.83  ? 74  THR A C   1 
ATOM   513  O O   . THR A 1 74 ? 9.720   -9.139  7.271   1.00 6.06  ? 74  THR A O   1 
ATOM   514  C CB  . THR A 1 74 ? 9.085   -10.906 9.726   1.00 6.28  ? 74  THR A CB  1 
ATOM   515  O OG1 . THR A 1 74 ? 9.335   -11.344 11.068  1.00 6.06  ? 74  THR A OG1 1 
ATOM   516  C CG2 . THR A 1 74 ? 8.320   -11.999 9.001   1.00 6.28  ? 74  THR A CG2 1 
ATOM   517  N N   . VAL A 1 75 ? 10.615  -11.140 6.672   1.00 5.88  ? 75  VAL A N   1 
ATOM   518  C CA  . VAL A 1 75 ? 10.376  -11.006 5.239   1.00 6.11  ? 75  VAL A CA  1 
ATOM   519  C C   . VAL A 1 75 ? 9.508   -12.182 4.809   1.00 5.99  ? 75  VAL A C   1 
ATOM   520  O O   . VAL A 1 75 ? 9.840   -13.329 5.111   1.00 5.80  ? 75  VAL A O   1 
ATOM   521  C CB  . VAL A 1 75 ? 11.711  -11.051 4.453   1.00 6.51  ? 75  VAL A CB  1 
ATOM   522  C CG1 . VAL A 1 75 ? 11.485  -11.377 2.975   1.00 6.73  ? 75  VAL A CG1 1 
ATOM   523  C CG2 . VAL A 1 75 ? 12.473  -9.741  4.604   1.00 6.12  ? 75  VAL A CG2 1 
ATOM   524  N N   . LEU A 1 76 ? 8.404   -11.909 4.117   1.00 6.15  ? 76  LEU A N   1 
ATOM   525  C CA  . LEU A 1 76 ? 7.521   -12.982 3.648   1.00 6.63  ? 76  LEU A CA  1 
ATOM   526  C C   . LEU A 1 76 ? 7.763   -13.336 2.184   1.00 7.06  ? 76  LEU A C   1 
ATOM   527  O O   . LEU A 1 76 ? 7.972   -12.449 1.351   1.00 7.12  ? 76  LEU A O   1 
ATOM   528  C CB  . LEU A 1 76 ? 6.046   -12.620 3.854   1.00 6.62  ? 76  LEU A CB  1 
ATOM   529  C CG  . LEU A 1 76 ? 5.516   -12.252 5.250   1.00 5.55  ? 76  LEU A CG  1 
ATOM   530  C CD1 . LEU A 1 76 ? 4.022   -11.912 5.198   1.00 5.80  ? 76  LEU A CD1 1 
ATOM   531  C CD2 . LEU A 1 76 ? 5.766   -13.328 6.292   1.00 5.12  ? 76  LEU A CD2 1 
ATOM   532  N N   . VAL A 1 77 ? 7.723   -14.628 1.863   1.00 7.06  ? 77  VAL A N   1 
ATOM   533  C CA  . VAL A 1 77 ? 7.966   -15.075 0.482   1.00 7.38  ? 77  VAL A CA  1 
ATOM   534  C C   . VAL A 1 77 ? 6.783   -15.844 -0.115  1.00 7.75  ? 77  VAL A C   1 
ATOM   535  O O   . VAL A 1 77 ? 6.418   -16.935 0.348   1.00 7.48  ? 77  VAL A O   1 
ATOM   536  C CB  . VAL A 1 77 ? 9.261   -15.912 0.348   1.00 7.28  ? 77  VAL A CB  1 
ATOM   537  C CG1 . VAL A 1 77 ? 9.434   -16.394 -1.080  1.00 7.19  ? 77  VAL A CG1 1 
ATOM   538  C CG2 . VAL A 1 77 ? 10.458  -15.090 0.756   1.00 7.55  ? 77  VAL A CG2 1 
ATOM   539  N N   . GLY A 1 78 ? 6.180   -15.276 -1.153  1.00 7.96  ? 78  GLY A N   1 
ATOM   540  C CA  . GLY A 1 78 ? 5.005   -15.905 -1.738  1.00 8.74  ? 78  GLY A CA  1 
ATOM   541  C C   . GLY A 1 78 ? 4.492   -15.224 -2.987  1.00 9.10  ? 78  GLY A C   1 
ATOM   542  O O   . GLY A 1 78 ? 5.119   -14.276 -3.468  1.00 9.06  ? 78  GLY A O   1 
ATOM   543  N N   . PRO A 1 79 ? 3.346   -15.702 -3.507  1.00 9.19  ? 79  PRO A N   1 
ATOM   544  C CA  . PRO A 1 79 ? 2.795   -15.264 -4.789  1.00 9.21  ? 79  PRO A CA  1 
ATOM   545  C C   . PRO A 1 79 ? 2.190   -13.862 -4.757  1.00 9.23  ? 79  PRO A C   1 
ATOM   546  O O   . PRO A 1 79 ? 0.987   -13.718 -4.954  1.00 9.50  ? 79  PRO A O   1 
ATOM   547  C CB  . PRO A 1 79 ? 1.699   -16.300 -5.063  1.00 9.15  ? 79  PRO A CB  1 
ATOM   548  C CG  . PRO A 1 79 ? 1.244   -16.717 -3.702  1.00 9.25  ? 79  PRO A CG  1 
ATOM   549  C CD  . PRO A 1 79 ? 2.490   -16.717 -2.861  1.00 9.52  ? 79  PRO A CD  1 
ATOM   550  N N   . THR A 1 80 ? 3.017   -12.847 -4.515  1.00 9.10  ? 80  THR A N   1 
ATOM   551  C CA  . THR A 1 80 ? 2.594   -11.447 -4.571  1.00 9.03  ? 80  THR A CA  1 
ATOM   552  C C   . THR A 1 80 ? 2.915   -10.849 -5.939  1.00 8.57  ? 80  THR A C   1 
ATOM   553  O O   . THR A 1 80 ? 4.016   -11.044 -6.447  1.00 8.79  ? 80  THR A O   1 
ATOM   554  C CB  . THR A 1 80 ? 3.272   -10.605 -3.471  1.00 9.02  ? 80  THR A CB  1 
ATOM   555  O OG1 . THR A 1 80 ? 2.800   -9.251  -3.545  1.00 9.26  ? 80  THR A OG1 1 
ATOM   556  C CG2 . THR A 1 80 ? 4.784   -10.624 -3.630  1.00 9.44  ? 80  THR A CG2 1 
ATOM   557  N N   . PRO A 1 81 ? 1.962   -10.114 -6.542  1.00 8.02  ? 81  PRO A N   1 
ATOM   558  C CA  . PRO A 1 81 ? 2.178   -9.610  -7.902  1.00 7.41  ? 81  PRO A CA  1 
ATOM   559  C C   . PRO A 1 81 ? 3.445   -8.766  -8.041  1.00 7.13  ? 81  PRO A C   1 
ATOM   560  O O   . PRO A 1 81 ? 4.103   -8.860  -9.076  1.00 7.11  ? 81  PRO A O   1 
ATOM   561  C CB  . PRO A 1 81 ? 0.931   -8.762  -8.179  1.00 7.41  ? 81  PRO A CB  1 
ATOM   562  C CG  . PRO A 1 81 ? -0.093  -9.267  -7.245  1.00 7.45  ? 81  PRO A CG  1 
ATOM   563  C CD  . PRO A 1 81 ? 0.644   -9.716  -6.014  1.00 8.31  ? 81  PRO A CD  1 
ATOM   564  N N   . VAL A 1 82 ? 3.773   -7.963  -7.022  1.00 6.81  ? 82  VAL A N   1 
ATOM   565  C CA  . VAL A 1 82 ? 4.994   -7.137  -7.000  1.00 6.64  ? 82  VAL A CA  1 
ATOM   566  C C   . VAL A 1 82 ? 5.637   -7.077  -5.603  1.00 6.26  ? 82  VAL A C   1 
ATOM   567  O O   . VAL A 1 82 ? 4.943   -7.163  -4.586  1.00 5.99  ? 82  VAL A O   1 
ATOM   568  C CB  . VAL A 1 82 ? 4.749   -5.673  -7.475  1.00 6.85  ? 82  VAL A CB  1 
ATOM   569  C CG1 . VAL A 1 82 ? 4.263   -5.608  -8.930  1.00 7.08  ? 82  VAL A CG1 1 
ATOM   570  C CG2 . VAL A 1 82 ? 3.791   -4.956  -6.546  1.00 6.90  ? 82  VAL A CG2 1 
ATOM   571  N N   . ASN A 1 83 ? 6.960   -6.919  -5.559  1.00 5.79  ? 83  ASN A N   1 
ATOM   572  C CA  . ASN A 1 83 ? 7.689   -6.876  -4.293  1.00 5.06  ? 83  ASN A CA  1 
ATOM   573  C C   . ASN A 1 83 ? 7.306   -5.648  -3.464  1.00 4.88  ? 83  ASN A C   1 
ATOM   574  O O   . ASN A 1 83 ? 7.094   -4.559  -3.992  1.00 4.31  ? 83  ASN A O   1 
ATOM   575  C CB  . ASN A 1 83 ? 9.199   -6.917  -4.533  1.00 4.78  ? 83  ASN A CB  1 
ATOM   576  C CG  . ASN A 1 83 ? 9.667   -8.202  -5.216  1.00 3.25  ? 83  ASN A CG  1 
ATOM   577  O OD1 . ASN A 1 83 ? 9.015   -9.243  -5.130  1.00 2.08  ? 83  ASN A OD1 1 
ATOM   578  N ND2 . ASN A 1 83 ? 10.821  -8.133  -5.877  1.00 2.00  ? 83  ASN A ND2 1 
ATOM   579  N N   . ILE A 1 84 ? 7.220   -5.836  -2.153  1.00 4.50  ? 84  ILE A N   1 
ATOM   580  C CA  . ILE A 1 84 ? 6.600   -4.856  -1.272  1.00 4.07  ? 84  ILE A CA  1 
ATOM   581  C C   . ILE A 1 84 ? 7.399   -4.737  0.015   1.00 3.39  ? 84  ILE A C   1 
ATOM   582  O O   . ILE A 1 84 ? 7.613   -5.739  0.699   1.00 3.39  ? 84  ILE A O   1 
ATOM   583  C CB  . ILE A 1 84 ? 5.183   -5.324  -0.915  1.00 4.00  ? 84  ILE A CB  1 
ATOM   584  C CG1 . ILE A 1 84 ? 4.219   -5.038  -2.067  1.00 4.93  ? 84  ILE A CG1 1 
ATOM   585  C CG2 . ILE A 1 84 ? 4.689   -4.680  0.375   1.00 4.70  ? 84  ILE A CG2 1 
ATOM   586  C CD1 . ILE A 1 84 ? 2.863   -5.681  -1.888  1.00 3.29  ? 84  ILE A CD1 1 
ATOM   587  N N   . ILE A 1 85 ? 7.840   -3.522  0.332   1.00 2.70  ? 85  ILE A N   1 
ATOM   588  C CA  . ILE A 1 85 ? 8.467   -3.224  1.619   1.00 2.00  ? 85  ILE A CA  1 
ATOM   589  C C   . ILE A 1 85 ? 7.395   -2.689  2.565   1.00 2.00  ? 85  ILE A C   1 
ATOM   590  O O   . ILE A 1 85 ? 6.908   -1.572  2.392   1.00 2.00  ? 85  ILE A O   1 
ATOM   591  C CB  . ILE A 1 85 ? 9.579   -2.143  1.491   1.00 2.03  ? 85  ILE A CB  1 
ATOM   592  C CG1 . ILE A 1 85 ? 10.594  -2.487  0.385   1.00 2.00  ? 85  ILE A CG1 1 
ATOM   593  C CG2 . ILE A 1 85 ? 10.240  -1.888  2.839   1.00 2.00  ? 85  ILE A CG2 1 
ATOM   594  C CD1 . ILE A 1 85 ? 11.456  -3.705  0.637   1.00 2.00  ? 85  ILE A CD1 1 
ATOM   595  N N   . GLY A 1 86 ? 7.025   -3.487  3.559   1.00 2.00  ? 86  GLY A N   1 
ATOM   596  C CA  . GLY A 1 86 ? 5.946   -3.124  4.472   1.00 2.00  ? 86  GLY A CA  1 
ATOM   597  C C   . GLY A 1 86 ? 6.400   -2.313  5.667   1.00 2.00  ? 86  GLY A C   1 
ATOM   598  O O   . GLY A 1 86 ? 7.579   -1.991  5.811   1.00 2.00  ? 86  GLY A O   1 
ATOM   599  N N   . ARG A 1 87 ? 5.464   -1.984  6.543   1.00 2.00  ? 87  ARG A N   1 
ATOM   600  C CA  . ARG A 1 87 ? 5.762   -1.069  7.640   1.00 2.00  ? 87  ARG A CA  1 
ATOM   601  C C   . ARG A 1 87 ? 6.754   -1.638  8.668   1.00 2.00  ? 87  ARG A C   1 
ATOM   602  O O   . ARG A 1 87 ? 7.437   -0.869  9.355   1.00 2.00  ? 87  ARG A O   1 
ATOM   603  C CB  . ARG A 1 87 ? 4.471   -0.597  8.327   1.00 2.00  ? 87  ARG A CB  1 
ATOM   604  C CG  . ARG A 1 87 ? 3.598   0.335   7.481   1.00 2.00  ? 87  ARG A CG  1 
ATOM   605  C CD  . ARG A 1 87 ? 2.458   0.945   8.305   1.00 2.00  ? 87  ARG A CD  1 
ATOM   606  N NE  . ARG A 1 87 ? 1.543   -0.066  8.844   1.00 2.00  ? 87  ARG A NE  1 
ATOM   607  C CZ  . ARG A 1 87 ? 1.579   -0.563  10.081  1.00 2.00  ? 87  ARG A CZ  1 
ATOM   608  N NH1 . ARG A 1 87 ? 2.492   -0.154  10.958  1.00 2.00  ? 87  ARG A NH1 1 
ATOM   609  N NH2 . ARG A 1 87 ? 0.685   -1.476  10.440  1.00 2.00  ? 87  ARG A NH2 1 
ATOM   610  N N   . ASN A 1 88 ? 6.842   -2.964  8.786   1.00 2.00  ? 88  ASN A N   1 
ATOM   611  C CA  . ASN A 1 88 ? 7.758   -3.547  9.764   1.00 2.27  ? 88  ASN A CA  1 
ATOM   612  C C   . ASN A 1 88 ? 9.194   -3.218  9.410   1.00 2.45  ? 88  ASN A C   1 
ATOM   613  O O   . ASN A 1 88 ? 10.056  -3.156  10.284  1.00 2.27  ? 88  ASN A O   1 
ATOM   614  C CB  . ASN A 1 88 ? 7.578   -5.055  9.904   1.00 2.39  ? 88  ASN A CB  1 
ATOM   615  C CG  . ASN A 1 88 ? 7.929   -5.806  8.642   1.00 2.61  ? 88  ASN A CG  1 
ATOM   616  O OD1 . ASN A 1 88 ? 7.575   -5.389  7.536   1.00 2.08  ? 88  ASN A OD1 1 
ATOM   617  N ND2 . ASN A 1 88 ? 8.623   -6.930  8.797   1.00 2.00  ? 88  ASN A ND2 1 
ATOM   618  N N   . MET A 1 89 ? 9.438   -2.983  8.124   1.00 2.76  ? 89  MET A N   1 
ATOM   619  C CA  . MET A 1 89 ? 10.757  -2.550  7.653   1.00 3.26  ? 89  MET A CA  1 
ATOM   620  C C   . MET A 1 89 ? 10.879  -1.036  7.527   1.00 3.69  ? 89  MET A C   1 
ATOM   621  O O   . MET A 1 89 ? 11.925  -0.466  7.834   1.00 3.84  ? 89  MET A O   1 
ATOM   622  C CB  . MET A 1 89 ? 11.124  -3.238  6.343   1.00 3.27  ? 89  MET A CB  1 
ATOM   623  C CG  . MET A 1 89 ? 11.329  -4.731  6.514   1.00 2.24  ? 89  MET A CG  1 
ATOM   624  S SD  . MET A 1 89 ? 12.875  -5.170  7.335   1.00 3.35  ? 89  MET A SD  1 
ATOM   625  C CE  . MET A 1 89 ? 12.830  -6.950  7.145   1.00 2.95  ? 89  MET A CE  1 
ATOM   626  N N   . LEU A 1 90 ? 9.807   -0.387  7.092   1.00 4.04  ? 90  LEU A N   1 
ATOM   627  C CA  . LEU A 1 90 ? 9.816   1.065   6.904   1.00 4.09  ? 90  LEU A CA  1 
ATOM   628  C C   . LEU A 1 90 ? 10.024  1.848   8.206   1.00 4.34  ? 90  LEU A C   1 
ATOM   629  O O   . LEU A 1 90 ? 10.710  2.874   8.201   1.00 4.14  ? 90  LEU A O   1 
ATOM   630  C CB  . LEU A 1 90 ? 8.523   1.528   6.231   1.00 4.11  ? 90  LEU A CB  1 
ATOM   631  C CG  . LEU A 1 90 ? 8.264   1.099   4.791   1.00 4.14  ? 90  LEU A CG  1 
ATOM   632  C CD1 . LEU A 1 90 ? 6.809   1.370   4.521   1.00 4.28  ? 90  LEU A CD1 1 
ATOM   633  C CD2 . LEU A 1 90 ? 9.166   1.871   3.822   1.00 4.74  ? 90  LEU A CD2 1 
ATOM   634  N N   . THR A 1 91 ? 9.454   1.372   9.314   1.00 5.09  ? 91  THR A N   1 
ATOM   635  C CA  . THR A 1 91 ? 9.682   2.029   10.598  1.00 6.15  ? 91  THR A CA  1 
ATOM   636  C C   . THR A 1 91 ? 11.172  2.062   10.917  1.00 6.67  ? 91  THR A C   1 
ATOM   637  O O   . THR A 1 91 ? 11.671  3.045   11.466  1.00 6.61  ? 91  THR A O   1 
ATOM   638  C CB  . THR A 1 91 ? 8.947   1.350   11.758  1.00 5.94  ? 91  THR A CB  1 
ATOM   639  O OG1 . THR A 1 91 ? 9.229   -0.054  11.748  1.00 6.57  ? 91  THR A OG1 1 
ATOM   640  C CG2 . THR A 1 91 ? 7.462   1.558   11.626  1.00 6.24  ? 91  THR A CG2 1 
ATOM   641  N N   . GLN A 1 92 ? 11.868  0.991   10.540  1.00 7.27  ? 92  GLN A N   1 
ATOM   642  C CA  . GLN A 1 92 ? 13.307  0.850   10.744  1.00 8.07  ? 92  GLN A CA  1 
ATOM   643  C C   . GLN A 1 92 ? 14.134  1.753   9.859   1.00 8.21  ? 92  GLN A C   1 
ATOM   644  O O   . GLN A 1 92 ? 15.245  2.119   10.214  1.00 7.91  ? 92  GLN A O   1 
ATOM   645  C CB  . GLN A 1 92 ? 13.740  -0.586  10.496  1.00 8.43  ? 92  GLN A CB  1 
ATOM   646  C CG  . GLN A 1 92 ? 13.604  -1.435  11.721  1.00 8.92  ? 92  GLN A CG  1 
ATOM   647  C CD  . GLN A 1 92 ? 13.780  -2.886  11.397  1.00 8.56  ? 92  GLN A CD  1 
ATOM   648  O OE1 . GLN A 1 92 ? 14.909  -3.393  11.316  1.00 10.21 ? 92  GLN A OE1 1 
ATOM   649  N NE2 . GLN A 1 92 ? 12.661  -3.571  11.197  1.00 9.61  ? 92  GLN A NE2 1 
ATOM   650  N N   . LEU A 1 93 ? 13.612  2.098   8.693   1.00 8.41  ? 93  LEU A N   1 
ATOM   651  C CA  . LEU A 1 93 ? 14.336  3.027   7.847   1.00 8.82  ? 93  LEU A CA  1 
ATOM   652  C C   . LEU A 1 93 ? 13.974  4.461   8.258   1.00 9.55  ? 93  LEU A C   1 
ATOM   653  O O   . LEU A 1 93 ? 14.360  5.429   7.603   1.00 9.28  ? 93  LEU A O   1 
ATOM   654  C CB  . LEU A 1 93 ? 14.089  2.716   6.365   1.00 8.55  ? 93  LEU A CB  1 
ATOM   655  C CG  . LEU A 1 93 ? 14.360  1.247   5.993   1.00 8.16  ? 93  LEU A CG  1 
ATOM   656  C CD1 . LEU A 1 93 ? 13.928  0.932   4.568   1.00 8.05  ? 93  LEU A CD1 1 
ATOM   657  C CD2 . LEU A 1 93 ? 15.811  0.845   6.205   1.00 7.31  ? 93  LEU A CD2 1 
ATOM   658  N N   . GLY A 1 94 ? 13.259  4.577   9.377   1.00 10.35 ? 94  GLY A N   1 
ATOM   659  C CA  . GLY A 1 94 ? 12.836  5.863   9.926   1.00 11.57 ? 94  GLY A CA  1 
ATOM   660  C C   . GLY A 1 94 ? 11.965  6.584   8.920   1.00 12.01 ? 94  GLY A C   1 
ATOM   661  O O   . GLY A 1 94 ? 11.961  7.805   8.835   1.00 12.32 ? 94  GLY A O   1 
ATOM   662  N N   . CYS A 1 95 ? 11.230  5.814   8.135   1.00 12.52 ? 95  CYS A N   1 
ATOM   663  C CA  . CYS A 1 95 ? 10.454  6.364   7.043   1.00 13.04 ? 95  CYS A CA  1 
ATOM   664  C C   . CYS A 1 95 ? 9.137   6.975   7.534   1.00 13.57 ? 95  CYS A C   1 
ATOM   665  O O   . CYS A 1 95 ? 8.396   6.326   8.276   1.00 13.61 ? 95  CYS A O   1 
ATOM   666  C CB  . CYS A 1 95 ? 10.213  5.265   6.017   1.00 12.53 ? 95  CYS A CB  1 
ATOM   667  S SG  . CYS A 1 95 ? 9.059   5.745   4.776   1.00 13.19 ? 95  CYS A SG  1 
ATOM   668  N N   . THR A 1 96 ? 8.861   8.218   7.133   1.00 13.91 ? 96  THR A N   1 
ATOM   669  C CA  . THR A 1 96 ? 7.631   8.926   7.522   1.00 14.75 ? 96  THR A CA  1 
ATOM   670  C C   . THR A 1 96 ? 6.765   9.342   6.330   1.00 14.76 ? 96  THR A C   1 
ATOM   671  O O   . THR A 1 96 ? 7.257   9.544   5.219   1.00 15.25 ? 96  THR A O   1 
ATOM   672  C CB  . THR A 1 96 ? 7.929   10.230  8.307   1.00 14.48 ? 96  THR A CB  1 
ATOM   673  O OG1 . THR A 1 96 ? 8.763   11.100  7.522   1.00 14.98 ? 96  THR A OG1 1 
ATOM   674  C CG2 . THR A 1 96 ? 8.583   9.945   9.655   1.00 16.02 ? 96  THR A CG2 1 
ATOM   675  N N   . LEU A 1 97 ? 5.469   9.500   6.562   1.00 15.00 ? 97  LEU A N   1 
ATOM   676  C CA  . LEU A 1 97 ? 4.618   10.179  5.596   1.00 15.18 ? 97  LEU A CA  1 
ATOM   677  C C   . LEU A 1 97 ? 4.515   11.667  5.948   1.00 15.48 ? 97  LEU A C   1 
ATOM   678  O O   . LEU A 1 97 ? 4.175   12.016  7.080   1.00 15.22 ? 97  LEU A O   1 
ATOM   679  C CB  . LEU A 1 97 ? 3.224   9.564   5.604   1.00 15.24 ? 97  LEU A CB  1 
ATOM   680  C CG  . LEU A 1 97 ? 3.070   8.324   4.739   1.00 14.62 ? 97  LEU A CG  1 
ATOM   681  C CD1 . LEU A 1 97 ? 1.766   7.632   5.062   1.00 15.41 ? 97  LEU A CD1 1 
ATOM   682  C CD2 . LEU A 1 97 ? 3.149   8.734   3.273   1.00 15.64 ? 97  LEU A CD2 1 
ATOM   683  N N   . ASN A 1 98 ? 4.817   12.541  4.996   1.00 15.65 ? 98  ASN A N   1 
ATOM   684  C CA  . ASN A 1 98 ? 4.548   13.962  5.188   1.00 15.99 ? 98  ASN A CA  1 
ATOM   685  C C   . ASN A 1 98 ? 3.467   14.414  4.231   1.00 16.25 ? 98  ASN A C   1 
ATOM   686  O O   . ASN A 1 98 ? 3.532   14.111  3.042   1.00 15.96 ? 98  ASN A O   1 
ATOM   687  C CB  . ASN A 1 98 ? 5.797   14.817  4.963   1.00 15.95 ? 98  ASN A CB  1 
ATOM   688  C CG  . ASN A 1 98 ? 6.868   14.591  6.018   1.00 16.13 ? 98  ASN A CG  1 
ATOM   689  O OD1 . ASN A 1 98 ? 7.127   13.449  6.447   1.00 16.37 ? 98  ASN A OD1 1 
ATOM   690  N ND2 . ASN A 1 98 ? 7.518   15.685  6.428   1.00 15.91 ? 98  ASN A ND2 1 
ATOM   691  N N   . PHE A 1 99 ? 2.480   15.132  4.757   1.00 16.27 ? 99  PHE A N   1 
ATOM   692  C CA  . PHE A 1 99 ? 1.445   15.757  3.934   1.00 16.52 ? 99  PHE A CA  1 
ATOM   693  C C   . PHE A 1 99 ? 0.857   16.995  4.607   1.00 16.70 ? 99  PHE A C   1 
ATOM   694  O O   . PHE A 1 99 ? 1.458   17.596  5.507   1.00 16.47 ? 99  PHE A O   1 
ATOM   695  C CB  . PHE A 1 99 ? 0.341   14.755  3.549   1.00 16.57 ? 99  PHE A CB  1 
ATOM   696  C CG  . PHE A 1 99 ? -0.498  14.285  4.703   1.00 17.08 ? 99  PHE A CG  1 
ATOM   697  C CD1 . PHE A 1 99 ? 0.024   13.422  5.660   1.00 17.24 ? 99  PHE A CD1 1 
ATOM   698  C CD2 . PHE A 1 99 ? -1.823  14.691  4.819   1.00 17.36 ? 99  PHE A CD2 1 
ATOM   699  C CE1 . PHE A 1 99 ? -0.761  12.985  6.735   1.00 18.18 ? 99  PHE A CE1 1 
ATOM   700  C CE2 . PHE A 1 99 ? -2.613  14.262  5.882   1.00 17.92 ? 99  PHE A CE2 1 
ATOM   701  C CZ  . PHE A 1 99 ? -2.083  13.407  6.841   1.00 18.23 ? 99  PHE A CZ  1 
ATOM   702  O OXT . PHE A 1 99 ? -0.241  17.432  4.251   1.00 16.75 ? 99  PHE A OXT 1 
ATOM   703  N N   . PRO B 1 1  ? 0.736   17.304  8.098   1.00 14.47 ? 1   PRO B N   1 
ATOM   704  C CA  . PRO B 1 1  ? 1.386   16.662  9.238   1.00 14.42 ? 1   PRO B CA  1 
ATOM   705  C C   . PRO B 1 1  ? 2.426   15.636  8.808   1.00 14.20 ? 1   PRO B C   1 
ATOM   706  O O   . PRO B 1 1  ? 2.266   15.015  7.758   1.00 14.15 ? 1   PRO B O   1 
ATOM   707  C CB  . PRO B 1 1  ? 0.226   15.945  9.946   1.00 14.40 ? 1   PRO B CB  1 
ATOM   708  C CG  . PRO B 1 1  ? -0.827  15.770  8.907   1.00 14.15 ? 1   PRO B CG  1 
ATOM   709  C CD  . PRO B 1 1  ? -0.699  16.970  8.015   1.00 14.58 ? 1   PRO B CD  1 
ATOM   710  N N   . GLN B 1 2  ? 3.475   15.458  9.605   1.00 14.09 ? 2   GLN B N   1 
ATOM   711  C CA  . GLN B 1 2  ? 4.362   14.311  9.420   1.00 14.08 ? 2   GLN B CA  1 
ATOM   712  C C   . GLN B 1 2  ? 3.755   13.153  10.183  1.00 13.88 ? 2   GLN B C   1 
ATOM   713  O O   . GLN B 1 2  ? 3.057   13.370  11.163  1.00 14.22 ? 2   GLN B O   1 
ATOM   714  C CB  . GLN B 1 2  ? 5.761   14.596  9.920   1.00 13.80 ? 2   GLN B CB  1 
ATOM   715  N N   . ILE B 1 3  ? 3.985   11.931  9.722   1.00 13.25 ? 3   ILE B N   1 
ATOM   716  C CA  . ILE B 1 3  ? 3.505   10.781  10.454  1.00 12.83 ? 3   ILE B CA  1 
ATOM   717  C C   . ILE B 1 3  ? 4.373   9.532   10.339  1.00 13.20 ? 3   ILE B C   1 
ATOM   718  O O   . ILE B 1 3  ? 4.785   9.130   9.244   1.00 13.33 ? 3   ILE B O   1 
ATOM   719  C CB  . ILE B 1 3  ? 2.044   10.495  10.147  1.00 12.66 ? 3   ILE B CB  1 
ATOM   720  C CG1 . ILE B 1 3  ? 1.884   9.355   9.148   1.00 12.20 ? 3   ILE B CG1 1 
ATOM   721  C CG2 . ILE B 1 3  ? 1.386   11.737  9.643   1.00 12.54 ? 3   ILE B CG2 1 
ATOM   722  C CD1 . ILE B 1 3  ? 0.529   8.720   9.214   1.00 11.70 ? 3   ILE B CD1 1 
ATOM   723  N N   . THR B 1 4  ? 4.662   8.936   11.491  1.00 12.62 ? 4   THR B N   1 
ATOM   724  C CA  . THR B 1 4  ? 5.451   7.717   11.560  1.00 12.21 ? 4   THR B CA  1 
ATOM   725  C C   . THR B 1 4  ? 4.630   6.517   11.134  1.00 11.70 ? 4   THR B C   1 
ATOM   726  O O   . THR B 1 4  ? 3.421   6.590   11.012  1.00 11.56 ? 4   THR B O   1 
ATOM   727  C CB  . THR B 1 4  ? 6.014   7.469   12.968  1.00 12.28 ? 4   THR B CB  1 
ATOM   728  O OG1 . THR B 1 4  ? 4.935   7.249   13.883  1.00 12.72 ? 4   THR B OG1 1 
ATOM   729  C CG2 . THR B 1 4  ? 6.846   8.641   13.425  1.00 11.80 ? 4   THR B CG2 1 
ATOM   730  N N   . LEU B 1 5  ? 5.306   5.401   10.900  1.00 11.30 ? 5   LEU B N   1 
ATOM   731  C CA  . LEU B 1 5  ? 4.643   4.218   10.402  1.00 10.50 ? 5   LEU B CA  1 
ATOM   732  C C   . LEU B 1 5  ? 4.651   3.108   11.435  1.00 10.46 ? 5   LEU B C   1 
ATOM   733  O O   . LEU B 1 5  ? 4.676   1.936   11.108  1.00 10.69 ? 5   LEU B O   1 
ATOM   734  C CB  . LEU B 1 5  ? 5.251   3.802   9.066   1.00 10.04 ? 5   LEU B CB  1 
ATOM   735  C CG  . LEU B 1 5  ? 5.000   4.856   7.978   1.00 10.22 ? 5   LEU B CG  1 
ATOM   736  C CD1 . LEU B 1 5  ? 5.961   4.760   6.822   1.00 10.00 ? 5   LEU B CD1 1 
ATOM   737  C CD2 . LEU B 1 5  ? 3.573   4.850   7.475   1.00 10.04 ? 5   LEU B CD2 1 
ATOM   738  N N   . TRP B 1 6  ? 4.613   3.491   12.703  1.00 10.19 ? 6   TRP B N   1 
ATOM   739  C CA  . TRP B 1 6  ? 4.517   2.519   13.770  1.00 9.43  ? 6   TRP B CA  1 
ATOM   740  C C   . TRP B 1 6  ? 3.103   1.999   13.979  1.00 9.58  ? 6   TRP B C   1 
ATOM   741  O O   . TRP B 1 6  ? 2.919   0.899   14.481  1.00 9.79  ? 6   TRP B O   1 
ATOM   742  C CB  . TRP B 1 6  ? 5.151   3.039   15.053  1.00 9.00  ? 6   TRP B CB  1 
ATOM   743  C CG  . TRP B 1 6  ? 6.546   2.596   15.156  1.00 8.49  ? 6   TRP B CG  1 
ATOM   744  C CD1 . TRP B 1 6  ? 6.984   1.334   15.433  1.00 7.92  ? 6   TRP B CD1 1 
ATOM   745  C CD2 . TRP B 1 6  ? 7.707   3.383   14.946  1.00 7.26  ? 6   TRP B CD2 1 
ATOM   746  N NE1 . TRP B 1 6  ? 8.343   1.289   15.418  1.00 6.64  ? 6   TRP B NE1 1 
ATOM   747  C CE2 . TRP B 1 6  ? 8.818   2.536   15.125  1.00 7.64  ? 6   TRP B CE2 1 
ATOM   748  C CE3 . TRP B 1 6  ? 7.920   4.723   14.637  1.00 6.34  ? 6   TRP B CE3 1 
ATOM   749  C CZ2 . TRP B 1 6  ? 10.120  2.984   15.006  1.00 7.69  ? 6   TRP B CZ2 1 
ATOM   750  C CZ3 . TRP B 1 6  ? 9.210   5.165   14.515  1.00 7.37  ? 6   TRP B CZ3 1 
ATOM   751  C CH2 . TRP B 1 6  ? 10.296  4.301   14.700  1.00 8.56  ? 6   TRP B CH2 1 
ATOM   752  N N   . GLN B 1 7  ? 2.105   2.775   13.573  1.00 9.22  ? 7   GLN B N   1 
ATOM   753  C CA  . GLN B 1 7  ? 0.737   2.279   13.528  1.00 9.25  ? 7   GLN B CA  1 
ATOM   754  C C   . GLN B 1 7  ? 0.143   2.499   12.140  1.00 9.26  ? 7   GLN B C   1 
ATOM   755  O O   . GLN B 1 7  ? 0.572   3.383   11.428  1.00 9.93  ? 7   GLN B O   1 
ATOM   756  C CB  . GLN B 1 7  ? -0.094  2.950   14.599  1.00 9.19  ? 7   GLN B CB  1 
ATOM   757  N N   . ARG B 1 8  ? -0.843  1.711   11.738  1.00 9.10  ? 8   ARG B N   1 
ATOM   758  C CA  . ARG B 1 8  ? -1.465  1.936   10.426  1.00 8.99  ? 8   ARG B CA  1 
ATOM   759  C C   . ARG B 1 8  ? -1.789  3.416   10.211  1.00 8.45  ? 8   ARG B C   1 
ATOM   760  O O   . ARG B 1 8  ? -2.427  4.026   11.071  1.00 8.66  ? 8   ARG B O   1 
ATOM   761  C CB  . ARG B 1 8  ? -2.744  1.106   10.267  1.00 8.82  ? 8   ARG B CB  1 
ATOM   762  C CG  . ARG B 1 8  ? -2.488  -0.386  10.174  1.00 10.48 ? 8   ARG B CG  1 
ATOM   763  C CD  . ARG B 1 8  ? -3.793  -1.159  10.200  1.00 13.33 ? 8   ARG B CD  1 
ATOM   764  N NE  . ARG B 1 8  ? -4.346  -1.317  8.858   1.00 15.72 ? 8   ARG B NE  1 
ATOM   765  C CZ  . ARG B 1 8  ? -5.615  -1.639  8.607   1.00 16.85 ? 8   ARG B CZ  1 
ATOM   766  N NH1 . ARG B 1 8  ? -6.466  -1.834  9.613   1.00 17.31 ? 8   ARG B NH1 1 
ATOM   767  N NH2 . ARG B 1 8  ? -6.029  -1.766  7.350   1.00 17.50 ? 8   ARG B NH2 1 
ATOM   768  N N   . PRO B 1 9  ? -1.360  3.993   9.064   1.00 7.70  ? 9   PRO B N   1 
ATOM   769  C CA  . PRO B 1 9  ? -1.607  5.406   8.758   1.00 6.94  ? 9   PRO B CA  1 
ATOM   770  C C   . PRO B 1 9  ? -3.051  5.703   8.348   1.00 6.56  ? 9   PRO B C   1 
ATOM   771  O O   . PRO B 1 9  ? -3.332  5.965   7.170   1.00 6.68  ? 9   PRO B O   1 
ATOM   772  C CB  . PRO B 1 9  ? -0.615  5.705   7.631   1.00 6.61  ? 9   PRO B CB  1 
ATOM   773  C CG  . PRO B 1 9  ? -0.393  4.413   6.966   1.00 7.08  ? 9   PRO B CG  1 
ATOM   774  C CD  . PRO B 1 9  ? -0.590  3.329   7.996   1.00 7.69  ? 9   PRO B CD  1 
ATOM   775  N N   . LEU B 1 10 ? -3.953  5.664   9.329   1.00 6.13  ? 10  LEU B N   1 
ATOM   776  C CA  . LEU B 1 10 ? -5.377  5.894   9.096   1.00 6.02  ? 10  LEU B CA  1 
ATOM   777  C C   . LEU B 1 10 ? -5.716  7.380   9.155   1.00 5.86  ? 10  LEU B C   1 
ATOM   778  O O   . LEU B 1 10 ? -5.238  8.086   10.041  1.00 5.95  ? 10  LEU B O   1 
ATOM   779  C CB  . LEU B 1 10 ? -6.207  5.154   10.148  1.00 5.86  ? 10  LEU B CB  1 
ATOM   780  C CG  . LEU B 1 10 ? -6.486  3.653   10.024  1.00 6.37  ? 10  LEU B CG  1 
ATOM   781  C CD1 . LEU B 1 10 ? -7.305  3.186   11.234  1.00 5.23  ? 10  LEU B CD1 1 
ATOM   782  C CD2 . LEU B 1 10 ? -7.183  3.273   8.704   1.00 5.18  ? 10  LEU B CD2 1 
ATOM   783  N N   . VAL B 1 11 ? -6.541  7.852   8.225   1.00 5.70  ? 11  VAL B N   1 
ATOM   784  C CA  . VAL B 1 11 ? -7.040  9.227   8.286   1.00 5.85  ? 11  VAL B CA  1 
ATOM   785  C C   . VAL B 1 11 ? -8.552  9.320   8.185   1.00 6.14  ? 11  VAL B C   1 
ATOM   786  O O   . VAL B 1 11 ? -9.214  8.375   7.770   1.00 6.04  ? 11  VAL B O   1 
ATOM   787  C CB  . VAL B 1 11 ? -6.384  10.187  7.253   1.00 5.71  ? 11  VAL B CB  1 
ATOM   788  C CG1 . VAL B 1 11 ? -4.901  10.362  7.543   1.00 5.21  ? 11  VAL B CG1 1 
ATOM   789  C CG2 . VAL B 1 11 ? -6.654  9.742   5.807   1.00 6.42  ? 11  VAL B CG2 1 
ATOM   790  N N   . THR B 1 12 ? -9.086  10.474  8.570   1.00 7.11  ? 12  THR B N   1 
ATOM   791  C CA  . THR B 1 12 ? -10.514 10.710  8.518   1.00 8.14  ? 12  THR B CA  1 
ATOM   792  C C   . THR B 1 12 ? -10.824 11.398  7.202   1.00 9.06  ? 12  THR B C   1 
ATOM   793  O O   . THR B 1 12 ? -10.260 12.456  6.920   1.00 9.94  ? 12  THR B O   1 
ATOM   794  C CB  . THR B 1 12 ? -10.975 11.601  9.686   1.00 8.14  ? 12  THR B CB  1 
ATOM   795  O OG1 . THR B 1 12 ? -11.165 10.798  10.858  1.00 7.66  ? 12  THR B OG1 1 
ATOM   796  C CG2 . THR B 1 12 ? -12.286 12.297  9.352   1.00 7.29  ? 12  THR B CG2 1 
ATOM   797  N N   . ILE B 1 13 ? -11.706 10.795  6.404   1.00 9.51  ? 13  ILE B N   1 
ATOM   798  C CA  . ILE B 1 13 ? -12.152 11.396  5.146   1.00 9.87  ? 13  ILE B CA  1 
ATOM   799  C C   . ILE B 1 13 ? -13.626 11.766  5.178   1.00 9.69  ? 13  ILE B C   1 
ATOM   800  O O   . ILE B 1 13 ? -14.439 11.026  5.739   1.00 10.05 ? 13  ILE B O   1 
ATOM   801  C CB  . ILE B 1 13 ? -11.955 10.448  3.950   1.00 9.96  ? 13  ILE B CB  1 
ATOM   802  C CG1 . ILE B 1 13 ? -12.653 9.112   4.205   1.00 9.75  ? 13  ILE B CG1 1 
ATOM   803  C CG2 . ILE B 1 13 ? -10.467 10.262  3.659   1.00 11.26 ? 13  ILE B CG2 1 
ATOM   804  C CD1 . ILE B 1 13 ? -12.931 8.328   2.950   1.00 9.85  ? 13  ILE B CD1 1 
ATOM   805  N N   . LYS B 1 14 ? -13.958 12.905  4.575   1.00 9.41  ? 14  LYS B N   1 
ATOM   806  C CA  . LYS B 1 14 ? -15.348 13.235  4.259   1.00 9.53  ? 14  LYS B CA  1 
ATOM   807  C C   . LYS B 1 14 ? -15.623 13.179  2.750   1.00 9.69  ? 14  LYS B C   1 
ATOM   808  O O   . LYS B 1 14 ? -15.049 13.947  1.967   1.00 9.63  ? 14  LYS B O   1 
ATOM   809  C CB  . LYS B 1 14 ? -15.744 14.597  4.824   1.00 9.44  ? 14  LYS B CB  1 
ATOM   810  C CG  . LYS B 1 14 ? -17.119 15.072  4.379   1.00 9.49  ? 14  LYS B CG  1 
ATOM   811  C CD  . LYS B 1 14 ? -17.507 16.313  5.152   1.00 12.18 ? 14  LYS B CD  1 
ATOM   812  C CE  . LYS B 1 14 ? -18.537 17.153  4.423   1.00 13.09 ? 14  LYS B CE  1 
ATOM   813  N NZ  . LYS B 1 14 ? -18.633 18.480  5.094   1.00 13.87 ? 14  LYS B NZ  1 
ATOM   814  N N   . ILE B 1 15 ? -16.515 12.270  2.362   1.00 9.50  ? 15  ILE B N   1 
ATOM   815  C CA  . ILE B 1 15 ? -16.827 12.021  0.957   1.00 9.74  ? 15  ILE B CA  1 
ATOM   816  C C   . ILE B 1 15 ? -18.338 11.837  0.738   1.00 10.39 ? 15  ILE B C   1 
ATOM   817  O O   . ILE B 1 15 ? -18.957 10.875  1.223   1.00 10.38 ? 15  ILE B O   1 
ATOM   818  C CB  . ILE B 1 15 ? -16.001 10.827  0.411   1.00 9.52  ? 15  ILE B CB  1 
ATOM   819  C CG1 . ILE B 1 15 ? -16.311 10.565  -1.062  1.00 9.39  ? 15  ILE B CG1 1 
ATOM   820  C CG2 . ILE B 1 15 ? -16.195 9.579   1.271   1.00 9.11  ? 15  ILE B CG2 1 
ATOM   821  C CD1 . ILE B 1 15 ? -15.568 9.367   -1.636  1.00 10.26 ? 15  ILE B CD1 1 
ATOM   822  N N   . GLY B 1 16 ? -18.933 12.788  0.027   1.00 10.80 ? 16  GLY B N   1 
ATOM   823  C CA  . GLY B 1 16 ? -20.377 12.788  -0.205  1.00 11.26 ? 16  GLY B CA  1 
ATOM   824  C C   . GLY B 1 16 ? -21.213 12.855  1.065   1.00 11.39 ? 16  GLY B C   1 
ATOM   825  O O   . GLY B 1 16 ? -22.181 12.085  1.221   1.00 11.77 ? 16  GLY B O   1 
ATOM   826  N N   . GLY B 1 17 ? -20.848 13.766  1.964   1.00 10.83 ? 17  GLY B N   1 
ATOM   827  C CA  . GLY B 1 17 ? -21.494 13.882  3.267   1.00 10.39 ? 17  GLY B CA  1 
ATOM   828  C C   . GLY B 1 17 ? -21.220 12.757  4.252   1.00 10.41 ? 17  GLY B C   1 
ATOM   829  O O   . GLY B 1 17 ? -21.672 12.806  5.380   1.00 10.14 ? 17  GLY B O   1 
ATOM   830  N N   . GLN B 1 18 ? -20.480 11.736  3.838   1.00 10.58 ? 18  GLN B N   1 
ATOM   831  C CA  . GLN B 1 18 ? -20.185 10.602  4.704   1.00 9.96  ? 18  GLN B CA  1 
ATOM   832  C C   . GLN B 1 18 ? -18.772 10.632  5.260   1.00 9.37  ? 18  GLN B C   1 
ATOM   833  O O   . GLN B 1 18 ? -17.812 10.927  4.560   1.00 9.36  ? 18  GLN B O   1 
ATOM   834  C CB  . GLN B 1 18 ? -20.444 9.283   3.979   1.00 10.39 ? 18  GLN B CB  1 
ATOM   835  C CG  . GLN B 1 18 ? -21.830 9.158   3.399   1.00 11.05 ? 18  GLN B CG  1 
ATOM   836  C CD  . GLN B 1 18 ? -21.908 8.146   2.283   1.00 13.48 ? 18  GLN B CD  1 
ATOM   837  O OE1 . GLN B 1 18 ? -21.982 6.954   2.526   1.00 16.56 ? 18  GLN B OE1 1 
ATOM   838  N NE2 . GLN B 1 18 ? -21.907 8.616   1.052   1.00 12.57 ? 18  GLN B NE2 1 
ATOM   839  N N   . LEU B 1 19 ? -18.668 10.318  6.542   1.00 8.88  ? 19  LEU B N   1 
ATOM   840  C CA  . LEU B 1 19 ? -17.409 10.287  7.259   1.00 8.14  ? 19  LEU B CA  1 
ATOM   841  C C   . LEU B 1 19 ? -16.927 8.859   7.314   1.00 8.19  ? 19  LEU B C   1 
ATOM   842  O O   . LEU B 1 19 ? -17.657 7.976   7.738   1.00 7.55  ? 19  LEU B O   1 
ATOM   843  C CB  . LEU B 1 19 ? -17.635 10.761  8.684   1.00 7.97  ? 19  LEU B CB  1 
ATOM   844  C CG  . LEU B 1 19 ? -17.674 12.248  8.984   1.00 7.60  ? 19  LEU B CG  1 
ATOM   845  C CD1 . LEU B 1 19 ? -17.975 13.057  7.756   1.00 5.43  ? 19  LEU B CD1 1 
ATOM   846  C CD2 . LEU B 1 19 ? -18.695 12.474  10.054  1.00 6.24  ? 19  LEU B CD2 1 
ATOM   847  N N   . ARG B 1 20 ? -15.695 8.631   6.887   1.00 8.34  ? 20  ARG B N   1 
ATOM   848  C CA  . ARG B 1 20 ? -15.141 7.284   6.871   1.00 8.57  ? 20  ARG B CA  1 
ATOM   849  C C   . ARG B 1 20 ? -13.683 7.353   7.272   1.00 8.05  ? 20  ARG B C   1 
ATOM   850  O O   . ARG B 1 20 ? -13.104 8.427   7.322   1.00 8.06  ? 20  ARG B O   1 
ATOM   851  C CB  . ARG B 1 20 ? -15.272 6.652   5.477   1.00 8.91  ? 20  ARG B CB  1 
ATOM   852  C CG  . ARG B 1 20 ? -16.682 6.340   5.025   1.00 9.06  ? 20  ARG B CG  1 
ATOM   853  C CD  . ARG B 1 20 ? -17.331 5.223   5.835   1.00 12.10 ? 20  ARG B CD  1 
ATOM   854  N NE  . ARG B 1 20 ? -18.614 4.837   5.243   1.00 13.04 ? 20  ARG B NE  1 
ATOM   855  C CZ  . ARG B 1 20 ? -19.800 5.311   5.609   1.00 11.21 ? 20  ARG B CZ  1 
ATOM   856  N NH1 . ARG B 1 20 ? -19.909 6.183   6.593   1.00 10.51 ? 20  ARG B NH1 1 
ATOM   857  N NH2 . ARG B 1 20 ? -20.883 4.912   4.979   1.00 9.80  ? 20  ARG B NH2 1 
ATOM   858  N N   . GLU B 1 21 ? -13.096 6.206   7.570   1.00 7.40  ? 21  GLU B N   1 
ATOM   859  C CA  . GLU B 1 21 ? -11.655 6.156   7.768   1.00 7.55  ? 21  GLU B CA  1 
ATOM   860  C C   . GLU B 1 21 ? -11.011 5.404   6.617   1.00 6.58  ? 21  GLU B C   1 
ATOM   861  O O   . GLU B 1 21 ? -11.605 4.459   6.096   1.00 6.85  ? 21  GLU B O   1 
ATOM   862  C CB  . GLU B 1 21 ? -11.316 5.488   9.092   1.00 8.03  ? 21  GLU B CB  1 
ATOM   863  C CG  . GLU B 1 21 ? -11.489 6.411   10.296  1.00 11.34 ? 21  GLU B CG  1 
ATOM   864  C CD  . GLU B 1 21 ? -11.247 5.687   11.603  1.00 15.84 ? 21  GLU B CD  1 
ATOM   865  O OE1 . GLU B 1 21 ? -10.843 4.505   11.564  1.00 19.62 ? 21  GLU B OE1 1 
ATOM   866  O OE2 . GLU B 1 21 ? -11.447 6.293   12.680  1.00 19.63 ? 21  GLU B OE2 1 
ATOM   867  N N   . ALA B 1 22 ? -9.816  5.828   6.211   1.00 5.13  ? 22  ALA B N   1 
ATOM   868  C CA  . ALA B 1 22 ? -9.106  5.169   5.115   1.00 4.14  ? 22  ALA B CA  1 
ATOM   869  C C   . ALA B 1 22 ? -7.597  5.160   5.317   1.00 3.60  ? 22  ALA B C   1 
ATOM   870  O O   . ALA B 1 22 ? -7.039  6.021   5.993   1.00 3.65  ? 22  ALA B O   1 
ATOM   871  C CB  . ALA B 1 22 ? -9.465  5.806   3.778   1.00 4.07  ? 22  ALA B CB  1 
ATOM   872  N N   . LEU B 1 23 ? -6.937  4.184   4.709   1.00 3.13  ? 23  LEU B N   1 
ATOM   873  C CA  . LEU B 1 23 ? -5.508  3.989   4.915   1.00 2.71  ? 23  LEU B CA  1 
ATOM   874  C C   . LEU B 1 23 ? -4.729  4.774   3.863   1.00 2.22  ? 23  LEU B C   1 
ATOM   875  O O   . LEU B 1 23 ? -4.995  4.617   2.667   1.00 2.21  ? 23  LEU B O   1 
ATOM   876  C CB  . LEU B 1 23 ? -5.198  2.493   4.823   1.00 2.62  ? 23  LEU B CB  1 
ATOM   877  C CG  . LEU B 1 23 ? -3.877  1.926   5.337   1.00 2.78  ? 23  LEU B CG  1 
ATOM   878  C CD1 . LEU B 1 23 ? -3.730  2.029   6.852   1.00 2.00  ? 23  LEU B CD1 1 
ATOM   879  C CD2 . LEU B 1 23 ? -3.812  0.481   4.894   1.00 3.06  ? 23  LEU B CD2 1 
ATOM   880  N N   . LEU B 1 24 ? -3.809  5.638   4.300   1.00 2.00  ? 24  LEU B N   1 
ATOM   881  C CA  . LEU B 1 24 ? -2.900  6.312   3.371   1.00 2.00  ? 24  LEU B CA  1 
ATOM   882  C C   . LEU B 1 24 ? -1.912  5.287   2.814   1.00 2.00  ? 24  LEU B C   1 
ATOM   883  O O   . LEU B 1 24 ? -1.009  4.812   3.516   1.00 2.00  ? 24  LEU B O   1 
ATOM   884  C CB  . LEU B 1 24 ? -2.110  7.437   4.056   1.00 2.00  ? 24  LEU B CB  1 
ATOM   885  C CG  . LEU B 1 24 ? -2.772  8.686   4.663   1.00 2.00  ? 24  LEU B CG  1 
ATOM   886  C CD1 . LEU B 1 24 ? -1.628  9.581   5.120   1.00 2.00  ? 24  LEU B CD1 1 
ATOM   887  C CD2 . LEU B 1 24 ? -3.691  9.410   3.682   1.00 2.00  ? 24  LEU B CD2 1 
ATOM   888  N N   . ASN B 1 25 ? -2.082  4.969   1.537   1.00 2.00  ? 25  ASN B N   1 
ATOM   889  C CA  . ASN B 1 25 ? -1.526  3.763   0.953   1.00 2.00  ? 25  ASN B CA  1 
ATOM   890  C C   . ASN B 1 25 ? -0.635  4.094   -0.227  1.00 2.00  ? 25  ASN B C   1 
ATOM   891  O O   . ASN B 1 25 ? -1.141  4.232   -1.349  1.00 2.00  ? 25  ASN B O   1 
ATOM   892  C CB  . ASN B 1 25 ? -2.692  2.924   0.450   1.00 2.00  ? 25  ASN B CB  1 
ATOM   893  C CG  . ASN B 1 25 ? -2.317  1.485   0.182   1.00 2.00  ? 25  ASN B CG  1 
ATOM   894  O OD1 . ASN B 1 25 ? -1.213  1.172   -0.260  1.00 2.00  ? 25  ASN B OD1 1 
ATOM   895  N ND2 . ASN B 1 25 ? -3.262  0.593   0.433   1.00 2.00  ? 25  ASN B ND2 1 
ATOM   896  N N   . THR B 1 26 ? 0.673   4.223   0.016   1.00 2.00  ? 26  THR B N   1 
ATOM   897  C CA  . THR B 1 26 ? 1.639   4.472   -1.072  1.00 2.00  ? 26  THR B CA  1 
ATOM   898  C C   . THR B 1 26 ? 1.768   3.263   -2.007  1.00 2.00  ? 26  THR B C   1 
ATOM   899  O O   . THR B 1 26 ? 2.263   3.390   -3.126  1.00 2.00  ? 26  THR B O   1 
ATOM   900  C CB  . THR B 1 26 ? 3.049   4.911   -0.573  1.00 2.00  ? 26  THR B CB  1 
ATOM   901  O OG1 . THR B 1 26 ? 3.641   3.866   0.204   1.00 2.00  ? 26  THR B OG1 1 
ATOM   902  C CG2 . THR B 1 26 ? 2.977   6.185   0.260   1.00 2.00  ? 26  THR B CG2 1 
ATOM   903  N N   . GLY B 1 27 ? 1.303   2.100   -1.551  1.00 2.00  ? 27  GLY B N   1 
ATOM   904  C CA  . GLY B 1 27 ? 1.298   0.882   -2.356  1.00 2.00  ? 27  GLY B CA  1 
ATOM   905  C C   . GLY B 1 27 ? 0.072   0.720   -3.239  1.00 2.00  ? 27  GLY B C   1 
ATOM   906  O O   . GLY B 1 27 ? -0.197  -0.380  -3.716  1.00 2.00  ? 27  GLY B O   1 
ATOM   907  N N   . ALA B 1 28 ? -0.655  1.811   -3.478  1.00 2.00  ? 28  ALA B N   1 
ATOM   908  C CA  . ALA B 1 28 ? -1.873  1.788   -4.279  1.00 2.00  ? 28  ALA B CA  1 
ATOM   909  C C   . ALA B 1 28 ? -1.904  2.902   -5.321  1.00 2.00  ? 28  ALA B C   1 
ATOM   910  O O   . ALA B 1 28 ? -1.618  4.062   -5.021  1.00 2.00  ? 28  ALA B O   1 
ATOM   911  C CB  . ALA B 1 28 ? -3.100  1.881   -3.382  1.00 2.00  ? 28  ALA B CB  1 
ATOM   912  N N   . ASP B 1 29 ? -2.268  2.536   -6.546  1.00 2.00  ? 29  ASP B N   1 
ATOM   913  C CA  . ASP B 1 29 ? -2.372  3.477   -7.648  1.00 2.00  ? 29  ASP B CA  1 
ATOM   914  C C   . ASP B 1 29 ? -3.614  4.334   -7.488  1.00 2.30  ? 29  ASP B C   1 
ATOM   915  O O   . ASP B 1 29 ? -3.569  5.537   -7.746  1.00 2.41  ? 29  ASP B O   1 
ATOM   916  C CB  . ASP B 1 29 ? -2.457  2.716   -8.970  1.00 2.29  ? 29  ASP B CB  1 
ATOM   917  C CG  . ASP B 1 29 ? -1.188  1.945   -9.287  1.00 2.86  ? 29  ASP B CG  1 
ATOM   918  O OD1 . ASP B 1 29 ? -0.167  2.155   -8.601  1.00 3.89  ? 29  ASP B OD1 1 
ATOM   919  O OD2 . ASP B 1 29 ? -1.209  1.134   -10.239 1.00 4.57  ? 29  ASP B OD2 1 
ATOM   920  N N   . ASP B 1 30 ? -4.698  3.697   -7.034  1.00 2.67  ? 30  ASP B N   1 
ATOM   921  C CA  . ASP B 1 30 ? -6.036  4.288   -6.975  1.00 2.79  ? 30  ASP B CA  1 
ATOM   922  C C   . ASP B 1 30 ? -6.612  4.372   -5.552  1.00 3.34  ? 30  ASP B C   1 
ATOM   923  O O   . ASP B 1 30 ? -6.072  3.780   -4.605  1.00 3.11  ? 30  ASP B O   1 
ATOM   924  C CB  . ASP B 1 30 ? -6.998  3.458   -7.822  1.00 2.84  ? 30  ASP B CB  1 
ATOM   925  C CG  . ASP B 1 30 ? -6.391  3.012   -9.136  1.00 2.89  ? 30  ASP B CG  1 
ATOM   926  O OD1 . ASP B 1 30 ? -5.928  3.878   -9.904  1.00 2.00  ? 30  ASP B OD1 1 
ATOM   927  O OD2 . ASP B 1 30 ? -6.399  1.790   -9.407  1.00 3.85  ? 30  ASP B OD2 1 
ATOM   928  N N   . THR B 1 31 ? -7.734  5.082   -5.433  1.00 3.45  ? 31  THR B N   1 
ATOM   929  C CA  . THR B 1 31 ? -8.455  5.242   -4.169  1.00 4.08  ? 31  THR B CA  1 
ATOM   930  C C   . THR B 1 31 ? -9.674  4.315   -4.135  1.00 4.57  ? 31  THR B C   1 
ATOM   931  O O   . THR B 1 31 ? -10.539 4.402   -5.006  1.00 4.88  ? 31  THR B O   1 
ATOM   932  C CB  . THR B 1 31 ? -8.923  6.707   -3.997  1.00 3.59  ? 31  THR B CB  1 
ATOM   933  O OG1 . THR B 1 31 ? -7.791  7.577   -4.065  1.00 3.48  ? 31  THR B OG1 1 
ATOM   934  C CG2 . THR B 1 31 ? -9.618  6.910   -2.667  1.00 4.57  ? 31  THR B CG2 1 
ATOM   935  N N   . VAL B 1 32 ? -9.755  3.436   -3.143  1.00 5.15  ? 32  VAL B N   1 
ATOM   936  C CA  . VAL B 1 32 ? -10.845 2.465   -3.079  1.00 6.02  ? 32  VAL B CA  1 
ATOM   937  C C   . VAL B 1 32 ? -11.617 2.446   -1.769  1.00 7.02  ? 32  VAL B C   1 
ATOM   938  O O   . VAL B 1 32 ? -11.042 2.301   -0.702  1.00 7.25  ? 32  VAL B O   1 
ATOM   939  C CB  . VAL B 1 32 ? -10.341 1.054   -3.308  1.00 5.59  ? 32  VAL B CB  1 
ATOM   940  C CG1 . VAL B 1 32 ? -11.444 0.202   -3.861  1.00 4.26  ? 32  VAL B CG1 1 
ATOM   941  C CG2 . VAL B 1 32 ? -9.167  1.081   -4.241  1.00 6.52  ? 32  VAL B CG2 1 
ATOM   942  N N   . LEU B 1 33 ? -12.935 2.552   -1.862  1.00 8.06  ? 33  LEU B N   1 
ATOM   943  C CA  . LEU B 1 33 ? -13.784 2.533   -0.679  1.00 9.48  ? 33  LEU B CA  1 
ATOM   944  C C   . LEU B 1 33 ? -14.938 1.529   -0.769  1.00 10.15 ? 33  LEU B C   1 
ATOM   945  O O   . LEU B 1 33 ? -15.497 1.318   -1.837  1.00 9.94  ? 33  LEU B O   1 
ATOM   946  C CB  . LEU B 1 33 ? -14.292 3.942   -0.385  1.00 9.58  ? 33  LEU B CB  1 
ATOM   947  C CG  . LEU B 1 33 ? -13.228 5.013   -0.133  1.00 10.52 ? 33  LEU B CG  1 
ATOM   948  C CD1 . LEU B 1 33 ? -13.804 6.400   -0.179  1.00 11.46 ? 33  LEU B CD1 1 
ATOM   949  C CD2 . LEU B 1 33 ? -12.559 4.800   1.185   1.00 11.29 ? 33  LEU B CD2 1 
ATOM   950  N N   . GLU B 1 34 ? -15.273 0.905   0.360   1.00 11.02 ? 34  GLU B N   1 
ATOM   951  C CA  . GLU B 1 34 ? -16.278 -0.162  0.404   1.00 12.00 ? 34  GLU B CA  1 
ATOM   952  C C   . GLU B 1 34 ? -17.607 0.295   0.977   1.00 12.68 ? 34  GLU B C   1 
ATOM   953  O O   . GLU B 1 34 ? -18.648 0.148   0.351   1.00 13.12 ? 34  GLU B O   1 
ATOM   954  C CB  . GLU B 1 34 ? -15.790 -1.294  1.285   1.00 11.80 ? 34  GLU B CB  1 
ATOM   955  C CG  . GLU B 1 34 ? -15.545 -0.824  2.692   1.00 13.42 ? 34  GLU B CG  1 
ATOM   956  C CD  . GLU B 1 34 ? -15.415 -1.950  3.681   1.00 15.67 ? 34  GLU B CD  1 
ATOM   957  O OE1 . GLU B 1 34 ? -15.499 -3.132  3.278   1.00 17.45 ? 34  GLU B OE1 1 
ATOM   958  O OE2 . GLU B 1 34 ? -15.223 -1.640  4.870   1.00 15.86 ? 34  GLU B OE2 1 
ATOM   959  N N   . ASP B 1 35 ? -17.560 0.834   2.185   1.00 13.00 ? 35  ASP B N   1 
ATOM   960  C CA  . ASP B 1 35 ? -18.754 1.108   2.949   1.00 13.30 ? 35  ASP B CA  1 
ATOM   961  C C   . ASP B 1 35 ? -19.442 2.373   2.493   1.00 14.00 ? 35  ASP B C   1 
ATOM   962  O O   . ASP B 1 35 ? -20.065 3.054   3.293   1.00 14.49 ? 35  ASP B O   1 
ATOM   963  C CB  . ASP B 1 35 ? -18.402 1.214   4.432   1.00 13.23 ? 35  ASP B CB  1 
ATOM   964  C CG  . ASP B 1 35 ? -17.090 1.927   4.669   1.00 12.85 ? 35  ASP B CG  1 
ATOM   965  O OD1 . ASP B 1 35 ? -16.588 2.570   3.742   1.00 14.01 ? 35  ASP B OD1 1 
ATOM   966  O OD2 . ASP B 1 35 ? -16.544 1.858   5.785   1.00 11.65 ? 35  ASP B OD2 1 
ATOM   967  N N   . ILE B 1 36 ? -19.341 2.698   1.214   1.00 14.45 ? 36  ILE B N   1 
ATOM   968  C CA  . ILE B 1 36 ? -19.792 4.011   0.755   1.00 15.44 ? 36  ILE B CA  1 
ATOM   969  C C   . ILE B 1 36 ? -20.838 3.975   -0.355  1.00 16.16 ? 36  ILE B C   1 
ATOM   970  O O   . ILE B 1 36 ? -20.943 2.995   -1.095  1.00 16.59 ? 36  ILE B O   1 
ATOM   971  C CB  . ILE B 1 36 ? -18.594 4.906   0.398   1.00 15.01 ? 36  ILE B CB  1 
ATOM   972  C CG1 . ILE B 1 36 ? -17.914 5.351   1.689   1.00 15.82 ? 36  ILE B CG1 1 
ATOM   973  C CG2 . ILE B 1 36 ? -19.030 6.145   -0.325  1.00 15.45 ? 36  ILE B CG2 1 
ATOM   974  C CD1 . ILE B 1 36 ? -16.545 5.895   1.465   1.00 17.61 ? 36  ILE B CD1 1 
ATOM   975  N N   . ASN B 1 37 ? -21.619 5.045   -0.452  1.00 16.80 ? 37  ASN B N   1 
ATOM   976  C CA  . ASN B 1 37 ? -22.678 5.141   -1.444  1.00 17.25 ? 37  ASN B CA  1 
ATOM   977  C C   . ASN B 1 37 ? -22.590 6.483   -2.173  1.00 17.56 ? 37  ASN B C   1 
ATOM   978  O O   . ASN B 1 37 ? -22.996 7.518   -1.649  1.00 17.59 ? 37  ASN B O   1 
ATOM   979  C CB  . ASN B 1 37 ? -24.048 4.944   -0.782  1.00 16.63 ? 37  ASN B CB  1 
ATOM   980  N N   . LEU B 1 38 ? -22.031 6.459   -3.378  1.00 18.27 ? 38  LEU B N   1 
ATOM   981  C CA  . LEU B 1 38 ? -21.963 7.649   -4.232  1.00 18.66 ? 38  LEU B CA  1 
ATOM   982  C C   . LEU B 1 38 ? -23.066 7.645   -5.293  1.00 19.11 ? 38  LEU B C   1 
ATOM   983  O O   . LEU B 1 38 ? -23.496 6.582   -5.742  1.00 19.15 ? 38  LEU B O   1 
ATOM   984  C CB  . LEU B 1 38 ? -20.582 7.761   -4.888  1.00 18.60 ? 38  LEU B CB  1 
ATOM   985  C CG  . LEU B 1 38 ? -19.396 7.966   -3.938  1.00 16.70 ? 38  LEU B CG  1 
ATOM   986  C CD1 . LEU B 1 38 ? -18.093 7.644   -4.632  1.00 13.94 ? 38  LEU B CD1 1 
ATOM   987  C CD2 . LEU B 1 38 ? -19.390 9.383   -3.398  1.00 14.71 ? 38  LEU B CD2 1 
ATOM   988  N N   . PRO B 1 39 ? -23.566 8.833   -5.665  1.00 19.76 ? 39  PRO B N   1 
ATOM   989  C CA  . PRO B 1 39 ? -24.605 8.911   -6.693  1.00 20.35 ? 39  PRO B CA  1 
ATOM   990  C C   . PRO B 1 39 ? -24.081 9.061   -8.128  1.00 20.75 ? 39  PRO B C   1 
ATOM   991  O O   . PRO B 1 39 ? -22.914 9.387   -8.334  1.00 20.86 ? 39  PRO B O   1 
ATOM   992  C CB  . PRO B 1 39 ? -25.393 10.154  -6.274  1.00 20.49 ? 39  PRO B CB  1 
ATOM   993  C CG  . PRO B 1 39 ? -24.381 11.030  -5.565  1.00 20.06 ? 39  PRO B CG  1 
ATOM   994  C CD  . PRO B 1 39 ? -23.244 10.157  -5.100  1.00 19.75 ? 39  PRO B CD  1 
ATOM   995  N N   . GLY B 1 40 ? -24.938 8.807   -9.113  1.00 21.13 ? 40  GLY B N   1 
ATOM   996  C CA  . GLY B 1 40 ? -24.609 9.101   -10.507 1.00 21.95 ? 40  GLY B CA  1 
ATOM   997  C C   . GLY B 1 40 ? -24.009 7.979   -11.343 1.00 22.46 ? 40  GLY B C   1 
ATOM   998  O O   . GLY B 1 40 ? -23.966 6.819   -10.913 1.00 22.60 ? 40  GLY B O   1 
ATOM   999  N N   . LYS B 1 41 ? -23.555 8.342   -12.545 1.00 22.37 ? 41  LYS B N   1 
ATOM   1000 C CA  . LYS B 1 41 ? -23.010 7.407   -13.532 1.00 22.04 ? 41  LYS B CA  1 
ATOM   1001 C C   . LYS B 1 41 ? -21.606 6.908   -13.176 1.00 21.90 ? 41  LYS B C   1 
ATOM   1002 O O   . LYS B 1 41 ? -20.833 7.609   -12.526 1.00 22.44 ? 41  LYS B O   1 
ATOM   1003 C CB  . LYS B 1 41 ? -23.013 8.049   -14.927 1.00 21.87 ? 41  LYS B CB  1 
ATOM   1004 N N   . TRP B 1 42 ? -21.277 5.697   -13.614 1.00 21.47 ? 42  TRP B N   1 
ATOM   1005 C CA  . TRP B 1 42 ? -19.957 5.116   -13.381 1.00 20.66 ? 42  TRP B CA  1 
ATOM   1006 C C   . TRP B 1 42 ? -19.661 4.080   -14.454 1.00 20.42 ? 42  TRP B C   1 
ATOM   1007 O O   . TRP B 1 42 ? -20.583 3.556   -15.076 1.00 20.52 ? 42  TRP B O   1 
ATOM   1008 C CB  . TRP B 1 42 ? -19.881 4.473   -11.992 1.00 20.53 ? 42  TRP B CB  1 
ATOM   1009 C CG  . TRP B 1 42 ? -21.022 3.544   -11.668 1.00 20.10 ? 42  TRP B CG  1 
ATOM   1010 C CD1 . TRP B 1 42 ? -22.205 3.871   -11.065 1.00 19.31 ? 42  TRP B CD1 1 
ATOM   1011 C CD2 . TRP B 1 42 ? -21.081 2.136   -11.923 1.00 20.06 ? 42  TRP B CD2 1 
ATOM   1012 N NE1 . TRP B 1 42 ? -22.997 2.754   -10.928 1.00 18.62 ? 42  TRP B NE1 1 
ATOM   1013 C CE2 . TRP B 1 42 ? -22.331 1.675   -11.445 1.00 19.26 ? 42  TRP B CE2 1 
ATOM   1014 C CE3 . TRP B 1 42 ? -20.200 1.215   -12.506 1.00 20.59 ? 42  TRP B CE3 1 
ATOM   1015 C CZ2 . TRP B 1 42 ? -22.720 0.339   -11.537 1.00 19.15 ? 42  TRP B CZ2 1 
ATOM   1016 C CZ3 . TRP B 1 42 ? -20.589 -0.117  -12.596 1.00 19.68 ? 42  TRP B CZ3 1 
ATOM   1017 C CH2 . TRP B 1 42 ? -21.838 -0.539  -12.113 1.00 19.80 ? 42  TRP B CH2 1 
ATOM   1018 N N   . LYS B 1 43 ? -18.379 3.800   -14.680 1.00 20.05 ? 43  LYS B N   1 
ATOM   1019 C CA  . LYS B 1 43 ? -17.950 2.759   -15.617 1.00 19.53 ? 43  LYS B CA  1 
ATOM   1020 C C   . LYS B 1 43 ? -17.319 1.614   -14.823 1.00 19.22 ? 43  LYS B C   1 
ATOM   1021 O O   . LYS B 1 43 ? -16.562 1.870   -13.892 1.00 19.47 ? 43  LYS B O   1 
ATOM   1022 C CB  . LYS B 1 43 ? -16.945 3.336   -16.610 1.00 19.21 ? 43  LYS B CB  1 
ATOM   1023 N N   . PRO B 1 44 ? -17.631 0.350   -15.143 1.00 19.06 ? 44  PRO B N   1 
ATOM   1024 C CA  . PRO B 1 44 ? -16.950 -0.746  -14.442 1.00 18.68 ? 44  PRO B CA  1 
ATOM   1025 C C   . PRO B 1 44 ? -15.469 -0.783  -14.761 1.00 18.42 ? 44  PRO B C   1 
ATOM   1026 O O   . PRO B 1 44 ? -15.054 -0.424  -15.857 1.00 18.44 ? 44  PRO B O   1 
ATOM   1027 C CB  . PRO B 1 44 ? -17.617 -2.005  -14.989 1.00 18.36 ? 44  PRO B CB  1 
ATOM   1028 C CG  . PRO B 1 44 ? -18.864 -1.557  -15.606 1.00 18.88 ? 44  PRO B CG  1 
ATOM   1029 C CD  . PRO B 1 44 ? -18.640 -0.155  -16.085 1.00 19.06 ? 44  PRO B CD  1 
ATOM   1030 N N   . LYS B 1 45 ? -14.669 -1.182  -13.786 1.00 18.39 ? 45  LYS B N   1 
ATOM   1031 C CA  . LYS B 1 45 ? -13.252 -1.351  -14.010 1.00 18.60 ? 45  LYS B CA  1 
ATOM   1032 C C   . LYS B 1 45 ? -12.805 -2.476  -13.113 1.00 18.90 ? 45  LYS B C   1 
ATOM   1033 O O   . LYS B 1 45 ? -13.437 -2.742  -12.091 1.00 19.05 ? 45  LYS B O   1 
ATOM   1034 C CB  . LYS B 1 45 ? -12.502 -0.083  -13.709 1.00 18.37 ? 45  LYS B CB  1 
ATOM   1035 N N   . MET B 1 46 ? -11.743 -3.171  -13.519 1.00 17.41 ? 46  MET B N   1 
ATOM   1036 C CA  . MET B 1 46 ? -11.216 -4.261  -12.713 1.00 17.80 ? 46  MET B CA  1 
ATOM   1037 C C   . MET B 1 46 ? -9.890  -3.821  -12.114 1.00 18.01 ? 46  MET B C   1 
ATOM   1038 O O   . MET B 1 46 ? -9.037  -3.307  -12.831 1.00 20.51 ? 46  MET B O   1 
ATOM   1039 C CB  . MET B 1 46 ? -11.057 -5.516  -13.556 1.00 17.32 ? 46  MET B CB  1 
ATOM   1040 N N   . ILE B 1 47 ? -9.733  -3.972  -10.800 1.00 20.14 ? 47  ILE B N   1 
ATOM   1041 C CA  . ILE B 1 47 ? -8.448  -3.700  -10.163 1.00 20.07 ? 47  ILE B CA  1 
ATOM   1042 C C   . ILE B 1 47 ? -7.946  -4.904  -9.402  1.00 20.14 ? 47  ILE B C   1 
ATOM   1043 O O   . ILE B 1 47 ? -8.723  -5.747  -8.970  1.00 20.05 ? 47  ILE B O   1 
ATOM   1044 C CB  . ILE B 1 47 ? -8.471  -2.476  -9.213  1.00 19.96 ? 47  ILE B CB  1 
ATOM   1045 C CG1 . ILE B 1 47 ? -9.269  -2.786  -7.951  1.00 19.55 ? 47  ILE B CG1 1 
ATOM   1046 C CG2 . ILE B 1 47 ? -8.969  -1.238  -9.933  1.00 19.47 ? 47  ILE B CG2 1 
ATOM   1047 C CD1 . ILE B 1 47 ? -9.126  -1.751  -6.886  1.00 19.19 ? 47  ILE B CD1 1 
ATOM   1048 N N   . GLY B 1 48 ? -6.638  -4.969  -9.223  1.00 20.32 ? 48  GLY B N   1 
ATOM   1049 C CA  . GLY B 1 48 ? -6.042  -6.117  -8.561  1.00 20.91 ? 48  GLY B CA  1 
ATOM   1050 C C   . GLY B 1 48 ? -5.096  -5.753  -7.436  1.00 21.37 ? 48  GLY B C   1 
ATOM   1051 O O   . GLY B 1 48 ? -4.598  -4.632  -7.365  1.00 21.32 ? 48  GLY B O   1 
ATOM   1052 N N   . GLY B 1 49 ? -4.847  -6.717  -6.556  1.00 21.88 ? 49  GLY B N   1 
ATOM   1053 C CA  . GLY B 1 49 ? -3.898  -6.545  -5.469  1.00 22.62 ? 49  GLY B CA  1 
ATOM   1054 C C   . GLY B 1 49 ? -3.170  -7.840  -5.169  1.00 23.38 ? 49  GLY B C   1 
ATOM   1055 O O   . GLY B 1 49 ? -3.077  -8.726  -6.024  1.00 22.95 ? 49  GLY B O   1 
ATOM   1056 N N   . ILE B 1 50 ? -2.681  -7.944  -3.936  1.00 24.48 ? 50  ILE B N   1 
ATOM   1057 C CA  . ILE B 1 50 ? -1.885  -9.076  -3.479  1.00 25.25 ? 50  ILE B CA  1 
ATOM   1058 C C   . ILE B 1 50 ? -2.612  -10.426 -3.624  1.00 26.19 ? 50  ILE B C   1 
ATOM   1059 O O   . ILE B 1 50 ? -2.001  -11.449 -3.989  1.00 26.45 ? 50  ILE B O   1 
ATOM   1060 C CB  . ILE B 1 50 ? -1.363  -8.836  -2.030  1.00 25.06 ? 50  ILE B CB  1 
ATOM   1061 C CG1 . ILE B 1 50 ? 0.096   -9.281  -1.907  1.00 24.53 ? 50  ILE B CG1 1 
ATOM   1062 C CG2 . ILE B 1 50 ? -2.258  -9.496  -0.984  1.00 24.78 ? 50  ILE B CG2 1 
ATOM   1063 C CD1 . ILE B 1 50 ? 0.849   -8.607  -0.791  1.00 24.08 ? 50  ILE B CD1 1 
ATOM   1064 N N   . GLY B 1 51 ? -3.917  -10.417 -3.352  1.00 26.48 ? 51  GLY B N   1 
ATOM   1065 C CA  . GLY B 1 51 ? -4.722  -11.635 -3.413  1.00 26.68 ? 51  GLY B CA  1 
ATOM   1066 C C   . GLY B 1 51 ? -5.602  -11.720 -4.652  1.00 26.79 ? 51  GLY B C   1 
ATOM   1067 O O   . GLY B 1 51 ? -6.611  -12.430 -4.647  1.00 27.01 ? 51  GLY B O   1 
ATOM   1068 N N   . GLY B 1 52 ? -5.238  -10.989 -5.707  1.00 26.30 ? 52  GLY B N   1 
ATOM   1069 C CA  . GLY B 1 52 ? -5.959  -11.072 -6.972  1.00 25.60 ? 52  GLY B CA  1 
ATOM   1070 C C   . GLY B 1 52 ? -6.764  -9.846  -7.368  1.00 25.10 ? 52  GLY B C   1 
ATOM   1071 O O   . GLY B 1 52 ? -6.322  -8.715  -7.182  1.00 24.99 ? 52  GLY B O   1 
ATOM   1072 N N   . PHE B 1 53 ? -7.961  -10.089 -7.902  1.00 24.63 ? 53  PHE B N   1 
ATOM   1073 C CA  . PHE B 1 53 ? -8.716  -9.095  -8.661  1.00 23.99 ? 53  PHE B CA  1 
ATOM   1074 C C   . PHE B 1 53 ? -10.140 -8.886  -8.157  1.00 23.63 ? 53  PHE B C   1 
ATOM   1075 O O   . PHE B 1 53 ? -10.836 -9.847  -7.829  1.00 23.82 ? 53  PHE B O   1 
ATOM   1076 C CB  . PHE B 1 53 ? -8.778  -9.517  -10.134 1.00 24.08 ? 53  PHE B CB  1 
ATOM   1077 C CG  . PHE B 1 53 ? -7.558  -9.147  -10.933 1.00 24.20 ? 53  PHE B CG  1 
ATOM   1078 C CD1 . PHE B 1 53 ? -6.380  -9.875  -10.815 1.00 24.50 ? 53  PHE B CD1 1 
ATOM   1079 C CD2 . PHE B 1 53 ? -7.596  -8.077  -11.818 1.00 24.16 ? 53  PHE B CD2 1 
ATOM   1080 C CE1 . PHE B 1 53 ? -5.256  -9.536  -11.552 1.00 24.59 ? 53  PHE B CE1 1 
ATOM   1081 C CE2 . PHE B 1 53 ? -6.481  -7.730  -12.555 1.00 23.91 ? 53  PHE B CE2 1 
ATOM   1082 C CZ  . PHE B 1 53 ? -5.308  -8.461  -12.424 1.00 24.51 ? 53  PHE B CZ  1 
ATOM   1083 N N   . ILE B 1 54 ? -10.575 -7.629  -8.118  1.00 22.89 ? 54  ILE B N   1 
ATOM   1084 C CA  . ILE B 1 54 ? -11.977 -7.305  -7.865  1.00 22.16 ? 54  ILE B CA  1 
ATOM   1085 C C   . ILE B 1 54 ? -12.525 -6.336  -8.909  1.00 21.73 ? 54  ILE B C   1 
ATOM   1086 O O   . ILE B 1 54 ? -11.802 -5.470  -9.420  1.00 21.76 ? 54  ILE B O   1 
ATOM   1087 C CB  . ILE B 1 54 ? -12.213 -6.715  -6.458  1.00 22.25 ? 54  ILE B CB  1 
ATOM   1088 C CG1 . ILE B 1 54 ? -11.258 -5.543  -6.202  1.00 22.10 ? 54  ILE B CG1 1 
ATOM   1089 C CG2 . ILE B 1 54 ? -12.086 -7.805  -5.394  1.00 22.28 ? 54  ILE B CG2 1 
ATOM   1090 C CD1 . ILE B 1 54 ? -11.652 -4.646  -5.035  1.00 22.05 ? 54  ILE B CD1 1 
ATOM   1091 N N   . LYS B 1 55 ? -13.803 -6.511  -9.235  1.00 20.93 ? 55  LYS B N   1 
ATOM   1092 C CA  . LYS B 1 55 ? -14.540 -5.551  -10.049 1.00 19.97 ? 55  LYS B CA  1 
ATOM   1093 C C   . LYS B 1 55 ? -15.036 -4.425  -9.132  1.00 19.23 ? 55  LYS B C   1 
ATOM   1094 O O   . LYS B 1 55 ? -15.550 -4.683  -8.042  1.00 19.12 ? 55  LYS B O   1 
ATOM   1095 C CB  . LYS B 1 55 ? -15.706 -6.238  -10.764 1.00 19.84 ? 55  LYS B CB  1 
ATOM   1096 N N   . VAL B 1 56 ? -14.852 -3.179  -9.556  1.00 18.28 ? 56  VAL B N   1 
ATOM   1097 C CA  . VAL B 1 56 ? -15.325 -2.034  -8.779  1.00 17.62 ? 56  VAL B CA  1 
ATOM   1098 C C   . VAL B 1 56 ? -16.076 -1.033  -9.660  1.00 17.54 ? 56  VAL B C   1 
ATOM   1099 O O   . VAL B 1 56 ? -15.988 -1.091  -10.890 1.00 17.87 ? 56  VAL B O   1 
ATOM   1100 C CB  . VAL B 1 56 ? -14.163 -1.321  -8.062  1.00 17.52 ? 56  VAL B CB  1 
ATOM   1101 C CG1 . VAL B 1 56 ? -13.494 -2.262  -7.070  1.00 17.37 ? 56  VAL B CG1 1 
ATOM   1102 C CG2 . VAL B 1 56 ? -13.150 -0.779  -9.071  1.00 17.28 ? 56  VAL B CG2 1 
ATOM   1103 N N   . ARG B 1 57 ? -16.818 -0.120  -9.036  1.00 16.74 ? 57  ARG B N   1 
ATOM   1104 C CA  . ARG B 1 57 ? -17.453 0.974   -9.760  1.00 16.06 ? 57  ARG B CA  1 
ATOM   1105 C C   . ARG B 1 57 ? -16.516 2.176   -9.824  1.00 15.61 ? 57  ARG B C   1 
ATOM   1106 O O   . ARG B 1 57 ? -16.098 2.714   -8.798  1.00 15.53 ? 57  ARG B O   1 
ATOM   1107 C CB  . ARG B 1 57 ? -18.776 1.355   -9.093  1.00 16.29 ? 57  ARG B CB  1 
ATOM   1108 C CG  . ARG B 1 57 ? -19.821 0.250   -9.164  1.00 17.47 ? 57  ARG B CG  1 
ATOM   1109 C CD  . ARG B 1 57 ? -20.656 0.174   -7.901  1.00 19.49 ? 57  ARG B CD  1 
ATOM   1110 N NE  . ARG B 1 57 ? -21.969 0.800   -8.049  1.00 19.64 ? 57  ARG B NE  1 
ATOM   1111 C CZ  . ARG B 1 57 ? -23.083 0.142   -8.354  1.00 19.83 ? 57  ARG B CZ  1 
ATOM   1112 N NH1 . ARG B 1 57 ? -23.065 -1.171  -8.567  1.00 20.58 ? 57  ARG B NH1 1 
ATOM   1113 N NH2 . ARG B 1 57 ? -24.221 0.806   -8.458  1.00 19.39 ? 57  ARG B NH2 1 
ATOM   1114 N N   . GLN B 1 58 ? -16.170 2.585   -11.038 1.00 15.21 ? 58  GLN B N   1 
ATOM   1115 C CA  . GLN B 1 58 ? -15.327 3.751   -11.226 1.00 14.90 ? 58  GLN B CA  1 
ATOM   1116 C C   . GLN B 1 58 ? -16.148 5.026   -11.331 1.00 15.23 ? 58  GLN B C   1 
ATOM   1117 O O   . GLN B 1 58 ? -16.814 5.254   -12.342 1.00 15.49 ? 58  GLN B O   1 
ATOM   1118 C CB  . GLN B 1 58 ? -14.470 3.598   -12.475 1.00 14.81 ? 58  GLN B CB  1 
ATOM   1119 C CG  . GLN B 1 58 ? -13.633 4.834   -12.752 1.00 15.37 ? 58  GLN B CG  1 
ATOM   1120 C CD  . GLN B 1 58 ? -12.600 4.635   -13.837 1.00 15.09 ? 58  GLN B CD  1 
ATOM   1121 O OE1 . GLN B 1 58 ? -12.266 3.505   -14.214 1.00 14.32 ? 58  GLN B OE1 1 
ATOM   1122 N NE2 . GLN B 1 58 ? -12.074 5.746   -14.342 1.00 15.44 ? 58  GLN B NE2 1 
ATOM   1123 N N   . TYR B 1 59 ? -16.084 5.847   -10.282 1.00 15.31 ? 59  TYR B N   1 
ATOM   1124 C CA  . TYR B 1 59 ? -16.631 7.207   -10.283 1.00 14.71 ? 59  TYR B CA  1 
ATOM   1125 C C   . TYR B 1 59 ? -15.521 8.214   -10.579 1.00 14.86 ? 59  TYR B C   1 
ATOM   1126 O O   . TYR B 1 59 ? -14.446 8.165   -9.962  1.00 15.22 ? 59  TYR B O   1 
ATOM   1127 C CB  . TYR B 1 59 ? -17.255 7.540   -8.921  1.00 14.55 ? 59  TYR B CB  1 
ATOM   1128 C CG  . TYR B 1 59 ? -18.514 6.767   -8.622  1.00 14.35 ? 59  TYR B CG  1 
ATOM   1129 C CD1 . TYR B 1 59 ? -18.448 5.482   -8.082  1.00 14.36 ? 59  TYR B CD1 1 
ATOM   1130 C CD2 . TYR B 1 59 ? -19.772 7.305   -8.907  1.00 12.40 ? 59  TYR B CD2 1 
ATOM   1131 C CE1 . TYR B 1 59 ? -19.607 4.754   -7.826  1.00 14.45 ? 59  TYR B CE1 1 
ATOM   1132 C CE2 . TYR B 1 59 ? -20.929 6.586   -8.660  1.00 12.59 ? 59  TYR B CE2 1 
ATOM   1133 C CZ  . TYR B 1 59 ? -20.839 5.312   -8.114  1.00 13.18 ? 59  TYR B CZ  1 
ATOM   1134 O OH  . TYR B 1 59 ? -21.976 4.584   -7.857  1.00 13.78 ? 59  TYR B OH  1 
ATOM   1135 N N   . ASP B 1 60 ? -15.785 9.129   -11.512 1.00 14.57 ? 60  ASP B N   1 
ATOM   1136 C CA  . ASP B 1 60 ? -14.833 10.193  -11.844 1.00 14.28 ? 60  ASP B CA  1 
ATOM   1137 C C   . ASP B 1 60 ? -15.112 11.489  -11.096 1.00 13.74 ? 60  ASP B C   1 
ATOM   1138 O O   . ASP B 1 60 ? -16.205 11.674  -10.553 1.00 14.06 ? 60  ASP B O   1 
ATOM   1139 C CB  . ASP B 1 60 ? -14.809 10.444  -13.349 1.00 14.06 ? 60  ASP B CB  1 
ATOM   1140 C CG  . ASP B 1 60 ? -14.357 9.223   -14.119 1.00 15.39 ? 60  ASP B CG  1 
ATOM   1141 O OD1 . ASP B 1 60 ? -13.197 8.787   -13.924 1.00 15.36 ? 60  ASP B OD1 1 
ATOM   1142 O OD2 . ASP B 1 60 ? -15.171 8.693   -14.909 1.00 17.71 ? 60  ASP B OD2 1 
ATOM   1143 N N   . GLN B 1 61 ? -14.109 12.364  -11.062 1.00 12.60 ? 61  GLN B N   1 
ATOM   1144 C CA  . GLN B 1 61 ? -14.246 13.703  -10.498 1.00 11.78 ? 61  GLN B CA  1 
ATOM   1145 C C   . GLN B 1 61 ? -15.048 13.752  -9.191  1.00 11.19 ? 61  GLN B C   1 
ATOM   1146 O O   . GLN B 1 61 ? -16.041 14.468  -9.092  1.00 11.32 ? 61  GLN B O   1 
ATOM   1147 C CB  . GLN B 1 61 ? -14.826 14.668  -11.549 1.00 11.53 ? 61  GLN B CB  1 
ATOM   1148 N N   . ILE B 1 62 ? -14.613 12.985  -8.194  1.00 10.83 ? 62  ILE B N   1 
ATOM   1149 C CA  . ILE B 1 62 ? -15.229 12.978  -6.858  1.00 10.19 ? 62  ILE B CA  1 
ATOM   1150 C C   . ILE B 1 62 ? -14.425 13.832  -5.879  1.00 10.24 ? 62  ILE B C   1 
ATOM   1151 O O   . ILE B 1 62 ? -13.192 13.817  -5.909  1.00 10.20 ? 62  ILE B O   1 
ATOM   1152 C CB  . ILE B 1 62 ? -15.336 11.543  -6.272  1.00 9.76  ? 62  ILE B CB  1 
ATOM   1153 C CG1 . ILE B 1 62 ? -16.034 10.589  -7.249  1.00 9.52  ? 62  ILE B CG1 1 
ATOM   1154 C CG2 . ILE B 1 62 ? -16.040 11.551  -4.918  1.00 9.14  ? 62  ILE B CG2 1 
ATOM   1155 C CD1 . ILE B 1 62 ? -17.432 10.997  -7.655  1.00 8.98  ? 62  ILE B CD1 1 
ATOM   1156 N N   . LEU B 1 63 ? -15.124 14.566  -5.013  1.00 10.25 ? 63  LEU B N   1 
ATOM   1157 C CA  . LEU B 1 63 ? -14.487 15.388  -3.988  1.00 10.78 ? 63  LEU B CA  1 
ATOM   1158 C C   . LEU B 1 63 ? -14.325 14.633  -2.671  1.00 11.81 ? 63  LEU B C   1 
ATOM   1159 O O   . LEU B 1 63 ? -15.307 14.159  -2.082  1.00 11.98 ? 63  LEU B O   1 
ATOM   1160 C CB  . LEU B 1 63 ? -15.271 16.680  -3.743  1.00 10.58 ? 63  LEU B CB  1 
ATOM   1161 C CG  . LEU B 1 63 ? -14.799 17.565  -2.578  1.00 10.31 ? 63  LEU B CG  1 
ATOM   1162 C CD1 . LEU B 1 63 ? -13.505 18.314  -2.879  1.00 7.96  ? 63  LEU B CD1 1 
ATOM   1163 C CD2 . LEU B 1 63 ? -15.891 18.541  -2.179  1.00 10.26 ? 63  LEU B CD2 1 
ATOM   1164 N N   . ILE B 1 64 ? -13.080 14.519  -2.220  1.00 12.49 ? 64  ILE B N   1 
ATOM   1165 C CA  . ILE B 1 64 ? -12.806 14.019  -0.883  1.00 13.11 ? 64  ILE B CA  1 
ATOM   1166 C C   . ILE B 1 64 ? -12.140 15.103  -0.036  1.00 13.17 ? 64  ILE B C   1 
ATOM   1167 O O   . ILE B 1 64 ? -11.371 15.927  -0.546  1.00 13.60 ? 64  ILE B O   1 
ATOM   1168 C CB  . ILE B 1 64 ? -11.904 12.779  -0.914  1.00 13.23 ? 64  ILE B CB  1 
ATOM   1169 C CG1 . ILE B 1 64 ? -12.607 11.616  -1.602  1.00 12.91 ? 64  ILE B CG1 1 
ATOM   1170 C CG2 . ILE B 1 64 ? -11.552 12.339  0.500   1.00 14.15 ? 64  ILE B CG2 1 
ATOM   1171 C CD1 . ILE B 1 64 ? -11.926 10.290  -1.300  1.00 13.36 ? 64  ILE B CD1 1 
ATOM   1172 N N   . GLU B 1 65 ? -12.460 15.097  1.255   1.00 12.99 ? 65  GLU B N   1 
ATOM   1173 C CA  . GLU B 1 65 ? -11.806 15.950  2.232   1.00 13.08 ? 65  GLU B CA  1 
ATOM   1174 C C   . GLU B 1 65 ? -11.080 15.032  3.213   1.00 13.25 ? 65  GLU B C   1 
ATOM   1175 O O   . GLU B 1 65 ? -11.709 14.358  4.032   1.00 13.59 ? 65  GLU B O   1 
ATOM   1176 C CB  . GLU B 1 65 ? -12.849 16.810  2.926   1.00 12.58 ? 65  GLU B CB  1 
ATOM   1177 C CG  . GLU B 1 65 ? -12.300 18.053  3.572   1.00 14.57 ? 65  GLU B CG  1 
ATOM   1178 C CD  . GLU B 1 65 ? -13.374 19.112  3.781   1.00 16.85 ? 65  GLU B CD  1 
ATOM   1179 O OE1 . GLU B 1 65 ? -14.260 19.242  2.895   1.00 16.29 ? 65  GLU B OE1 1 
ATOM   1180 O OE2 . GLU B 1 65 ? -13.329 19.805  4.827   1.00 16.02 ? 65  GLU B OE2 1 
ATOM   1181 N N   . ILE B 1 66 ? -9.755  14.974  3.093   1.00 13.63 ? 66  ILE B N   1 
ATOM   1182 C CA  . ILE B 1 66 ? -8.938  13.972  3.791   1.00 13.62 ? 66  ILE B CA  1 
ATOM   1183 C C   . ILE B 1 66 ? -8.045  14.721  4.742   1.00 13.44 ? 66  ILE B C   1 
ATOM   1184 O O   . ILE B 1 66 ? -7.110  15.386  4.303   1.00 13.81 ? 66  ILE B O   1 
ATOM   1185 C CB  . ILE B 1 66 ? -8.083  13.169  2.797   1.00 13.37 ? 66  ILE B CB  1 
ATOM   1186 N N   . CYS B 1 67 ? -8.335  14.613  6.035   1.00 13.51 ? 67  CYS B N   1 
ATOM   1187 C CA  . CYS B 1 67 ? -7.658  15.418  7.055   1.00 13.77 ? 67  CYS B CA  1 
ATOM   1188 C C   . CYS B 1 67 ? -7.997  16.909  6.882   1.00 13.83 ? 67  CYS B C   1 
ATOM   1189 O O   . CYS B 1 67 ? -7.208  17.777  7.264   1.00 13.87 ? 67  CYS B O   1 
ATOM   1190 C CB  . CYS B 1 67 ? -6.138  15.174  7.008   1.00 13.76 ? 67  CYS B CB  1 
ATOM   1191 S SG  . CYS B 1 67 ? -5.149  15.920  8.319   1.00 14.07 ? 67  CYS B SG  1 
ATOM   1192 N N   . GLY B 1 68 ? -9.171  17.201  6.309   1.00 13.67 ? 68  GLY B N   1 
ATOM   1193 C CA  . GLY B 1 68 ? -9.623  18.581  6.108   1.00 13.18 ? 68  GLY B CA  1 
ATOM   1194 C C   . GLY B 1 68 ? -8.881  19.356  5.029   1.00 13.18 ? 68  GLY B C   1 
ATOM   1195 O O   . GLY B 1 68 ? -8.989  20.583  4.953   1.00 13.02 ? 68  GLY B O   1 
ATOM   1196 N N   . LYS B 1 69 ? -8.099  18.650  4.213   1.00 12.78 ? 69  LYS B N   1 
ATOM   1197 C CA  . LYS B 1 69 ? -7.517  19.220  3.001   1.00 12.30 ? 69  LYS B CA  1 
ATOM   1198 C C   . LYS B 1 69 ? -8.219  18.513  1.835   1.00 12.29 ? 69  LYS B C   1 
ATOM   1199 O O   . LYS B 1 69 ? -8.455  17.303  1.893   1.00 12.67 ? 69  LYS B O   1 
ATOM   1200 C CB  . LYS B 1 69 ? -5.999  19.006  2.972   1.00 11.39 ? 69  LYS B CB  1 
ATOM   1201 N N   . LYS B 1 70 ? -8.572  19.262  0.791   1.00 12.11 ? 70  LYS B N   1 
ATOM   1202 C CA  . LYS B 1 70 ? -9.428  18.735  -0.286  1.00 11.82 ? 70  LYS B CA  1 
ATOM   1203 C C   . LYS B 1 70 ? -8.719  18.241  -1.553  1.00 11.42 ? 70  LYS B C   1 
ATOM   1204 O O   . LYS B 1 70 ? -7.712  18.811  -1.981  1.00 11.28 ? 70  LYS B O   1 
ATOM   1205 C CB  . LYS B 1 70 ? -10.459 19.783  -0.698  1.00 11.68 ? 70  LYS B CB  1 
ATOM   1206 C CG  . LYS B 1 70 ? -11.240 20.356  0.449   1.00 11.83 ? 70  LYS B CG  1 
ATOM   1207 C CD  . LYS B 1 70 ? -11.844 21.668  0.030   1.00 12.44 ? 70  LYS B CD  1 
ATOM   1208 C CE  . LYS B 1 70 ? -12.623 22.284  1.162   1.00 12.84 ? 70  LYS B CE  1 
ATOM   1209 N NZ  . LYS B 1 70 ? -13.243 23.529  0.644   1.00 15.72 ? 70  LYS B NZ  1 
ATOM   1210 N N   . ALA B 1 71 ? -9.275  17.192  -2.157  1.00 10.48 ? 71  ALA B N   1 
ATOM   1211 C CA  . ALA B 1 71 ? -8.835  16.719  -3.471  1.00 9.80  ? 71  ALA B CA  1 
ATOM   1212 C C   . ALA B 1 71 ? -10.058 16.301  -4.277  1.00 9.57  ? 71  ALA B C   1 
ATOM   1213 O O   . ALA B 1 71 ? -11.112 15.999  -3.699  1.00 9.56  ? 71  ALA B O   1 
ATOM   1214 C CB  . ALA B 1 71 ? -7.858  15.549  -3.333  1.00 9.57  ? 71  ALA B CB  1 
ATOM   1215 N N   . ILE B 1 72 ? -9.920  16.303  -5.602  1.00 8.95  ? 72  ILE B N   1 
ATOM   1216 C CA  . ILE B 1 72 ? -10.944 15.766  -6.501  1.00 8.60  ? 72  ILE B CA  1 
ATOM   1217 C C   . ILE B 1 72 ? -10.260 14.691  -7.345  1.00 8.56  ? 72  ILE B C   1 
ATOM   1218 O O   . ILE B 1 72 ? -9.080  14.811  -7.660  1.00 8.97  ? 72  ILE B O   1 
ATOM   1219 C CB  . ILE B 1 72 ? -11.544 16.864  -7.415  1.00 8.21  ? 72  ILE B CB  1 
ATOM   1220 C CG1 . ILE B 1 72 ? -12.299 17.896  -6.585  1.00 9.49  ? 72  ILE B CG1 1 
ATOM   1221 C CG2 . ILE B 1 72 ? -12.529 16.294  -8.405  1.00 8.26  ? 72  ILE B CG2 1 
ATOM   1222 C CD1 . ILE B 1 72 ? -13.292 18.725  -7.391  1.00 11.38 ? 72  ILE B CD1 1 
ATOM   1223 N N   . GLY B 1 73 ? -10.972 13.634  -7.713  1.00 7.91  ? 73  GLY B N   1 
ATOM   1224 C CA  . GLY B 1 73 ? -10.372 12.643  -8.595  1.00 7.36  ? 73  GLY B CA  1 
ATOM   1225 C C   . GLY B 1 73 ? -11.165 11.364  -8.674  1.00 6.91  ? 73  GLY B C   1 
ATOM   1226 O O   . GLY B 1 73 ? -12.316 11.317  -8.253  1.00 7.11  ? 73  GLY B O   1 
ATOM   1227 N N   . THR B 1 74 ? -10.559 10.314  -9.220  1.00 6.73  ? 74  THR B N   1 
ATOM   1228 C CA  . THR B 1 74 ? -11.272 9.046   -9.335  1.00 5.93  ? 74  THR B CA  1 
ATOM   1229 C C   . THR B 1 74 ? -11.334 8.346   -7.985  1.00 5.83  ? 74  THR B C   1 
ATOM   1230 O O   . THR B 1 74 ? -10.304 8.148   -7.327  1.00 5.28  ? 74  THR B O   1 
ATOM   1231 C CB  . THR B 1 74 ? -10.642 8.129   -10.403 1.00 5.66  ? 74  THR B CB  1 
ATOM   1232 O OG1 . THR B 1 74 ? -10.733 8.774   -11.678 1.00 5.70  ? 74  THR B OG1 1 
ATOM   1233 C CG2 . THR B 1 74 ? -11.371 6.784   -10.473 1.00 4.91  ? 74  THR B CG2 1 
ATOM   1234 N N   . VAL B 1 75 ? -12.555 8.003   -7.581  1.00 5.53  ? 75  VAL B N   1 
ATOM   1235 C CA  . VAL B 1 75 ? -12.764 7.139   -6.426  1.00 5.34  ? 75  VAL B CA  1 
ATOM   1236 C C   . VAL B 1 75 ? -13.393 5.821   -6.891  1.00 5.66  ? 75  VAL B C   1 
ATOM   1237 O O   . VAL B 1 75 ? -14.315 5.816   -7.714  1.00 5.86  ? 75  VAL B O   1 
ATOM   1238 C CB  . VAL B 1 75 ? -13.635 7.829   -5.347  1.00 5.59  ? 75  VAL B CB  1 
ATOM   1239 C CG1 . VAL B 1 75 ? -14.099 6.819   -4.286  1.00 6.41  ? 75  VAL B CG1 1 
ATOM   1240 C CG2 . VAL B 1 75 ? -12.886 9.006   -4.682  1.00 4.15  ? 75  VAL B CG2 1 
ATOM   1241 N N   . LEU B 1 76 ? -12.883 4.700   -6.386  1.00 5.50  ? 76  LEU B N   1 
ATOM   1242 C CA  . LEU B 1 76 ? -13.452 3.400   -6.727  1.00 5.74  ? 76  LEU B CA  1 
ATOM   1243 C C   . LEU B 1 76 ? -14.275 2.814   -5.585  1.00 5.91  ? 76  LEU B C   1 
ATOM   1244 O O   . LEU B 1 76 ? -13.901 2.927   -4.417  1.00 5.93  ? 76  LEU B O   1 
ATOM   1245 C CB  . LEU B 1 76 ? -12.363 2.416   -7.165  1.00 5.84  ? 76  LEU B CB  1 
ATOM   1246 C CG  . LEU B 1 76 ? -11.401 2.889   -8.263  1.00 5.66  ? 76  LEU B CG  1 
ATOM   1247 C CD1 . LEU B 1 76 ? -10.315 1.855   -8.524  1.00 6.26  ? 76  LEU B CD1 1 
ATOM   1248 C CD2 . LEU B 1 76 ? -12.125 3.222   -9.550  1.00 5.13  ? 76  LEU B CD2 1 
ATOM   1249 N N   . VAL B 1 77 ? -15.390 2.179   -5.936  1.00 6.17  ? 77  VAL B N   1 
ATOM   1250 C CA  . VAL B 1 77 ? -16.315 1.618   -4.947  1.00 6.52  ? 77  VAL B CA  1 
ATOM   1251 C C   . VAL B 1 77 ? -16.520 0.113   -5.154  1.00 7.20  ? 77  VAL B C   1 
ATOM   1252 O O   . VAL B 1 77 ? -17.066 -0.326  -6.178  1.00 8.10  ? 77  VAL B O   1 
ATOM   1253 C CB  . VAL B 1 77 ? -17.671 2.365   -4.958  1.00 5.93  ? 77  VAL B CB  1 
ATOM   1254 C CG1 . VAL B 1 77 ? -18.630 1.753   -3.964  1.00 6.15  ? 77  VAL B CG1 1 
ATOM   1255 C CG2 . VAL B 1 77 ? -17.467 3.823   -4.617  1.00 5.64  ? 77  VAL B CG2 1 
ATOM   1256 N N   . GLY B 1 78 ? -16.079 -0.684  -4.187  1.00 7.37  ? 78  GLY B N   1 
ATOM   1257 C CA  . GLY B 1 78 ? -16.193 -2.133  -4.319  1.00 7.79  ? 78  GLY B CA  1 
ATOM   1258 C C   . GLY B 1 78 ? -15.704 -2.925  -3.123  1.00 8.13  ? 78  GLY B C   1 
ATOM   1259 O O   . GLY B 1 78 ? -15.353 -2.344  -2.089  1.00 8.05  ? 78  GLY B O   1 
ATOM   1260 N N   . PRO B 1 79 ? -15.646 -4.261  -3.264  1.00 8.28  ? 79  PRO B N   1 
ATOM   1261 C CA  . PRO B 1 79 ? -15.348 -5.083  -2.101  1.00 8.45  ? 79  PRO B CA  1 
ATOM   1262 C C   . PRO B 1 79 ? -13.853 -5.078  -1.828  1.00 8.43  ? 79  PRO B C   1 
ATOM   1263 O O   . PRO B 1 79 ? -13.140 -5.971  -2.282  1.00 8.68  ? 79  PRO B O   1 
ATOM   1264 C CB  . PRO B 1 79 ? -15.845 -6.476  -2.509  1.00 8.49  ? 79  PRO B CB  1 
ATOM   1265 C CG  . PRO B 1 79 ? -15.774 -6.485  -4.002  1.00 8.54  ? 79  PRO B CG  1 
ATOM   1266 C CD  . PRO B 1 79 ? -15.798 -5.060  -4.493  1.00 8.14  ? 79  PRO B CD  1 
ATOM   1267 N N   . THR B 1 80 ? -13.398 -4.040  -1.128  1.00 8.53  ? 80  THR B N   1 
ATOM   1268 C CA  . THR B 1 80 ? -12.023 -3.921  -0.639  1.00 8.04  ? 80  THR B CA  1 
ATOM   1269 C C   . THR B 1 80 ? -12.059 -4.039  0.881   1.00 7.68  ? 80  THR B C   1 
ATOM   1270 O O   . THR B 1 80 ? -12.845 -3.338  1.529   1.00 8.09  ? 80  THR B O   1 
ATOM   1271 C CB  . THR B 1 80 ? -11.393 -2.557  -1.009  1.00 8.03  ? 80  THR B CB  1 
ATOM   1272 O OG1 . THR B 1 80 ? -10.147 -2.400  -0.312  1.00 8.07  ? 80  THR B OG1 1 
ATOM   1273 C CG2 . THR B 1 80 ? -12.317 -1.411  -0.620  1.00 7.46  ? 80  THR B CG2 1 
ATOM   1274 N N   . PRO B 1 81 ? -11.213 -4.913  1.457   1.00 7.12  ? 81  PRO B N   1 
ATOM   1275 C CA  . PRO B 1 81 ? -11.260 -5.186  2.901   1.00 6.69  ? 81  PRO B CA  1 
ATOM   1276 C C   . PRO B 1 81 ? -11.166 -3.922  3.752   1.00 6.56  ? 81  PRO B C   1 
ATOM   1277 O O   . PRO B 1 81 ? -11.816 -3.850  4.791   1.00 6.91  ? 81  PRO B O   1 
ATOM   1278 C CB  . PRO B 1 81 ? -10.040 -6.078  3.146   1.00 6.34  ? 81  PRO B CB  1 
ATOM   1279 C CG  . PRO B 1 81 ? -9.670  -6.628  1.837   1.00 6.50  ? 81  PRO B CG  1 
ATOM   1280 C CD  . PRO B 1 81 ? -10.163 -5.688  0.773   1.00 7.00  ? 81  PRO B CD  1 
ATOM   1281 N N   . VAL B 1 82 ? -10.378 -2.944  3.299   1.00 6.28  ? 82  VAL B N   1 
ATOM   1282 C CA  . VAL B 1 82 ? -10.146 -1.682  4.010   1.00 6.13  ? 82  VAL B CA  1 
ATOM   1283 C C   . VAL B 1 82 ? -10.103 -0.520  3.011   1.00 5.97  ? 82  VAL B C   1 
ATOM   1284 O O   . VAL B 1 82 ? -9.532  -0.661  1.924   1.00 5.72  ? 82  VAL B O   1 
ATOM   1285 C CB  . VAL B 1 82 ? -8.800  -1.721  4.765   1.00 6.28  ? 82  VAL B CB  1 
ATOM   1286 C CG1 . VAL B 1 82 ? -8.307  -0.308  5.096   1.00 6.59  ? 82  VAL B CG1 1 
ATOM   1287 C CG2 . VAL B 1 82 ? -8.912  -2.576  6.019   1.00 6.61  ? 82  VAL B CG2 1 
ATOM   1288 N N   . ASN B 1 83 ? -10.704 0.617   3.374   1.00 5.51  ? 83  ASN B N   1 
ATOM   1289 C CA  . ASN B 1 83 ? -10.689 1.807   2.515   1.00 4.78  ? 83  ASN B CA  1 
ATOM   1290 C C   . ASN B 1 83 ? -9.261  2.311   2.349   1.00 4.91  ? 83  ASN B C   1 
ATOM   1291 O O   . ASN B 1 83 ? -8.526  2.437   3.335   1.00 5.14  ? 83  ASN B O   1 
ATOM   1292 C CB  . ASN B 1 83 ? -11.541 2.922   3.112   1.00 4.47  ? 83  ASN B CB  1 
ATOM   1293 C CG  . ASN B 1 83 ? -12.966 2.497   3.382   1.00 4.19  ? 83  ASN B CG  1 
ATOM   1294 O OD1 . ASN B 1 83 ? -13.539 1.699   2.634   1.00 5.17  ? 83  ASN B OD1 1 
ATOM   1295 N ND2 . ASN B 1 83 ? -13.560 3.050   4.436   1.00 2.00  ? 83  ASN B ND2 1 
ATOM   1296 N N   . ILE B 1 84 ? -8.845  2.592   1.123   1.00 4.37  ? 84  ILE B N   1 
ATOM   1297 C CA  . ILE B 1 84 ? -7.479  3.060   0.890   1.00 3.87  ? 84  ILE B CA  1 
ATOM   1298 C C   . ILE B 1 84 ? -7.444  4.370   0.107   1.00 3.25  ? 84  ILE B C   1 
ATOM   1299 O O   . ILE B 1 84 ? -8.227  4.575   -0.823  1.00 3.09  ? 84  ILE B O   1 
ATOM   1300 C CB  . ILE B 1 84 ? -6.575  1.974   0.239   1.00 3.94  ? 84  ILE B CB  1 
ATOM   1301 C CG1 . ILE B 1 84 ? -6.988  1.689   -1.209  1.00 5.56  ? 84  ILE B CG1 1 
ATOM   1302 C CG2 . ILE B 1 84 ? -6.586  0.671   1.058   1.00 3.50  ? 84  ILE B CG2 1 
ATOM   1303 C CD1 . ILE B 1 84 ? -6.246  0.478   -1.832  1.00 6.64  ? 84  ILE B CD1 1 
ATOM   1304 N N   . ILE B 1 85 ? -6.591  5.276   0.504   1.00 2.62  ? 85  ILE B N   1 
ATOM   1305 C CA  . ILE B 1 85 ? -6.293  6.478   -0.266  1.00 2.00  ? 85  ILE B CA  1 
ATOM   1306 C C   . ILE B 1 85 ? -5.042  6.175   -1.078  1.00 2.00  ? 85  ILE B C   1 
ATOM   1307 O O   . ILE B 1 85 ? -3.959  5.982   -0.525  1.00 2.00  ? 85  ILE B O   1 
ATOM   1308 C CB  . ILE B 1 85 ? -6.039  7.708   0.644   1.00 2.00  ? 85  ILE B CB  1 
ATOM   1309 C CG1 . ILE B 1 85 ? -7.154  7.856   1.687   1.00 2.23  ? 85  ILE B CG1 1 
ATOM   1310 C CG2 . ILE B 1 85 ? -5.847  8.978   -0.186  1.00 2.00  ? 85  ILE B CG2 1 
ATOM   1311 C CD1 . ILE B 1 85 ? -8.541  8.069   1.123   1.00 3.86  ? 85  ILE B CD1 1 
ATOM   1312 N N   . GLY B 1 86 ? -5.202  6.106   -2.392  1.00 2.00  ? 86  GLY B N   1 
ATOM   1313 C CA  . GLY B 1 86 ? -4.080  5.803   -3.265  1.00 2.00  ? 86  GLY B CA  1 
ATOM   1314 C C   . GLY B 1 86 ? -3.374  7.057   -3.737  1.00 2.80  ? 86  GLY B C   1 
ATOM   1315 O O   . GLY B 1 86 ? -3.712  8.180   -3.351  1.00 2.09  ? 86  GLY B O   1 
ATOM   1316 N N   . ARG B 1 87 ? -2.392  6.847   -4.605  1.00 3.78  ? 87  ARG B N   1 
ATOM   1317 C CA  . ARG B 1 87 ? -1.527  7.915   -5.085  1.00 4.57  ? 87  ARG B CA  1 
ATOM   1318 C C   . ARG B 1 87 ? -2.217  8.992   -5.943  1.00 5.34  ? 87  ARG B C   1 
ATOM   1319 O O   . ARG B 1 87 ? -1.728  10.131  -6.003  1.00 5.45  ? 87  ARG B O   1 
ATOM   1320 C CB  . ARG B 1 87 ? -0.317  7.317   -5.810  1.00 4.45  ? 87  ARG B CB  1 
ATOM   1321 C CG  . ARG B 1 87 ? 0.592   6.472   -4.913  1.00 4.47  ? 87  ARG B CG  1 
ATOM   1322 C CD  . ARG B 1 87 ? 1.873   6.064   -5.644  1.00 4.42  ? 87  ARG B CD  1 
ATOM   1323 N NE  . ARG B 1 87 ? 1.590   5.198   -6.792  1.00 3.97  ? 87  ARG B NE  1 
ATOM   1324 C CZ  . ARG B 1 87 ? 1.558   5.608   -8.056  1.00 2.00  ? 87  ARG B CZ  1 
ATOM   1325 N NH1 . ARG B 1 87 ? 1.808   6.877   -8.362  1.00 2.00  ? 87  ARG B NH1 1 
ATOM   1326 N NH2 . ARG B 1 87 ? 1.287   4.738   -9.021  1.00 2.00  ? 87  ARG B NH2 1 
ATOM   1327 N N   . ASN B 1 88 ? -3.332  8.663   -6.605  1.00 5.30  ? 88  ASN B N   1 
ATOM   1328 C CA  . ASN B 1 88 ? -4.012  9.693   -7.399  1.00 5.61  ? 88  ASN B CA  1 
ATOM   1329 C C   . ASN B 1 88 ? -4.526  10.809  -6.501  1.00 5.62  ? 88  ASN B C   1 
ATOM   1330 O O   . ASN B 1 88 ? -4.512  11.985  -6.870  1.00 5.55  ? 88  ASN B O   1 
ATOM   1331 C CB  . ASN B 1 88 ? -5.126  9.125   -8.279  1.00 5.71  ? 88  ASN B CB  1 
ATOM   1332 C CG  . ASN B 1 88 ? -6.305  8.627   -7.478  1.00 7.79  ? 88  ASN B CG  1 
ATOM   1333 O OD1 . ASN B 1 88 ? -6.140  7.862   -6.530  1.00 12.54 ? 88  ASN B OD1 1 
ATOM   1334 N ND2 . ASN B 1 88 ? -7.506  9.050   -7.859  1.00 9.07  ? 88  ASN B ND2 1 
ATOM   1335 N N   . MET B 1 89 ? -4.953  10.442  -5.298  1.00 6.18  ? 89  MET B N   1 
ATOM   1336 C CA  . MET B 1 89 ? -5.323  11.442  -4.303  1.00 6.13  ? 89  MET B CA  1 
ATOM   1337 C C   . MET B 1 89 ? -4.123  11.960  -3.509  1.00 6.45  ? 89  MET B C   1 
ATOM   1338 O O   . MET B 1 89 ? -4.042  13.154  -3.229  1.00 6.92  ? 89  MET B O   1 
ATOM   1339 C CB  . MET B 1 89 ? -6.418  10.919  -3.385  1.00 5.44  ? 89  MET B CB  1 
ATOM   1340 C CG  . MET B 1 89 ? -7.699  10.620  -4.139  1.00 5.19  ? 89  MET B CG  1 
ATOM   1341 S SD  . MET B 1 89 ? -8.692  12.089  -4.471  1.00 5.12  ? 89  MET B SD  1 
ATOM   1342 C CE  . MET B 1 89 ? -10.041 11.329  -5.365  1.00 5.18  ? 89  MET B CE  1 
ATOM   1343 N N   . LEU B 1 90 ? -3.177  11.083  -3.183  1.00 6.81  ? 90  LEU B N   1 
ATOM   1344 C CA  . LEU B 1 90 ? -2.045  11.475  -2.343  1.00 6.98  ? 90  LEU B CA  1 
ATOM   1345 C C   . LEU B 1 90 ? -1.176  12.557  -2.999  1.00 7.60  ? 90  LEU B C   1 
ATOM   1346 O O   . LEU B 1 90 ? -0.715  13.488  -2.331  1.00 8.13  ? 90  LEU B O   1 
ATOM   1347 C CB  . LEU B 1 90 ? -1.211  10.253  -1.923  1.00 6.91  ? 90  LEU B CB  1 
ATOM   1348 C CG  . LEU B 1 90 ? -1.814  9.308   -0.875  1.00 5.98  ? 90  LEU B CG  1 
ATOM   1349 C CD1 . LEU B 1 90 ? -1.142  7.953   -0.923  1.00 3.26  ? 90  LEU B CD1 1 
ATOM   1350 C CD2 . LEU B 1 90 ? -1.746  9.911   0.533   1.00 4.60  ? 90  LEU B CD2 1 
ATOM   1351 N N   . THR B 1 91 ? -0.975  12.472  -4.310  1.00 7.82  ? 91  THR B N   1 
ATOM   1352 C CA  . THR B 1 91 ? -0.186  13.499  -4.977  1.00 8.07  ? 91  THR B CA  1 
ATOM   1353 C C   . THR B 1 91 ? -0.908  14.848  -4.921  1.00 8.76  ? 91  THR B C   1 
ATOM   1354 O O   . THR B 1 91 ? -0.270  15.902  -4.980  1.00 9.33  ? 91  THR B O   1 
ATOM   1355 C CB  . THR B 1 91 ? 0.154   13.125  -6.422  1.00 7.49  ? 91  THR B CB  1 
ATOM   1356 O OG1 . THR B 1 91 ? -1.051  12.865  -7.149  1.00 7.92  ? 91  THR B OG1 1 
ATOM   1357 C CG2 . THR B 1 91 ? 1.006   11.895  -6.441  1.00 7.30  ? 91  THR B CG2 1 
ATOM   1358 N N   . GLN B 1 92 ? -2.232  14.819  -4.790  1.00 9.11  ? 92  GLN B N   1 
ATOM   1359 C CA  . GLN B 1 92 ? -3.007  16.056  -4.669  1.00 9.35  ? 92  GLN B CA  1 
ATOM   1360 C C   . GLN B 1 92 ? -2.838  16.688  -3.302  1.00 9.38  ? 92  GLN B C   1 
ATOM   1361 O O   . GLN B 1 92 ? -2.961  17.895  -3.152  1.00 9.30  ? 92  GLN B O   1 
ATOM   1362 C CB  . GLN B 1 92 ? -4.483  15.807  -4.942  1.00 9.01  ? 92  GLN B CB  1 
ATOM   1363 C CG  . GLN B 1 92 ? -4.802  15.742  -6.411  1.00 10.01 ? 92  GLN B CG  1 
ATOM   1364 C CD  . GLN B 1 92 ? -6.266  15.500  -6.644  1.00 11.69 ? 92  GLN B CD  1 
ATOM   1365 O OE1 . GLN B 1 92 ? -7.090  16.420  -6.557  1.00 12.29 ? 92  GLN B OE1 1 
ATOM   1366 N NE2 . GLN B 1 92 ? -6.608  14.250  -6.931  1.00 12.26 ? 92  GLN B NE2 1 
ATOM   1367 N N   . LEU B 1 93 ? -2.550  15.866  -2.304  1.00 9.85  ? 93  LEU B N   1 
ATOM   1368 C CA  . LEU B 1 93 ? -2.318  16.380  -0.969  1.00 10.77 ? 93  LEU B CA  1 
ATOM   1369 C C   . LEU B 1 93 ? -0.864  16.828  -0.772  1.00 11.21 ? 93  LEU B C   1 
ATOM   1370 O O   . LEU B 1 93 ? -0.457  17.186  0.331   1.00 11.21 ? 93  LEU B O   1 
ATOM   1371 C CB  . LEU B 1 93 ? -2.735  15.336  0.077   1.00 10.69 ? 93  LEU B CB  1 
ATOM   1372 C CG  . LEU B 1 93 ? -4.196  14.860  0.049   1.00 10.65 ? 93  LEU B CG  1 
ATOM   1373 C CD1 . LEU B 1 93 ? -4.466  13.986  1.264   1.00 11.26 ? 93  LEU B CD1 1 
ATOM   1374 C CD2 . LEU B 1 93 ? -5.202  16.010  -0.016  1.00 9.55  ? 93  LEU B CD2 1 
ATOM   1375 N N   . GLY B 1 94 ? -0.087  16.820  -1.853  1.00 12.04 ? 94  GLY B N   1 
ATOM   1376 C CA  . GLY B 1 94 ? 1.342   17.118  -1.783  1.00 12.63 ? 94  GLY B CA  1 
ATOM   1377 C C   . GLY B 1 94 ? 2.017   16.172  -0.809  1.00 13.17 ? 94  GLY B C   1 
ATOM   1378 O O   . GLY B 1 94 ? 2.930   16.562  -0.091  1.00 13.47 ? 94  GLY B O   1 
ATOM   1379 N N   . CYS B 1 95 ? 1.550   14.928  -0.777  1.00 13.61 ? 95  CYS B N   1 
ATOM   1380 C CA  . CYS B 1 95 ? 2.028   13.931  0.175   1.00 13.95 ? 95  CYS B CA  1 
ATOM   1381 C C   . CYS B 1 95 ? 3.350   13.282  -0.255  1.00 14.07 ? 95  CYS B C   1 
ATOM   1382 O O   . CYS B 1 95 ? 3.489   12.874  -1.407  1.00 14.56 ? 95  CYS B O   1 
ATOM   1383 C CB  . CYS B 1 95 ? 0.950   12.868  0.381   1.00 13.82 ? 95  CYS B CB  1 
ATOM   1384 S SG  . CYS B 1 95 ? 1.437   11.517  1.458   1.00 15.24 ? 95  CYS B SG  1 
ATOM   1385 N N   . THR B 1 96 ? 4.311   13.196  0.666   1.00 13.97 ? 96  THR B N   1 
ATOM   1386 C CA  . THR B 1 96 ? 5.628   12.616  0.384   1.00 14.10 ? 96  THR B CA  1 
ATOM   1387 C C   . THR B 1 96 ? 6.031   11.497  1.339   1.00 14.64 ? 96  THR B C   1 
ATOM   1388 O O   . THR B 1 96 ? 5.537   11.395  2.456   1.00 14.77 ? 96  THR B O   1 
ATOM   1389 C CB  . THR B 1 96 ? 6.773   13.654  0.472   1.00 14.09 ? 96  THR B CB  1 
ATOM   1390 O OG1 . THR B 1 96 ? 6.784   14.270  1.772   1.00 14.15 ? 96  THR B OG1 1 
ATOM   1391 C CG2 . THR B 1 96 ? 6.678   14.702  -0.619  1.00 12.86 ? 96  THR B CG2 1 
ATOM   1392 N N   . LEU B 1 97 ? 6.963   10.671  0.889   1.00 15.70 ? 97  LEU B N   1 
ATOM   1393 C CA  . LEU B 1 97 ? 7.646   9.725   1.754   1.00 16.70 ? 97  LEU B CA  1 
ATOM   1394 C C   . LEU B 1 97 ? 8.996   10.311  2.133   1.00 17.70 ? 97  LEU B C   1 
ATOM   1395 O O   . LEU B 1 97 ? 9.683   10.883  1.283   1.00 17.75 ? 97  LEU B O   1 
ATOM   1396 C CB  . LEU B 1 97 ? 7.864   8.408   1.020   1.00 16.15 ? 97  LEU B CB  1 
ATOM   1397 C CG  . LEU B 1 97 ? 6.756   7.380   1.156   1.00 15.78 ? 97  LEU B CG  1 
ATOM   1398 C CD1 . LEU B 1 97 ? 7.074   6.202   0.260   1.00 15.17 ? 97  LEU B CD1 1 
ATOM   1399 C CD2 . LEU B 1 97 ? 6.644   6.947   2.611   1.00 14.71 ? 97  LEU B CD2 1 
ATOM   1400 N N   . ASN B 1 98 ? 9.381   10.164  3.397   1.00 18.99 ? 98  ASN B N   1 
ATOM   1401 C CA  . ASN B 1 98 ? 10.655  10.702  3.861   1.00 20.74 ? 98  ASN B CA  1 
ATOM   1402 C C   . ASN B 1 98 ? 11.423  9.684   4.672   1.00 20.94 ? 98  ASN B C   1 
ATOM   1403 O O   . ASN B 1 98 ? 10.913  9.191   5.676   1.00 21.50 ? 98  ASN B O   1 
ATOM   1404 C CB  . ASN B 1 98 ? 10.431  11.974  4.682   1.00 21.27 ? 98  ASN B CB  1 
ATOM   1405 C CG  . ASN B 1 98 ? 9.517   12.957  3.972   1.00 23.81 ? 98  ASN B CG  1 
ATOM   1406 O OD1 . ASN B 1 98 ? 9.965   13.781  3.166   1.00 26.23 ? 98  ASN B OD1 1 
ATOM   1407 N ND2 . ASN B 1 98 ? 8.218   12.846  4.237   1.00 25.64 ? 98  ASN B ND2 1 
ATOM   1408 N N   . PHE B 1 99 ? 12.635  9.363   4.225   1.00 21.16 ? 99  PHE B N   1 
ATOM   1409 C CA  . PHE B 1 99 ? 13.534  8.506   4.993   1.00 21.49 ? 99  PHE B CA  1 
ATOM   1410 C C   . PHE B 1 99 ? 15.010  8.897   4.815   1.00 21.77 ? 99  PHE B C   1 
ATOM   1411 O O   . PHE B 1 99 ? 15.354  10.053  4.558   1.00 21.71 ? 99  PHE B O   1 
ATOM   1412 C CB  . PHE B 1 99 ? 13.272  7.012   4.720   1.00 21.58 ? 99  PHE B CB  1 
ATOM   1413 C CG  . PHE B 1 99 ? 13.507  6.586   3.295   1.00 22.02 ? 99  PHE B CG  1 
ATOM   1414 C CD1 . PHE B 1 99 ? 12.748  7.110   2.254   1.00 22.60 ? 99  PHE B CD1 1 
ATOM   1415 C CD2 . PHE B 1 99 ? 14.469  5.626   3.001   1.00 21.86 ? 99  PHE B CD2 1 
ATOM   1416 C CE1 . PHE B 1 99 ? 12.974  6.710   0.934   1.00 23.48 ? 99  PHE B CE1 1 
ATOM   1417 C CE2 . PHE B 1 99 ? 14.697  5.214   1.687   1.00 22.50 ? 99  PHE B CE2 1 
ATOM   1418 C CZ  . PHE B 1 99 ? 13.951  5.756   0.652   1.00 22.83 ? 99  PHE B CZ  1 
ATOM   1419 O OXT . PHE B 1 99 ? 15.919  8.078   4.943   1.00 22.24 ? 99  PHE B OXT 1 
ATOM   1420 N N   . GLY C 2 3  ? -3.117  -8.104  6.084   1.00 22.17 ? 3   GLY P N   1 
ATOM   1421 C CA  . GLY C 2 3  ? -3.169  -6.620  6.156   1.00 22.18 ? 3   GLY P CA  1 
ATOM   1422 C C   . GLY C 2 3  ? -2.106  -6.024  5.255   1.00 22.73 ? 3   GLY P C   1 
ATOM   1423 O O   . GLY C 2 3  ? -1.365  -5.131  5.665   1.00 23.06 ? 3   GLY P O   1 
ATOM   1424 N N   . ASN C 2 4  ? -2.022  -6.519  4.023   1.00 22.91 ? 4   ASN P N   1 
ATOM   1425 C CA  . ASN C 2 4  ? -1.092  -5.973  3.035   1.00 23.29 ? 4   ASN P CA  1 
ATOM   1426 C C   . ASN C 2 4  ? -1.833  -5.532  1.772   1.00 24.19 ? 4   ASN P C   1 
ATOM   1427 O O   . ASN C 2 4  ? -2.050  -6.323  0.854   1.00 24.53 ? 4   ASN P O   1 
ATOM   1428 C CB  . ASN C 2 4  ? 0.004   -6.996  2.702   1.00 22.87 ? 4   ASN P CB  1 
ATOM   1429 C CG  . ASN C 2 4  ? 0.831   -7.388  3.924   1.00 22.01 ? 4   ASN P CG  1 
ATOM   1430 O OD1 . ASN C 2 4  ? 1.315   -6.529  4.664   1.00 20.72 ? 4   ASN P OD1 1 
ATOM   1431 N ND2 . ASN C 2 4  ? 0.996   -8.692  4.137   1.00 20.11 ? 4   ASN P ND2 1 
ATOM   1432 N N   . PHE C 2 5  ? -2.234  -4.265  1.728   1.00 25.31 ? 5   PHE P N   1 
ATOM   1433 C CA  . PHE C 2 5  ? -3.092  -3.790  0.644   1.00 26.38 ? 5   PHE P CA  1 
ATOM   1434 C C   . PHE C 2 5  ? -2.353  -3.122  -0.515  1.00 26.65 ? 5   PHE P C   1 
ATOM   1435 O O   . PHE C 2 5  ? -2.525  -1.928  -0.772  1.00 26.89 ? 5   PHE P O   1 
ATOM   1436 C CB  . PHE C 2 5  ? -4.219  -2.895  1.177   1.00 26.72 ? 5   PHE P CB  1 
ATOM   1437 C CG  . PHE C 2 5  ? -4.993  -3.511  2.306   1.00 27.87 ? 5   PHE P CG  1 
ATOM   1438 C CD1 . PHE C 2 5  ? -6.032  -4.400  2.049   1.00 28.75 ? 5   PHE P CD1 1 
ATOM   1439 C CD2 . PHE C 2 5  ? -4.674  -3.213  3.628   1.00 29.29 ? 5   PHE P CD2 1 
ATOM   1440 C CE1 . PHE C 2 5  ? -6.743  -4.987  3.093   1.00 29.75 ? 5   PHE P CE1 1 
ATOM   1441 C CE2 . PHE C 2 5  ? -5.383  -3.795  4.683   1.00 31.07 ? 5   PHE P CE2 1 
ATOM   1442 C CZ  . PHE C 2 5  ? -6.420  -4.690  4.412   1.00 30.09 ? 5   PHE P CZ  1 
ATOM   1443 N N   . LEU C 2 6  ? -1.542  -3.898  -1.220  1.00 26.96 ? 6   LEU P N   1 
ATOM   1444 C CA  . LEU C 2 6  ? -1.109  -3.503  -2.546  1.00 27.45 ? 6   LEU P CA  1 
ATOM   1445 C C   . LEU C 2 6  ? -2.349  -3.304  -3.411  1.00 27.77 ? 6   LEU P C   1 
ATOM   1446 O O   . LEU C 2 6  ? -3.347  -3.994  -3.249  1.00 27.73 ? 6   LEU P O   1 
ATOM   1447 C CB  . LEU C 2 6  ? -0.230  -4.590  -3.169  1.00 27.44 ? 6   LEU P CB  1 
ATOM   1448 C CG  . LEU C 2 6  ? 0.007   -4.502  -4.682  1.00 27.32 ? 6   LEU P CG  1 
ATOM   1449 C CD1 . LEU C 2 6  ? 0.872   -3.312  -5.004  1.00 26.03 ? 6   LEU P CD1 1 
ATOM   1450 C CD2 . LEU C 2 6  ? 0.593   -5.780  -5.268  1.00 27.17 ? 6   LEU P CD2 1 
ATOM   1451 N N   . GLN C 2 7  ? -2.277  -2.363  -4.338  1.00 28.31 ? 7   GLN P N   1 
ATOM   1452 C CA  . GLN C 2 7  ? -3.332  -2.160  -5.306  1.00 29.28 ? 7   GLN P CA  1 
ATOM   1453 C C   . GLN C 2 7  ? -2.762  -1.535  -6.580  1.00 30.56 ? 7   GLN P C   1 
ATOM   1454 O O   . GLN C 2 7  ? -2.244  -0.428  -6.573  1.00 30.78 ? 7   GLN P O   1 
ATOM   1455 C CB  . GLN C 2 7  ? -4.437  -1.298  -4.701  1.00 28.99 ? 7   GLN P CB  1 
ATOM   1456 C CG  . GLN C 2 7  ? -5.670  -1.144  -5.556  1.00 27.75 ? 7   GLN P CG  1 
ATOM   1457 C CD  . GLN C 2 7  ? -5.562  -0.007  -6.523  1.00 26.02 ? 7   GLN P CD  1 
ATOM   1458 O OE1 . GLN C 2 7  ? -4.847  0.960   -6.285  1.00 25.45 ? 7   GLN P OE1 1 
ATOM   1459 N NE2 . GLN C 2 7  ? -6.271  -0.114  -7.627  1.00 25.39 ? 7   GLN P NE2 1 
ATOM   1460 N N   . SER C 2 8  ? -2.825  -2.274  -7.675  1.00 32.07 ? 8   SER P N   1 
ATOM   1461 C CA  . SER C 2 8  ? -2.483  -1.726  -8.963  1.00 33.85 ? 8   SER P CA  1 
ATOM   1462 C C   . SER C 2 8  ? -3.727  -1.953  -9.803  1.00 35.57 ? 8   SER P C   1 
ATOM   1463 O O   . SER C 2 8  ? -4.649  -2.658  -9.395  1.00 36.10 ? 8   SER P O   1 
ATOM   1464 C CB  . SER C 2 8  ? -1.286  -2.468  -9.558  1.00 33.68 ? 8   SER P CB  1 
ATOM   1465 O OG  . SER C 2 8  ? -0.475  -1.617  -10.348 1.00 33.39 ? 8   SER P OG  1 
ATOM   1466 N N   . ARG C 2 9  ? -3.778  -1.343  -10.971 1.00 37.22 ? 9   ARG P N   1 
ATOM   1467 C CA  . ARG C 2 9  ? -4.785  -1.704  -11.935 1.00 38.61 ? 9   ARG P CA  1 
ATOM   1468 C C   . ARG C 2 9  ? -4.036  -2.257  -13.136 1.00 40.02 ? 9   ARG P C   1 
ATOM   1469 O O   . ARG C 2 9  ? -3.378  -1.511  -13.863 1.00 40.72 ? 9   ARG P O   1 
ATOM   1470 C CB  . ARG C 2 9  ? -5.605  -0.496  -12.319 1.00 38.49 ? 9   ARG P CB  1 
ATOM   1471 N N   . PRO C 2 10 ? -4.029  -3.581  -13.280 1.00 40.73 ? 10  PRO P N   1 
ATOM   1472 C CA  . PRO C 2 10 ? -3.823  -4.256  -14.549 1.00 41.26 ? 10  PRO P CA  1 
ATOM   1473 C C   . PRO C 2 10 ? -5.104  -4.974  -14.994 1.00 41.88 ? 10  PRO P C   1 
ATOM   1474 O O   . PRO C 2 10 ? -6.151  -4.914  -14.329 1.00 41.83 ? 10  PRO P O   1 
ATOM   1475 C CB  . PRO C 2 10 ? -2.739  -5.276  -14.159 1.00 41.41 ? 10  PRO P CB  1 
ATOM   1476 C CG  . PRO C 2 10 ? -2.830  -5.435  -12.713 1.00 41.81 ? 10  PRO P CG  1 
ATOM   1477 C CD  . PRO C 2 10 ? -3.926  -4.551  -12.184 1.00 41.01 ? 10  PRO P CD  1 
ATOM   1478 O OXT . PRO C 2 10 ? -5.130  -5.634  -16.039 1.00 42.32 ? 10  PRO P OXT 1 
HETATM 1479 O O   . HOH D 3 .  ? 9.688   -7.438  12.069  1.00 2.00  ? 100 HOH A O   1 
HETATM 1480 O O   . HOH D 3 .  ? -0.220  -0.378  7.011   1.00 2.00  ? 102 HOH A O   1 
HETATM 1481 O O   . HOH D 3 .  ? -1.861  -2.389  6.349   1.00 2.00  ? 103 HOH A O   1 
HETATM 1482 O O   . HOH D 3 .  ? 11.502  -10.831 -14.463 1.00 5.96  ? 104 HOH A O   1 
HETATM 1483 O O   . HOH D 3 .  ? 20.601  -10.378 -8.178  1.00 2.00  ? 105 HOH A O   1 
HETATM 1484 O O   . HOH E 3 .  ? -18.280 15.122  -5.069  1.00 2.00  ? 101 HOH B O   1 
HETATM 1485 O O   . HOH E 3 .  ? -7.441  10.915  -10.644 1.00 2.00  ? 102 HOH B O   1 
HETATM 1486 O O   . HOH E 3 .  ? -9.229  5.779   -7.838  1.00 2.00  ? 103 HOH B O   1 
HETATM 1487 O O   . HOH E 3 .  ? 3.293   13.341  -4.049  1.00 2.00  ? 104 HOH B O   1 
HETATM 1488 O O   . HOH E 3 .  ? -23.390 6.499   7.996   1.00 2.00  ? 105 HOH B O   1 
HETATM 1489 O O   . HOH E 3 .  ? -10.605 -11.926 -11.131 1.00 10.01 ? 106 HOH B O   1 
HETATM 1490 O O   . HOH E 3 .  ? -16.284 15.607  0.755   1.00 10.39 ? 107 HOH B O   1 
HETATM 1491 O O   . HOH E 3 .  ? -12.203 0.964   6.186   1.00 5.36  ? 108 HOH B O   1 
HETATM 1492 O O   . HOH E 3 .  ? -0.277  16.446  -12.053 1.00 2.00  ? 109 HOH B O   1 
HETATM 1493 O O   . HOH E 3 .  ? -2.263  6.668   -9.691  1.00 4.11  ? 110 HOH B O   1 
HETATM 1494 O O   . HOH F 3 .  ? -3.432  -5.954  -1.811  1.00 8.62  ? 16  HOH P O   1 
# 
